data_4MOL
#
_entry.id   4MOL
#
_cell.length_a   100.291
_cell.length_b   102.476
_cell.length_c   137.423
_cell.angle_alpha   90.00
_cell.angle_beta   91.02
_cell.angle_gamma   90.00
#
_symmetry.space_group_name_H-M   'P 1 21 1'
#
loop_
_entity.id
_entity.type
_entity.pdbx_description
1 polymer 'Pyranose 2-oxidase'
2 non-polymer 'FLAVIN-ADENINE DINUCLEOTIDE'
3 non-polymer 2-deoxy-2-fluoro-beta-D-galactopyranose
4 non-polymer 'DODECAETHYLENE GLYCOL'
5 non-polymer '2-(N-MORPHOLINO)-ETHANESULFONIC ACID'
6 water water
#
_entity_poly.entity_id   1
_entity_poly.type   'polypeptide(L)'
_entity_poly.pdbx_seq_one_letter_code
;MATSSSDPFFNFAKSSFRSAAAQKASASSLPPLPGPDKKVPGMDIKYDVVIVGSGPIGCTYARELVGAGYKVAMFDIGEI
DSGLKIGAHKKNTVEYQKNIDKFVNVIQGQLMSVSVPVNTLVVDTLSPTSWQASTFFVRNGSNPEQDPLRNLSGQAVTRV
VGGMSTAWTCATPRFDREQRPLLVKDDADADDAEWDRLYTKAESYFQTGTDQFKESIRHNLVLNKLTEEYKGQRDFQQIP
LAATRRSPTFVEWSSANTVFDLQNRPNTDAPEERFNLFPAVACERVVRNALNSEIESLHIHDLISGDRFEIKADVYVLTA
GAVHNTQLLVNSGFGQLGRPNPANPPELLPSLGSYITEQSLVFCQTVMSTELIDSVKSDMTIRGTPGELTYSVTYTPGAS
TNKHPDWWNEKVKNHMMQHQEDPLPIPFEDPEPQVTTLFQPSHPWHTQIHRDAFSYGAVQQSIDSRLIVDWRFFGRTEPK
EENKLWFSDKITDAYNMPQPTFDFRFPAGRTSKEAEDMMTDMCVMSAKIGGFLPGSLPQFMEPGLVLHLGGTHRMGFDEK
EDNCCVNTDSRVFGFKNLFLGGCGNIPTAYGANPTLTAMSLAIKSCEYIKQNFTPSPFTSEAAAALEHHHHHH
;
_entity_poly.pdbx_strand_id   A,B,C,D
#
loop_
_chem_comp.id
_chem_comp.type
_chem_comp.name
_chem_comp.formula
12P non-polymer 'DODECAETHYLENE GLYCOL' 'C24 H50 O13'
2FG D-saccharide, beta linking 2-deoxy-2-fluoro-beta-D-galactopyranose 'C6 H11 F O5'
FAD non-polymer 'FLAVIN-ADENINE DINUCLEOTIDE' 'C27 H33 N9 O15 P2'
MES non-polymer '2-(N-MORPHOLINO)-ETHANESULFONIC ACID' 'C6 H13 N O4 S'
#
# COMPACT_ATOMS: atom_id res chain seq x y z
N LYS A 46 0.16 -20.20 -52.04
CA LYS A 46 1.37 -19.53 -52.70
C LYS A 46 1.22 -18.02 -52.97
N TYR A 47 2.15 -17.22 -52.48
CA TYR A 47 2.04 -15.76 -52.56
C TYR A 47 3.36 -15.18 -53.09
N ASP A 48 3.34 -13.92 -53.50
CA ASP A 48 4.62 -13.27 -53.86
C ASP A 48 5.38 -12.95 -52.61
N VAL A 49 4.66 -12.35 -51.64
CA VAL A 49 5.29 -11.86 -50.38
C VAL A 49 4.45 -12.35 -49.21
N VAL A 50 5.08 -12.91 -48.22
CA VAL A 50 4.38 -13.15 -46.93
C VAL A 50 5.00 -12.29 -45.84
N ILE A 51 4.13 -11.71 -45.04
CA ILE A 51 4.54 -10.86 -43.97
C ILE A 51 4.02 -11.46 -42.65
N VAL A 52 4.93 -11.69 -41.73
CA VAL A 52 4.55 -12.11 -40.39
C VAL A 52 4.45 -10.88 -39.48
N GLY A 53 3.25 -10.59 -38.95
CA GLY A 53 3.00 -9.42 -38.07
C GLY A 53 2.23 -8.31 -38.80
N SER A 54 1.21 -7.77 -38.15
CA SER A 54 0.41 -6.69 -38.72
C SER A 54 0.52 -5.43 -37.89
N GLY A 55 1.68 -5.25 -37.21
CA GLY A 55 1.97 -3.95 -36.60
C GLY A 55 2.23 -2.91 -37.69
N PRO A 56 2.62 -1.70 -37.29
CA PRO A 56 2.90 -0.66 -38.21
C PRO A 56 4.05 -0.96 -39.14
N ILE A 57 4.99 -1.82 -38.76
CA ILE A 57 6.12 -2.10 -39.66
C ILE A 57 5.68 -3.12 -40.73
N GLY A 58 4.90 -4.11 -40.37
CA GLY A 58 4.39 -5.04 -41.40
C GLY A 58 3.45 -4.37 -42.33
N CYS A 59 2.67 -3.47 -41.77
CA CYS A 59 1.84 -2.62 -42.59
C CYS A 59 2.62 -1.68 -43.53
N THR A 60 3.84 -1.29 -43.19
CA THR A 60 4.63 -0.49 -44.09
C THR A 60 5.01 -1.34 -45.33
N TYR A 61 5.47 -2.58 -45.06
CA TYR A 61 5.77 -3.55 -46.13
C TYR A 61 4.52 -3.79 -46.99
N ALA A 62 3.36 -3.95 -46.36
CA ALA A 62 2.12 -4.13 -47.06
C ALA A 62 1.82 -2.97 -47.95
N ARG A 63 1.84 -1.77 -47.39
CA ARG A 63 1.47 -0.62 -48.17
C ARG A 63 2.38 -0.48 -49.40
N GLU A 64 3.68 -0.64 -49.22
CA GLU A 64 4.64 -0.52 -50.34
C GLU A 64 4.41 -1.63 -51.36
N LEU A 65 4.28 -2.89 -50.91
CA LEU A 65 4.38 -4.03 -51.79
C LEU A 65 3.02 -4.34 -52.41
N VAL A 66 1.95 -4.21 -51.63
CA VAL A 66 0.59 -4.30 -52.21
C VAL A 66 0.37 -3.21 -53.28
N GLY A 67 0.79 -2.00 -52.94
CA GLY A 67 0.86 -0.85 -53.85
C GLY A 67 1.58 -1.08 -55.19
N ALA A 68 2.74 -1.73 -55.15
CA ALA A 68 3.53 -2.04 -56.35
C ALA A 68 3.03 -3.30 -57.04
N GLY A 69 1.92 -3.90 -56.60
CA GLY A 69 1.31 -5.00 -57.35
C GLY A 69 1.68 -6.43 -56.99
N TYR A 70 2.41 -6.64 -55.88
CA TYR A 70 2.71 -8.02 -55.42
C TYR A 70 1.50 -8.66 -54.79
N LYS A 71 1.42 -9.98 -54.91
CA LYS A 71 0.41 -10.76 -54.19
C LYS A 71 0.90 -11.00 -52.76
N VAL A 72 0.24 -10.39 -51.78
CA VAL A 72 0.73 -10.36 -50.41
C VAL A 72 -0.21 -11.10 -49.45
N ALA A 73 0.35 -11.86 -48.51
CA ALA A 73 -0.41 -12.43 -47.41
C ALA A 73 0.28 -11.94 -46.16
N MET A 74 -0.51 -11.63 -45.15
CA MET A 74 -0.03 -11.25 -43.85
C MET A 74 -0.67 -12.12 -42.84
N PHE A 75 0.14 -12.65 -41.93
CA PHE A 75 -0.32 -13.49 -40.85
C PHE A 75 -0.08 -12.75 -39.54
N ASP A 76 -1.04 -12.84 -38.67
CA ASP A 76 -0.86 -12.35 -37.30
C ASP A 76 -1.45 -13.36 -36.30
N ILE A 77 -0.74 -13.57 -35.22
CA ILE A 77 -1.06 -14.48 -34.20
C ILE A 77 -2.23 -13.98 -33.39
N GLY A 78 -2.44 -12.68 -33.39
CA GLY A 78 -3.59 -12.04 -32.69
C GLY A 78 -4.81 -11.85 -33.58
N GLU A 79 -5.83 -11.20 -33.04
CA GLU A 79 -7.10 -11.07 -33.70
C GLU A 79 -7.49 -9.66 -33.91
N ILE A 80 -8.53 -9.44 -34.75
CA ILE A 80 -9.05 -8.13 -35.03
C ILE A 80 -9.83 -7.68 -33.78
N ASP A 81 -9.42 -6.60 -33.13
CA ASP A 81 -10.31 -5.99 -32.08
C ASP A 81 -10.11 -4.45 -31.88
N SER A 82 -10.05 -3.69 -32.97
CA SER A 82 -10.21 -2.21 -32.85
C SER A 82 -11.52 -1.75 -33.55
N GLY A 83 -12.54 -2.62 -33.61
CA GLY A 83 -13.73 -2.31 -34.42
C GLY A 83 -13.59 -2.49 -35.94
N LEU A 84 -14.36 -1.73 -36.72
CA LEU A 84 -14.44 -1.97 -38.19
C LEU A 84 -13.25 -1.46 -38.95
N LYS A 85 -12.52 -0.51 -38.40
CA LYS A 85 -11.29 -0.11 -38.96
C LYS A 85 -10.19 -1.05 -38.41
N ILE A 86 -9.68 -1.93 -39.27
CA ILE A 86 -8.83 -3.01 -38.83
C ILE A 86 -7.47 -2.48 -38.43
N GLY A 87 -7.03 -2.88 -37.25
CA GLY A 87 -5.71 -2.48 -36.68
C GLY A 87 -5.64 -1.03 -36.25
N ALA A 88 -6.81 -0.42 -35.96
CA ALA A 88 -6.85 1.04 -35.69
C ALA A 88 -6.54 1.36 -34.20
N HIS A 89 -6.34 2.63 -33.83
CA HIS A 89 -5.96 2.93 -32.45
C HIS A 89 -7.20 2.79 -31.65
N LYS A 90 -7.09 2.07 -30.58
CA LYS A 90 -8.22 1.86 -29.66
C LYS A 90 -8.62 2.99 -28.80
N LYS A 91 -7.81 4.02 -28.79
CA LYS A 91 -8.11 5.27 -28.06
C LYS A 91 -9.05 6.18 -28.87
N ASN A 92 -9.34 5.84 -30.12
CA ASN A 92 -10.19 6.65 -31.01
C ASN A 92 -11.68 6.33 -30.81
N THR A 93 -12.08 6.25 -29.56
CA THR A 93 -13.48 6.31 -29.23
C THR A 93 -13.79 7.58 -28.47
N VAL A 94 -15.01 8.05 -28.67
CA VAL A 94 -15.46 9.18 -27.98
C VAL A 94 -15.41 8.93 -26.50
N GLU A 95 -15.82 7.73 -26.09
CA GLU A 95 -15.76 7.35 -24.69
C GLU A 95 -14.37 7.39 -24.04
N TYR A 96 -13.34 6.87 -24.70
CA TYR A 96 -12.03 6.91 -24.12
C TYR A 96 -11.48 8.31 -24.07
N GLN A 97 -11.84 9.16 -25.03
CA GLN A 97 -11.27 10.49 -25.03
C GLN A 97 -12.03 11.42 -24.09
N LYS A 98 -13.24 11.07 -23.72
CA LYS A 98 -13.92 11.70 -22.62
C LYS A 98 -13.54 11.16 -21.25
N ASN A 99 -12.84 10.00 -21.18
CA ASN A 99 -12.57 9.33 -19.91
C ASN A 99 -11.09 8.81 -19.99
N ILE A 100 -10.11 9.68 -20.21
CA ILE A 100 -8.80 9.24 -20.75
C ILE A 100 -8.00 8.48 -19.69
N ASP A 101 -8.27 8.77 -18.42
CA ASP A 101 -7.65 8.05 -17.36
C ASP A 101 -7.96 6.53 -17.41
N LYS A 102 -9.03 6.11 -18.12
CA LYS A 102 -9.36 4.66 -18.23
C LYS A 102 -8.55 3.94 -19.24
N PHE A 103 -7.93 4.63 -20.19
CA PHE A 103 -7.26 3.97 -21.28
C PHE A 103 -6.08 3.10 -20.83
N VAL A 104 -5.45 3.49 -19.71
CA VAL A 104 -4.34 2.68 -19.15
C VAL A 104 -4.71 1.20 -18.99
N ASN A 105 -5.98 0.92 -18.70
CA ASN A 105 -6.48 -0.43 -18.57
C ASN A 105 -6.45 -1.19 -19.90
N VAL A 106 -6.79 -0.52 -21.01
CA VAL A 106 -6.69 -1.13 -22.32
C VAL A 106 -5.26 -1.52 -22.60
N ILE A 107 -4.30 -0.63 -22.28
CA ILE A 107 -2.90 -0.91 -22.56
C ILE A 107 -2.48 -2.14 -21.70
N GLN A 108 -2.82 -2.12 -20.40
CA GLN A 108 -2.41 -3.18 -19.45
C GLN A 108 -3.00 -4.55 -19.83
N GLY A 109 -4.22 -4.53 -20.38
CA GLY A 109 -4.88 -5.74 -20.88
C GLY A 109 -4.11 -6.44 -21.97
N GLN A 110 -3.49 -5.68 -22.83
CA GLN A 110 -2.89 -6.31 -23.99
C GLN A 110 -1.40 -6.53 -23.88
N LEU A 111 -0.79 -6.09 -22.80
CA LEU A 111 0.67 -6.17 -22.64
C LEU A 111 0.97 -7.37 -21.80
N MET A 112 1.51 -8.41 -22.45
CA MET A 112 1.88 -9.68 -21.78
C MET A 112 3.42 -9.66 -21.48
N SER A 113 3.81 -9.82 -20.21
CA SER A 113 5.21 -9.69 -19.80
C SER A 113 6.03 -10.75 -20.52
N VAL A 114 7.19 -10.39 -21.00
CA VAL A 114 8.03 -11.30 -21.78
C VAL A 114 8.68 -12.41 -20.93
N SER A 115 9.22 -12.04 -19.77
CA SER A 115 9.91 -13.00 -18.93
C SER A 115 9.72 -12.62 -17.49
N VAL A 116 9.01 -13.49 -16.77
CA VAL A 116 8.69 -13.33 -15.38
C VAL A 116 9.50 -14.38 -14.58
N PRO A 117 10.42 -13.95 -13.73
CA PRO A 117 11.19 -14.90 -12.97
C PRO A 117 10.35 -15.63 -11.93
N VAL A 118 10.85 -16.73 -11.41
CA VAL A 118 10.13 -17.55 -10.42
C VAL A 118 9.88 -16.70 -9.19
N ASN A 119 8.66 -16.73 -8.69
CA ASN A 119 8.26 -15.91 -7.58
C ASN A 119 8.74 -16.52 -6.24
N THR A 120 9.36 -15.69 -5.40
CA THR A 120 9.91 -16.12 -4.12
C THR A 120 9.32 -15.31 -2.96
N LEU A 121 8.18 -14.67 -3.20
CA LEU A 121 7.46 -14.00 -2.13
C LEU A 121 7.00 -14.98 -1.08
N VAL A 122 7.24 -14.63 0.20
CA VAL A 122 6.87 -15.54 1.32
C VAL A 122 5.43 -15.25 1.76
N VAL A 123 4.57 -16.23 1.65
CA VAL A 123 3.20 -16.10 2.19
C VAL A 123 3.10 -17.13 3.31
N ASP A 124 3.14 -16.69 4.56
CA ASP A 124 3.24 -17.59 5.71
C ASP A 124 2.03 -17.42 6.66
N THR A 125 0.92 -16.87 6.14
CA THR A 125 -0.29 -16.74 6.88
C THR A 125 -1.45 -17.52 6.23
N LEU A 126 -1.12 -18.56 5.44
CA LEU A 126 -2.11 -19.51 4.97
C LEU A 126 -2.68 -20.25 6.15
N SER A 127 -3.94 -20.68 6.05
CA SER A 127 -4.41 -21.56 7.10
C SER A 127 -3.54 -22.84 7.10
N PRO A 128 -3.31 -23.47 8.29
CA PRO A 128 -2.67 -24.81 8.35
C PRO A 128 -3.35 -25.92 7.55
N THR A 129 -4.63 -25.78 7.19
CA THR A 129 -5.35 -26.74 6.27
C THR A 129 -5.11 -26.53 4.80
N SER A 130 -4.64 -25.34 4.39
CA SER A 130 -4.39 -25.09 3.00
C SER A 130 -3.10 -25.81 2.53
N TRP A 131 -3.15 -26.31 1.30
CA TRP A 131 -2.03 -26.90 0.65
C TRP A 131 -0.98 -25.85 0.46
N GLN A 132 0.26 -26.23 0.78
CA GLN A 132 1.43 -25.41 0.56
C GLN A 132 2.66 -26.10 0.14
N ALA A 133 3.42 -25.46 -0.73
CA ALA A 133 4.59 -26.09 -1.29
C ALA A 133 5.70 -25.88 -0.29
N SER A 134 6.73 -26.65 -0.49
CA SER A 134 7.93 -26.64 0.33
C SER A 134 8.99 -25.91 -0.36
N THR A 135 8.79 -25.61 -1.64
CA THR A 135 9.71 -24.81 -2.42
C THR A 135 8.97 -23.74 -3.24
N PHE A 136 9.73 -22.79 -3.71
CA PHE A 136 9.34 -21.86 -4.76
C PHE A 136 9.41 -22.47 -6.16
N PHE A 137 8.42 -23.30 -6.47
CA PHE A 137 8.41 -24.05 -7.68
C PHE A 137 7.89 -23.25 -8.91
N VAL A 138 8.11 -23.79 -10.11
CA VAL A 138 7.69 -23.11 -11.37
C VAL A 138 6.18 -23.13 -11.47
N ARG A 139 5.59 -21.96 -11.33
CA ARG A 139 4.16 -21.74 -11.09
C ARG A 139 3.74 -20.65 -12.04
N ASN A 140 2.50 -20.73 -12.51
CA ASN A 140 1.84 -19.53 -13.01
C ASN A 140 2.56 -18.90 -14.24
N GLY A 141 3.17 -19.73 -15.09
CA GLY A 141 3.86 -19.21 -16.27
C GLY A 141 5.25 -18.59 -16.06
N SER A 142 5.81 -18.67 -14.87
CA SER A 142 7.10 -18.05 -14.61
C SER A 142 8.21 -18.79 -15.36
N ASN A 143 9.34 -18.13 -15.53
CA ASN A 143 10.44 -18.58 -16.38
C ASN A 143 11.61 -18.91 -15.50
N PRO A 144 11.88 -20.21 -15.28
CA PRO A 144 12.99 -20.53 -14.39
C PRO A 144 14.33 -20.24 -14.95
N GLU A 145 14.44 -19.91 -16.21
CA GLU A 145 15.75 -19.51 -16.78
C GLU A 145 16.19 -18.11 -16.38
N GLN A 146 15.25 -17.29 -15.93
CA GLN A 146 15.47 -15.85 -15.82
C GLN A 146 16.04 -15.49 -14.45
N ASP A 147 17.21 -14.89 -14.51
CA ASP A 147 17.80 -14.25 -13.36
C ASP A 147 17.02 -13.00 -13.07
N PRO A 148 16.37 -12.90 -11.92
CA PRO A 148 15.50 -11.71 -11.66
C PRO A 148 16.28 -10.39 -11.55
N LEU A 149 17.60 -10.48 -11.35
CA LEU A 149 18.47 -9.31 -11.21
C LEU A 149 19.15 -8.87 -12.54
N ARG A 150 18.91 -9.64 -13.62
CA ARG A 150 19.45 -9.24 -14.94
C ARG A 150 18.35 -9.28 -16.01
N ASN A 151 17.20 -8.77 -15.65
CA ASN A 151 15.97 -8.85 -16.43
C ASN A 151 15.60 -7.47 -17.02
N LEU A 152 14.70 -7.50 -18.01
CA LEU A 152 13.90 -6.35 -18.38
C LEU A 152 12.51 -6.74 -17.92
N SER A 153 12.24 -6.62 -16.62
CA SER A 153 11.00 -7.06 -16.08
C SER A 153 9.82 -6.35 -16.72
N GLY A 154 10.01 -5.11 -17.13
CA GLY A 154 8.95 -4.38 -17.82
C GLY A 154 8.64 -4.69 -19.26
N GLN A 155 9.52 -5.44 -19.95
CA GLN A 155 9.31 -5.68 -21.34
C GLN A 155 8.04 -6.56 -21.44
N ALA A 156 7.27 -6.33 -22.49
CA ALA A 156 5.94 -6.99 -22.70
C ALA A 156 5.68 -6.91 -24.18
N VAL A 157 4.79 -7.78 -24.66
CA VAL A 157 4.46 -7.93 -26.07
C VAL A 157 2.94 -7.89 -26.16
N THR A 158 2.43 -7.47 -27.30
CA THR A 158 0.98 -7.40 -27.60
C THR A 158 0.67 -8.34 -28.76
N ARG A 159 -0.42 -9.14 -28.65
CA ARG A 159 -0.80 -10.00 -29.74
C ARG A 159 -2.21 -9.67 -30.18
N VAL A 160 -2.29 -8.75 -31.13
CA VAL A 160 -3.56 -8.20 -31.70
C VAL A 160 -3.25 -7.65 -33.03
N VAL A 161 -4.24 -7.66 -33.91
CA VAL A 161 -4.04 -7.06 -35.23
C VAL A 161 -3.76 -5.56 -35.12
N GLY A 162 -2.68 -5.08 -35.74
CA GLY A 162 -2.25 -3.73 -35.47
C GLY A 162 -1.13 -3.63 -34.51
N GLY A 163 -0.83 -4.74 -33.83
CA GLY A 163 0.24 -4.76 -32.85
C GLY A 163 0.12 -3.77 -31.68
N MET A 164 1.25 -3.24 -31.27
CA MET A 164 1.28 -2.20 -30.27
C MET A 164 0.74 -0.87 -30.77
N SER A 165 0.65 -0.64 -32.05
CA SER A 165 0.07 0.62 -32.58
C SER A 165 -1.41 0.76 -32.29
N THR A 166 -2.08 -0.31 -31.85
CA THR A 166 -3.43 -0.18 -31.32
C THR A 166 -3.50 0.61 -30.02
N ALA A 167 -2.36 0.88 -29.38
CA ALA A 167 -2.41 1.39 -28.03
C ALA A 167 -1.35 2.50 -27.84
N TRP A 168 -0.43 2.63 -28.77
CA TRP A 168 0.71 3.54 -28.56
C TRP A 168 0.41 5.01 -28.37
N THR A 169 1.43 5.69 -27.89
CA THR A 169 1.39 7.14 -27.67
C THR A 169 1.62 8.03 -28.87
N CYS A 170 2.08 7.48 -29.99
CA CYS A 170 2.14 8.15 -31.27
C CYS A 170 3.23 9.20 -31.43
N ALA A 171 4.19 9.25 -30.50
CA ALA A 171 5.31 10.14 -30.63
C ALA A 171 6.24 9.63 -31.72
N THR A 172 6.47 10.44 -32.75
CA THR A 172 7.31 10.04 -33.86
C THR A 172 8.38 11.04 -34.25
N PRO A 173 9.41 11.20 -33.41
CA PRO A 173 10.51 12.08 -33.71
C PRO A 173 11.46 11.40 -34.66
N ARG A 174 12.19 12.21 -35.42
CA ARG A 174 13.34 11.70 -36.22
C ARG A 174 14.50 11.54 -35.32
N PHE A 175 15.39 10.60 -35.63
CA PHE A 175 16.67 10.62 -34.99
C PHE A 175 17.63 11.62 -35.66
N ASP A 176 18.48 12.25 -34.86
CA ASP A 176 19.57 13.00 -35.41
C ASP A 176 20.77 12.06 -35.65
N ARG A 177 21.83 12.58 -36.25
CA ARG A 177 22.91 11.70 -36.75
C ARG A 177 23.50 10.89 -35.61
N GLU A 178 23.68 11.51 -34.46
CA GLU A 178 24.28 10.81 -33.33
C GLU A 178 23.53 9.54 -32.91
N GLN A 179 22.22 9.47 -33.14
CA GLN A 179 21.42 8.36 -32.66
C GLN A 179 21.17 7.30 -33.73
N ARG A 180 21.57 7.59 -34.95
CA ARG A 180 20.99 7.01 -36.14
C ARG A 180 22.02 6.15 -36.87
N PRO A 181 21.63 4.95 -37.32
CA PRO A 181 22.65 4.24 -38.10
C PRO A 181 22.90 4.87 -39.48
N LEU A 182 24.08 4.58 -40.00
CA LEU A 182 24.52 5.03 -41.30
C LEU A 182 23.89 4.17 -42.36
N LEU A 183 23.27 4.81 -43.35
CA LEU A 183 22.84 4.16 -44.59
C LEU A 183 23.83 4.37 -45.73
N VAL A 184 24.56 5.47 -45.72
CA VAL A 184 25.68 5.67 -46.64
C VAL A 184 26.93 6.07 -45.87
N LYS A 185 28.04 5.36 -46.05
CA LYS A 185 29.26 5.79 -45.38
C LYS A 185 30.13 6.74 -46.19
N ASP A 186 30.91 7.54 -45.49
CA ASP A 186 31.89 8.36 -46.17
C ASP A 186 31.21 9.50 -46.92
N ASP A 187 29.94 9.75 -46.65
CA ASP A 187 29.27 10.86 -47.33
C ASP A 187 28.05 11.29 -46.52
N ALA A 188 28.27 12.21 -45.60
CA ALA A 188 27.30 12.56 -44.58
C ALA A 188 26.11 13.33 -45.18
N ASP A 189 26.37 14.12 -46.23
CA ASP A 189 25.31 14.87 -46.92
C ASP A 189 24.41 13.88 -47.67
N ALA A 190 25.00 12.84 -48.26
CA ALA A 190 24.22 11.81 -48.92
C ALA A 190 23.40 10.97 -47.90
N ASP A 191 24.01 10.68 -46.74
CA ASP A 191 23.36 9.95 -45.65
C ASP A 191 22.18 10.78 -45.15
N ASP A 192 22.42 12.04 -44.83
CA ASP A 192 21.37 12.98 -44.43
C ASP A 192 20.27 13.05 -45.46
N ALA A 193 20.61 13.12 -46.76
CA ALA A 193 19.59 13.22 -47.82
C ALA A 193 18.68 11.99 -47.86
N GLU A 194 19.33 10.85 -47.82
CA GLU A 194 18.64 9.59 -47.78
C GLU A 194 17.67 9.41 -46.57
N TRP A 195 18.13 9.67 -45.36
CA TRP A 195 17.25 9.70 -44.16
C TRP A 195 16.10 10.70 -44.27
N ASP A 196 16.39 11.90 -44.78
CA ASP A 196 15.32 12.91 -44.92
C ASP A 196 14.23 12.37 -45.91
N ARG A 197 14.67 11.69 -46.97
CA ARG A 197 13.68 11.16 -47.94
C ARG A 197 12.86 10.07 -47.24
N LEU A 198 13.51 9.17 -46.51
CA LEU A 198 12.78 8.08 -45.87
C LEU A 198 11.89 8.56 -44.78
N TYR A 199 12.41 9.43 -43.91
CA TYR A 199 11.63 9.97 -42.81
C TYR A 199 10.39 10.74 -43.32
N THR A 200 10.52 11.49 -44.42
CA THR A 200 9.43 12.32 -44.93
C THR A 200 8.32 11.35 -45.38
N LYS A 201 8.74 10.27 -46.05
CA LYS A 201 7.81 9.24 -46.46
C LYS A 201 7.15 8.60 -45.27
N ALA A 202 7.93 8.20 -44.27
CA ALA A 202 7.41 7.53 -43.04
C ALA A 202 6.38 8.47 -42.35
N GLU A 203 6.76 9.74 -42.24
CA GLU A 203 5.86 10.77 -41.68
C GLU A 203 4.51 10.89 -42.47
N SER A 204 4.50 10.83 -43.82
CA SER A 204 3.22 10.83 -44.55
C SER A 204 2.41 9.56 -44.24
N TYR A 205 3.04 8.39 -44.13
CA TYR A 205 2.33 7.15 -43.80
C TYR A 205 1.66 7.26 -42.41
N PHE A 206 2.39 7.78 -41.43
CA PHE A 206 1.86 7.85 -40.08
C PHE A 206 0.97 9.10 -39.88
N GLN A 207 0.97 10.02 -40.83
CA GLN A 207 0.30 11.35 -40.66
C GLN A 207 0.90 12.17 -39.47
N THR A 208 2.22 12.13 -39.38
CA THR A 208 2.95 12.85 -38.35
C THR A 208 2.78 14.35 -38.51
N GLY A 209 2.53 15.06 -37.39
CA GLY A 209 2.44 16.53 -37.47
C GLY A 209 2.84 17.19 -36.15
N THR A 210 2.98 18.52 -36.14
CA THR A 210 3.40 19.22 -34.93
C THR A 210 2.47 20.41 -34.58
N ASP A 211 1.19 20.34 -35.03
CA ASP A 211 0.21 21.42 -34.98
C ASP A 211 -1.06 21.05 -34.19
N GLN A 212 -1.17 19.79 -33.79
CA GLN A 212 -2.46 19.27 -33.30
C GLN A 212 -2.80 19.85 -31.93
N PHE A 213 -1.80 20.32 -31.17
CA PHE A 213 -2.06 20.85 -29.79
C PHE A 213 -1.75 22.34 -29.71
N LYS A 214 -1.67 23.01 -30.86
CA LYS A 214 -1.23 24.36 -30.89
C LYS A 214 -2.16 25.37 -30.15
N GLU A 215 -3.45 25.09 -30.00
CA GLU A 215 -4.31 25.99 -29.20
C GLU A 215 -4.64 25.52 -27.80
N SER A 216 -3.88 24.61 -27.29
CA SER A 216 -4.07 24.26 -25.94
C SER A 216 -3.41 25.34 -25.03
N ILE A 217 -4.16 25.80 -24.02
CA ILE A 217 -3.56 26.70 -23.02
C ILE A 217 -2.45 25.97 -22.19
N ARG A 218 -2.70 24.75 -21.74
CA ARG A 218 -1.70 24.00 -20.89
C ARG A 218 -0.45 23.76 -21.65
N HIS A 219 -0.65 23.37 -22.90
CA HIS A 219 0.50 23.16 -23.83
C HIS A 219 1.35 24.41 -23.97
N ASN A 220 0.75 25.51 -24.42
CA ASN A 220 1.46 26.78 -24.58
C ASN A 220 2.06 27.36 -23.30
N LEU A 221 1.36 27.24 -22.17
CA LEU A 221 1.82 27.66 -20.87
C LEU A 221 3.15 26.99 -20.55
N VAL A 222 3.22 25.68 -20.76
CA VAL A 222 4.46 24.96 -20.46
C VAL A 222 5.52 25.32 -21.57
N LEU A 223 5.13 25.31 -22.84
CA LEU A 223 6.07 25.51 -23.94
C LEU A 223 6.71 26.85 -23.80
N ASN A 224 5.93 27.88 -23.52
CA ASN A 224 6.51 29.21 -23.47
C ASN A 224 7.39 29.37 -22.26
N LYS A 225 6.98 28.83 -21.13
CA LYS A 225 7.84 28.98 -19.93
C LYS A 225 9.23 28.32 -20.22
N LEU A 226 9.23 27.14 -20.81
CA LEU A 226 10.49 26.42 -20.97
C LEU A 226 11.30 27.16 -22.09
N THR A 227 10.62 27.66 -23.11
CA THR A 227 11.31 28.42 -24.14
C THR A 227 12.07 29.58 -23.54
N GLU A 228 11.37 30.37 -22.72
CA GLU A 228 11.95 31.53 -22.04
C GLU A 228 13.11 31.18 -21.09
N GLU A 229 12.88 30.22 -20.23
CA GLU A 229 13.88 29.81 -19.29
C GLU A 229 15.16 29.28 -19.91
N TYR A 230 15.10 28.62 -21.08
CA TYR A 230 16.29 28.06 -21.71
C TYR A 230 16.69 28.80 -23.00
N LYS A 231 16.30 30.07 -23.11
CA LYS A 231 16.48 30.87 -24.32
C LYS A 231 17.87 30.82 -24.80
N GLY A 232 18.08 30.23 -25.95
CA GLY A 232 19.43 30.16 -26.51
C GLY A 232 20.27 29.03 -25.92
N GLN A 233 19.63 28.09 -25.23
CA GLN A 233 20.40 26.98 -24.76
C GLN A 233 19.70 25.72 -25.27
N ARG A 234 18.37 25.70 -25.34
CA ARG A 234 17.63 24.54 -25.81
C ARG A 234 16.40 25.02 -26.48
N ASP A 235 15.97 24.25 -27.45
CA ASP A 235 14.77 24.61 -28.17
C ASP A 235 13.70 23.61 -27.83
N PHE A 236 12.47 24.12 -27.72
CA PHE A 236 11.30 23.30 -27.40
C PHE A 236 10.31 23.44 -28.54
N GLN A 237 9.52 22.38 -28.78
CA GLN A 237 8.47 22.36 -29.77
C GLN A 237 7.43 21.33 -29.34
N GLN A 238 6.39 21.23 -30.11
CA GLN A 238 5.42 20.13 -29.91
C GLN A 238 6.07 18.80 -30.23
N ILE A 239 5.86 17.78 -29.38
CA ILE A 239 6.26 16.38 -29.71
C ILE A 239 5.69 16.10 -31.13
N PRO A 240 6.52 15.65 -32.10
CA PRO A 240 5.83 15.28 -33.34
C PRO A 240 4.96 14.04 -33.08
N LEU A 241 3.70 14.10 -33.43
CA LEU A 241 2.73 13.10 -33.12
C LEU A 241 2.04 12.59 -34.40
N ALA A 242 1.84 11.27 -34.47
CA ALA A 242 1.17 10.65 -35.57
C ALA A 242 -0.33 10.73 -35.25
N ALA A 243 -1.01 11.75 -35.73
CA ALA A 243 -2.38 12.06 -35.29
C ALA A 243 -2.93 13.21 -36.12
N THR A 244 -4.24 13.22 -36.30
CA THR A 244 -4.97 14.26 -36.89
C THR A 244 -6.06 14.68 -35.95
N ARG A 245 -6.14 15.98 -35.70
CA ARG A 245 -7.21 16.51 -34.90
C ARG A 245 -8.53 16.51 -35.67
N ARG A 246 -9.59 15.99 -35.09
CA ARG A 246 -10.88 16.05 -35.77
C ARG A 246 -11.74 17.14 -35.24
N SER A 247 -11.57 17.48 -33.99
CA SER A 247 -12.41 18.49 -33.38
C SER A 247 -11.67 19.02 -32.17
N PRO A 248 -12.20 20.09 -31.59
CA PRO A 248 -11.51 20.60 -30.42
C PRO A 248 -11.41 19.61 -29.33
N THR A 249 -12.24 18.58 -29.25
CA THR A 249 -12.04 17.64 -28.13
C THR A 249 -11.78 16.18 -28.59
N PHE A 250 -11.38 15.98 -29.84
CA PHE A 250 -11.13 14.61 -30.35
C PHE A 250 -9.96 14.60 -31.33
N VAL A 251 -8.99 13.71 -31.08
CA VAL A 251 -7.84 13.52 -31.90
C VAL A 251 -7.93 12.09 -32.46
N GLU A 252 -7.82 11.93 -33.77
CA GLU A 252 -7.70 10.62 -34.37
C GLU A 252 -6.23 10.21 -34.37
N TRP A 253 -5.87 9.39 -33.39
CA TRP A 253 -4.51 8.84 -33.24
C TRP A 253 -4.25 7.83 -34.33
N SER A 254 -3.09 7.95 -34.93
CA SER A 254 -2.69 7.02 -35.99
C SER A 254 -2.27 5.66 -35.45
N SER A 255 -2.14 4.70 -36.36
CA SER A 255 -1.95 3.34 -36.02
C SER A 255 -1.54 2.64 -37.30
N ALA A 256 -1.37 1.33 -37.18
CA ALA A 256 -1.08 0.48 -38.33
C ALA A 256 -2.15 0.76 -39.41
N ASN A 257 -3.37 0.99 -38.97
CA ASN A 257 -4.49 1.12 -39.90
C ASN A 257 -4.28 2.33 -40.77
N THR A 258 -3.63 3.38 -40.20
CA THR A 258 -3.31 4.61 -40.92
C THR A 258 -2.35 4.32 -42.03
N VAL A 259 -1.31 3.49 -41.74
CA VAL A 259 -0.37 3.08 -42.77
C VAL A 259 -1.02 2.25 -43.92
N PHE A 260 -1.87 1.31 -43.55
CA PHE A 260 -2.48 0.36 -44.49
C PHE A 260 -3.77 -0.13 -43.80
N ASP A 261 -4.91 -0.02 -44.47
CA ASP A 261 -6.21 -0.30 -43.85
C ASP A 261 -6.52 -1.78 -43.55
N LEU A 262 -5.69 -2.66 -44.11
CA LEU A 262 -5.72 -4.07 -43.81
C LEU A 262 -6.91 -4.81 -44.35
N GLN A 263 -7.67 -4.19 -45.23
CA GLN A 263 -8.82 -4.80 -45.90
C GLN A 263 -8.30 -5.76 -46.93
N ASN A 264 -8.96 -6.90 -47.09
CA ASN A 264 -8.58 -7.78 -48.21
C ASN A 264 -8.79 -7.10 -49.57
N ARG A 265 -7.88 -7.41 -50.47
CA ARG A 265 -7.93 -6.92 -51.83
C ARG A 265 -7.75 -8.11 -52.78
N PRO A 266 -8.38 -8.05 -53.94
CA PRO A 266 -9.02 -6.88 -54.57
C PRO A 266 -10.34 -6.46 -53.92
N ASN A 267 -10.63 -5.18 -53.93
CA ASN A 267 -11.91 -4.69 -53.42
C ASN A 267 -12.25 -3.50 -54.33
N THR A 268 -13.42 -2.89 -54.14
CA THR A 268 -13.91 -1.78 -55.02
C THR A 268 -12.97 -0.61 -55.17
N ASP A 269 -12.38 -0.22 -54.04
CA ASP A 269 -11.43 0.89 -54.01
C ASP A 269 -10.06 0.53 -54.53
N ALA A 270 -9.69 -0.74 -54.51
CA ALA A 270 -8.38 -1.20 -55.01
C ALA A 270 -8.57 -2.53 -55.81
N PRO A 271 -9.17 -2.44 -57.00
CA PRO A 271 -9.53 -3.68 -57.71
C PRO A 271 -8.35 -4.47 -58.35
N GLU A 272 -7.20 -3.81 -58.49
CA GLU A 272 -6.00 -4.43 -59.10
C GLU A 272 -4.97 -4.86 -58.06
N GLU A 273 -5.33 -4.76 -56.80
CA GLU A 273 -4.41 -5.12 -55.72
C GLU A 273 -4.79 -6.45 -55.12
N ARG A 274 -3.80 -7.10 -54.49
CA ARG A 274 -3.97 -8.42 -53.89
C ARG A 274 -3.34 -8.49 -52.53
N PHE A 275 -4.20 -8.68 -51.52
CA PHE A 275 -3.76 -8.75 -50.12
C PHE A 275 -4.77 -9.60 -49.34
N ASN A 276 -4.25 -10.48 -48.47
CA ASN A 276 -5.11 -11.21 -47.57
C ASN A 276 -4.46 -11.15 -46.20
N LEU A 277 -5.26 -10.79 -45.21
CA LEU A 277 -4.85 -10.84 -43.82
C LEU A 277 -5.41 -12.11 -43.20
N PHE A 278 -4.57 -12.86 -42.48
CA PHE A 278 -5.00 -14.01 -41.73
C PHE A 278 -4.72 -13.85 -40.26
N PRO A 279 -5.75 -13.42 -39.49
CA PRO A 279 -5.53 -13.38 -38.06
C PRO A 279 -5.64 -14.73 -37.38
N ALA A 280 -5.22 -14.77 -36.11
CA ALA A 280 -5.16 -16.00 -35.26
C ALA A 280 -4.32 -17.12 -35.96
N VAL A 281 -3.21 -16.73 -36.57
CA VAL A 281 -2.22 -17.66 -37.13
C VAL A 281 -0.83 -17.40 -36.53
N ALA A 282 -0.32 -18.36 -35.79
CA ALA A 282 0.98 -18.34 -35.16
C ALA A 282 1.95 -18.83 -36.22
N CYS A 283 2.88 -17.96 -36.58
CA CYS A 283 3.97 -18.32 -37.46
C CYS A 283 5.09 -18.83 -36.59
N GLU A 284 5.67 -19.96 -36.97
CA GLU A 284 6.53 -20.63 -36.07
C GLU A 284 7.97 -20.80 -36.54
N ARG A 285 8.19 -20.99 -37.85
CA ARG A 285 9.52 -21.31 -38.36
C ARG A 285 9.59 -20.87 -39.79
N VAL A 286 10.73 -20.38 -40.25
CA VAL A 286 10.97 -20.27 -41.70
C VAL A 286 11.91 -21.45 -41.99
N VAL A 287 11.74 -22.11 -43.13
CA VAL A 287 12.50 -23.32 -43.42
C VAL A 287 13.61 -22.94 -44.35
N ARG A 288 14.83 -23.26 -43.97
CA ARG A 288 16.01 -22.85 -44.74
C ARG A 288 16.34 -23.95 -45.75
N ASN A 289 16.87 -23.65 -46.95
CA ASN A 289 17.46 -24.70 -47.74
C ASN A 289 18.77 -25.18 -47.10
N ALA A 290 19.29 -26.25 -47.66
CA ALA A 290 20.45 -26.94 -47.09
C ALA A 290 21.65 -25.99 -47.15
N LEU A 291 21.77 -25.21 -48.22
CA LEU A 291 22.90 -24.28 -48.34
C LEU A 291 22.75 -22.98 -47.51
N ASN A 292 21.67 -22.84 -46.77
CA ASN A 292 21.46 -21.59 -46.04
C ASN A 292 21.60 -20.32 -46.91
N SER A 293 20.95 -20.33 -48.08
CA SER A 293 20.95 -19.22 -49.02
C SER A 293 19.55 -18.73 -49.43
N GLU A 294 18.50 -19.43 -48.98
CA GLU A 294 17.13 -19.10 -49.34
C GLU A 294 16.16 -19.71 -48.31
N ILE A 295 15.05 -19.02 -48.03
CA ILE A 295 13.96 -19.62 -47.28
C ILE A 295 13.01 -20.34 -48.24
N GLU A 296 12.59 -21.56 -47.83
CA GLU A 296 11.76 -22.42 -48.69
C GLU A 296 10.27 -22.39 -48.31
N SER A 297 9.93 -22.00 -47.11
CA SER A 297 8.53 -21.93 -46.72
C SER A 297 8.44 -21.38 -45.34
N LEU A 298 7.24 -21.03 -44.99
CA LEU A 298 6.92 -20.54 -43.68
C LEU A 298 5.94 -21.55 -43.02
N HIS A 299 6.24 -22.09 -41.82
CA HIS A 299 5.36 -23.08 -41.14
C HIS A 299 4.44 -22.33 -40.23
N ILE A 300 3.17 -22.54 -40.39
CA ILE A 300 2.19 -21.81 -39.60
C ILE A 300 1.26 -22.80 -38.89
N HIS A 301 0.60 -22.30 -37.85
CA HIS A 301 -0.38 -23.03 -37.07
C HIS A 301 -1.58 -22.10 -36.95
N ASP A 302 -2.71 -22.52 -37.51
CA ASP A 302 -3.98 -21.79 -37.41
C ASP A 302 -4.55 -22.12 -36.02
N LEU A 303 -4.69 -21.12 -35.18
CA LEU A 303 -5.06 -21.31 -33.81
C LEU A 303 -6.50 -21.63 -33.68
N ILE A 304 -7.34 -21.34 -34.66
CA ILE A 304 -8.76 -21.66 -34.51
C ILE A 304 -9.06 -23.12 -34.95
N SER A 305 -8.64 -23.46 -36.18
CA SER A 305 -8.78 -24.84 -36.70
C SER A 305 -7.81 -25.86 -36.08
N GLY A 306 -6.64 -25.43 -35.59
CA GLY A 306 -5.58 -26.33 -35.14
C GLY A 306 -4.73 -26.81 -36.32
N ASP A 307 -5.06 -26.47 -37.55
CA ASP A 307 -4.31 -27.00 -38.70
C ASP A 307 -2.91 -26.35 -38.81
N ARG A 308 -2.02 -27.04 -39.50
CA ARG A 308 -0.66 -26.55 -39.71
CA ARG A 308 -0.66 -26.56 -39.72
C ARG A 308 -0.34 -26.66 -41.18
N PHE A 309 0.37 -25.68 -41.69
CA PHE A 309 0.61 -25.56 -43.12
C PHE A 309 1.98 -25.03 -43.32
N GLU A 310 2.47 -25.21 -44.54
CA GLU A 310 3.74 -24.68 -45.02
C GLU A 310 3.28 -23.69 -46.05
N ILE A 311 3.53 -22.40 -45.90
CA ILE A 311 3.11 -21.44 -46.95
C ILE A 311 4.34 -21.12 -47.78
N LYS A 312 4.16 -21.03 -49.10
CA LYS A 312 5.25 -20.68 -49.99
C LYS A 312 5.12 -19.23 -50.47
N ALA A 313 6.25 -18.52 -50.56
CA ALA A 313 6.29 -17.16 -51.07
C ALA A 313 7.62 -16.91 -51.79
N ASP A 314 7.69 -15.91 -52.66
CA ASP A 314 9.01 -15.48 -53.22
C ASP A 314 9.82 -14.77 -52.14
N VAL A 315 9.15 -13.97 -51.29
CA VAL A 315 9.77 -13.06 -50.37
C VAL A 315 9.11 -13.25 -48.95
N TYR A 316 9.94 -13.38 -47.92
CA TYR A 316 9.51 -13.65 -46.57
C TYR A 316 9.92 -12.45 -45.73
N VAL A 317 8.95 -11.83 -45.08
CA VAL A 317 9.20 -10.60 -44.28
C VAL A 317 8.76 -10.86 -42.86
N LEU A 318 9.69 -10.70 -41.90
CA LEU A 318 9.40 -10.88 -40.49
C LEU A 318 9.30 -9.52 -39.73
N THR A 319 8.11 -9.22 -39.25
CA THR A 319 7.79 -7.97 -38.60
C THR A 319 6.92 -8.26 -37.38
N ALA A 320 7.40 -9.22 -36.59
CA ALA A 320 6.68 -9.78 -35.39
C ALA A 320 7.09 -9.09 -34.10
N GLY A 321 7.86 -8.00 -34.24
CA GLY A 321 8.37 -7.26 -33.14
C GLY A 321 9.75 -7.70 -32.74
N ALA A 322 10.42 -6.92 -31.90
CA ALA A 322 11.81 -7.17 -31.59
C ALA A 322 12.11 -8.46 -30.83
N VAL A 323 11.17 -8.86 -29.97
CA VAL A 323 11.29 -10.07 -29.25
C VAL A 323 10.85 -11.25 -30.14
N HIS A 324 9.70 -11.14 -30.81
CA HIS A 324 9.17 -12.31 -31.54
C HIS A 324 9.79 -12.62 -32.89
N ASN A 325 10.42 -11.63 -33.52
CA ASN A 325 11.19 -11.87 -34.72
C ASN A 325 12.34 -12.78 -34.32
N THR A 326 13.01 -12.39 -33.23
CA THR A 326 14.14 -13.15 -32.73
C THR A 326 13.76 -14.60 -32.35
N GLN A 327 12.63 -14.79 -31.66
CA GLN A 327 12.15 -16.06 -31.31
C GLN A 327 12.00 -16.98 -32.56
N LEU A 328 11.34 -16.46 -33.57
CA LEU A 328 11.01 -17.20 -34.80
C LEU A 328 12.29 -17.61 -35.46
N LEU A 329 13.21 -16.64 -35.59
CA LEU A 329 14.50 -16.91 -36.19
C LEU A 329 15.25 -18.02 -35.43
N VAL A 330 15.32 -17.93 -34.10
CA VAL A 330 16.00 -18.94 -33.31
C VAL A 330 15.27 -20.31 -33.40
N ASN A 331 13.96 -20.30 -33.48
CA ASN A 331 13.22 -21.55 -33.62
C ASN A 331 13.42 -22.14 -35.05
N SER A 332 13.98 -21.37 -35.97
CA SER A 332 14.27 -21.82 -37.31
C SER A 332 15.76 -22.19 -37.57
N GLY A 333 16.58 -22.19 -36.51
CA GLY A 333 18.00 -22.63 -36.57
C GLY A 333 18.99 -21.47 -36.92
N PHE A 334 18.54 -20.23 -36.78
CA PHE A 334 19.46 -19.10 -36.73
C PHE A 334 19.96 -18.83 -35.25
N GLY A 335 21.12 -18.18 -35.10
CA GLY A 335 21.73 -17.98 -33.79
C GLY A 335 21.81 -19.29 -32.97
N GLN A 336 21.49 -19.23 -31.70
CA GLN A 336 21.74 -20.34 -30.80
C GLN A 336 20.53 -20.52 -29.89
N LEU A 337 19.94 -21.71 -29.91
CA LEU A 337 18.92 -22.04 -28.92
C LEU A 337 19.53 -22.26 -27.57
N GLY A 338 18.87 -21.82 -26.50
CA GLY A 338 19.33 -22.25 -25.17
C GLY A 338 20.26 -21.27 -24.50
N ARG A 339 20.69 -21.59 -23.31
CA ARG A 339 21.53 -20.66 -22.55
C ARG A 339 22.87 -20.38 -23.34
N PRO A 340 23.29 -19.10 -23.44
CA PRO A 340 24.45 -18.84 -24.31
C PRO A 340 25.65 -19.70 -23.95
N ASN A 341 26.28 -20.29 -24.97
CA ASN A 341 27.40 -21.19 -24.77
C ASN A 341 28.48 -20.77 -25.77
N PRO A 342 29.42 -19.91 -25.34
CA PRO A 342 30.47 -19.41 -26.27
C PRO A 342 31.31 -20.55 -26.90
N ALA A 343 31.48 -21.64 -26.15
CA ALA A 343 32.15 -22.87 -26.63
C ALA A 343 31.42 -23.55 -27.83
N ASN A 344 30.16 -23.23 -28.10
CA ASN A 344 29.40 -23.89 -29.19
C ASN A 344 28.87 -22.87 -30.19
N PRO A 345 29.77 -22.30 -30.99
CA PRO A 345 29.42 -21.03 -31.66
C PRO A 345 28.43 -21.29 -32.82
N PRO A 346 27.41 -20.44 -32.99
CA PRO A 346 26.29 -20.66 -33.92
C PRO A 346 26.67 -20.89 -35.39
N GLU A 347 25.94 -21.74 -36.13
CA GLU A 347 26.13 -21.83 -37.61
C GLU A 347 25.83 -20.44 -38.26
N LEU A 348 24.67 -19.85 -37.99
CA LEU A 348 24.21 -18.69 -38.66
C LEU A 348 23.96 -17.54 -37.68
N LEU A 349 24.20 -16.32 -38.15
CA LEU A 349 23.87 -15.09 -37.42
C LEU A 349 24.33 -15.17 -35.96
N PRO A 350 25.63 -15.28 -35.73
CA PRO A 350 26.09 -15.30 -34.37
C PRO A 350 25.79 -14.04 -33.55
N SER A 351 25.43 -12.92 -34.18
CA SER A 351 25.02 -11.75 -33.40
C SER A 351 23.60 -11.67 -33.02
N LEU A 352 22.78 -12.58 -33.54
CA LEU A 352 21.35 -12.60 -33.24
C LEU A 352 21.09 -12.67 -31.74
N GLY A 353 20.28 -11.73 -31.28
CA GLY A 353 19.95 -11.57 -29.85
C GLY A 353 21.02 -11.08 -28.91
N SER A 354 22.13 -10.60 -29.45
CA SER A 354 23.15 -9.91 -28.68
C SER A 354 23.14 -8.44 -29.01
N TYR A 355 23.80 -7.63 -28.19
CA TYR A 355 23.89 -6.13 -28.42
C TYR A 355 22.54 -5.47 -28.25
N ILE A 356 21.68 -6.09 -27.47
CA ILE A 356 20.30 -5.58 -27.27
C ILE A 356 20.39 -4.29 -26.51
N THR A 357 19.49 -3.36 -26.88
CA THR A 357 19.43 -2.10 -26.20
C THR A 357 18.04 -1.87 -25.70
N GLU A 358 17.96 -1.31 -24.51
CA GLU A 358 16.71 -0.83 -23.97
C GLU A 358 17.04 0.47 -23.24
N GLN A 359 16.18 1.46 -23.41
CA GLN A 359 16.44 2.79 -22.93
C GLN A 359 16.18 2.87 -21.45
N SER A 360 16.96 3.70 -20.73
CA SER A 360 16.60 4.09 -19.38
C SER A 360 15.44 5.06 -19.42
N LEU A 361 14.51 4.97 -18.45
CA LEU A 361 13.39 5.87 -18.46
C LEU A 361 13.20 6.47 -17.09
N VAL A 362 13.21 7.79 -16.98
CA VAL A 362 12.88 8.47 -15.69
C VAL A 362 11.56 9.22 -15.83
N PHE A 363 10.79 9.29 -14.74
CA PHE A 363 9.45 9.77 -14.81
C PHE A 363 9.12 10.48 -13.53
N CYS A 364 8.33 11.54 -13.67
CA CYS A 364 7.63 12.14 -12.50
C CYS A 364 6.44 12.88 -13.06
N GLN A 365 5.59 13.35 -12.19
CA GLN A 365 4.56 14.29 -12.54
C GLN A 365 4.73 15.51 -11.62
N THR A 366 4.32 16.66 -12.15
CA THR A 366 4.36 17.92 -11.46
C THR A 366 2.98 18.54 -11.34
N VAL A 367 2.80 19.37 -10.29
CA VAL A 367 1.64 20.23 -10.04
C VAL A 367 2.07 21.71 -10.32
N MET A 368 1.44 22.26 -11.35
CA MET A 368 1.69 23.61 -11.88
C MET A 368 1.82 24.64 -10.77
N SER A 369 2.85 25.43 -10.92
CA SER A 369 3.18 26.50 -9.99
C SER A 369 2.08 27.53 -9.91
N THR A 370 1.97 28.13 -8.74
CA THR A 370 1.01 29.19 -8.53
C THR A 370 1.29 30.34 -9.51
N GLU A 371 2.55 30.60 -9.74
CA GLU A 371 2.91 31.66 -10.60
C GLU A 371 2.45 31.42 -12.04
N LEU A 372 2.61 30.20 -12.55
CA LEU A 372 2.19 29.94 -13.92
C LEU A 372 0.68 29.98 -13.98
N ILE A 373 0.01 29.50 -12.94
CA ILE A 373 -1.46 29.48 -12.96
C ILE A 373 -1.99 30.94 -12.93
N ASP A 374 -1.45 31.79 -12.05
CA ASP A 374 -1.75 33.22 -12.09
C ASP A 374 -1.44 33.85 -13.47
N SER A 375 -0.36 33.45 -14.15
CA SER A 375 -0.03 34.08 -15.46
C SER A 375 -1.05 33.80 -16.56
N VAL A 376 -1.82 32.71 -16.40
CA VAL A 376 -2.86 32.33 -17.38
C VAL A 376 -3.86 33.48 -17.55
N LYS A 377 -4.13 34.13 -16.44
CA LYS A 377 -5.02 35.25 -16.35
C LYS A 377 -4.34 36.63 -16.25
N SER A 378 -3.09 36.71 -16.74
CA SER A 378 -2.31 37.95 -16.69
C SER A 378 -2.94 39.15 -17.42
N ASP A 379 -3.57 38.94 -18.56
CA ASP A 379 -4.20 40.01 -19.34
C ASP A 379 -5.63 40.41 -18.94
N MET A 380 -6.14 39.84 -17.88
CA MET A 380 -7.56 39.95 -17.55
C MET A 380 -7.74 41.06 -16.56
N THR A 381 -8.86 41.76 -16.68
CA THR A 381 -9.35 42.62 -15.58
C THR A 381 -10.55 41.94 -14.98
N ILE A 382 -10.47 41.73 -13.68
CA ILE A 382 -11.39 40.95 -12.85
C ILE A 382 -11.92 41.91 -11.81
N ARG A 383 -13.24 42.07 -11.74
CA ARG A 383 -13.86 42.95 -10.82
C ARG A 383 -15.04 42.21 -10.15
N GLY A 384 -15.37 42.60 -8.95
CA GLY A 384 -16.52 42.09 -8.20
C GLY A 384 -16.10 40.74 -7.65
N THR A 385 -17.04 40.02 -7.08
CA THR A 385 -16.72 38.74 -6.46
C THR A 385 -17.44 37.58 -7.19
N PRO A 386 -16.75 36.47 -7.37
CA PRO A 386 -17.24 35.38 -8.18
C PRO A 386 -18.57 34.90 -7.65
N GLY A 387 -19.51 34.58 -8.53
CA GLY A 387 -20.79 34.07 -8.10
C GLY A 387 -21.80 35.17 -7.91
N GLU A 388 -21.40 36.42 -7.89
CA GLU A 388 -22.38 37.55 -7.84
C GLU A 388 -22.63 38.19 -9.18
N LEU A 389 -23.76 38.89 -9.32
CA LEU A 389 -24.16 39.56 -10.59
C LEU A 389 -23.17 40.68 -11.01
N THR A 390 -22.37 41.12 -10.05
CA THR A 390 -21.39 42.20 -10.11
C THR A 390 -20.05 41.76 -10.77
N TYR A 391 -19.86 40.44 -10.86
CA TYR A 391 -18.57 39.88 -11.31
C TYR A 391 -18.38 40.03 -12.79
N SER A 392 -17.20 40.39 -13.14
CA SER A 392 -16.88 40.63 -14.56
C SER A 392 -15.44 40.25 -14.81
N VAL A 393 -15.15 39.64 -15.96
CA VAL A 393 -13.79 39.31 -16.43
C VAL A 393 -13.74 39.80 -17.92
N THR A 394 -12.78 40.65 -18.20
CA THR A 394 -12.64 41.26 -19.51
C THR A 394 -11.14 41.37 -19.82
N TYR A 395 -10.82 41.55 -21.09
CA TYR A 395 -9.44 41.84 -21.49
C TYR A 395 -9.46 42.82 -22.67
N THR A 396 -8.30 43.37 -23.05
CA THR A 396 -8.23 44.23 -24.27
C THR A 396 -7.76 43.38 -25.44
N PRO A 397 -8.64 43.12 -26.42
CA PRO A 397 -8.27 42.32 -27.55
C PRO A 397 -7.19 43.01 -28.39
N GLY A 398 -6.15 42.29 -28.73
CA GLY A 398 -5.17 42.79 -29.66
C GLY A 398 -4.05 43.60 -29.05
N ALA A 399 -4.09 43.85 -27.73
CA ALA A 399 -3.12 44.81 -27.14
C ALA A 399 -1.73 44.20 -27.17
N SER A 400 -0.69 44.94 -27.60
CA SER A 400 0.60 44.26 -27.82
C SER A 400 1.29 44.12 -26.50
N THR A 401 0.82 44.79 -25.48
CA THR A 401 1.26 44.43 -24.14
C THR A 401 0.58 43.15 -23.51
N ASN A 402 -0.43 42.58 -24.17
CA ASN A 402 -1.01 41.29 -23.66
C ASN A 402 0.08 40.26 -23.67
N LYS A 403 0.19 39.40 -22.67
CA LYS A 403 1.11 38.29 -22.68
C LYS A 403 0.56 37.13 -23.57
N HIS A 404 -0.73 37.11 -23.86
CA HIS A 404 -1.33 35.95 -24.55
C HIS A 404 -2.14 36.44 -25.68
N PRO A 405 -2.36 35.58 -26.68
CA PRO A 405 -3.17 35.86 -27.84
C PRO A 405 -4.64 35.96 -27.58
N ASP A 406 -5.37 36.55 -28.50
CA ASP A 406 -6.82 36.74 -28.27
C ASP A 406 -7.58 35.44 -28.02
N TRP A 407 -7.17 34.35 -28.69
CA TRP A 407 -7.88 33.08 -28.55
C TRP A 407 -7.70 32.51 -27.19
N TRP A 408 -6.55 32.73 -26.57
CA TRP A 408 -6.35 32.27 -25.21
C TRP A 408 -7.15 33.09 -24.28
N ASN A 409 -7.05 34.41 -24.38
CA ASN A 409 -7.82 35.27 -23.47
C ASN A 409 -9.32 35.06 -23.54
N GLU A 410 -9.84 34.84 -24.74
CA GLU A 410 -11.21 34.54 -24.92
C GLU A 410 -11.65 33.25 -24.17
N LYS A 411 -10.85 32.19 -24.27
CA LYS A 411 -11.16 30.95 -23.58
C LYS A 411 -11.06 31.06 -22.06
N VAL A 412 -10.10 31.80 -21.56
CA VAL A 412 -9.97 32.07 -20.11
C VAL A 412 -11.19 32.83 -19.61
N LYS A 413 -11.56 33.85 -20.36
CA LYS A 413 -12.69 34.73 -20.02
C LYS A 413 -13.96 33.93 -19.92
N ASN A 414 -14.23 33.16 -20.95
CA ASN A 414 -15.44 32.40 -20.97
C ASN A 414 -15.51 31.40 -19.88
N HIS A 415 -14.41 30.69 -19.63
CA HIS A 415 -14.33 29.80 -18.51
C HIS A 415 -14.59 30.47 -17.16
N MET A 416 -13.87 31.54 -16.84
CA MET A 416 -14.06 32.28 -15.60
C MET A 416 -15.45 32.84 -15.43
N MET A 417 -16.06 33.29 -16.52
CA MET A 417 -17.45 33.79 -16.46
C MET A 417 -18.54 32.73 -16.40
N GLN A 418 -18.43 31.61 -17.12
CA GLN A 418 -19.43 30.52 -17.07
C GLN A 418 -19.27 29.61 -15.85
N HIS A 419 -18.10 29.58 -15.19
CA HIS A 419 -17.84 28.66 -14.08
C HIS A 419 -17.22 29.40 -12.95
N GLN A 420 -17.98 30.29 -12.36
CA GLN A 420 -17.49 31.15 -11.27
C GLN A 420 -17.26 30.41 -10.00
N GLU A 421 -17.79 29.22 -9.89
CA GLU A 421 -17.42 28.36 -8.74
C GLU A 421 -16.00 27.69 -8.84
N ASP A 422 -15.43 27.66 -10.04
CA ASP A 422 -14.15 27.00 -10.25
C ASP A 422 -12.94 27.96 -9.95
N PRO A 423 -11.92 27.50 -9.15
CA PRO A 423 -10.76 28.37 -8.75
C PRO A 423 -9.67 28.47 -9.76
N LEU A 424 -9.78 27.78 -10.89
CA LEU A 424 -8.74 27.76 -11.85
C LEU A 424 -9.16 28.46 -13.13
N PRO A 425 -8.18 29.10 -13.79
CA PRO A 425 -8.45 29.82 -15.02
C PRO A 425 -8.41 28.96 -16.31
N ILE A 426 -7.98 27.72 -16.21
CA ILE A 426 -7.83 26.85 -17.39
C ILE A 426 -9.17 26.20 -17.69
N PRO A 427 -9.62 26.29 -18.93
CA PRO A 427 -10.88 25.63 -19.32
C PRO A 427 -10.90 24.14 -19.05
N PHE A 428 -12.07 23.64 -18.71
CA PHE A 428 -12.21 22.24 -18.46
C PHE A 428 -11.85 21.33 -19.65
N GLU A 429 -12.11 21.69 -20.90
CA GLU A 429 -11.70 20.67 -21.90
C GLU A 429 -10.39 21.02 -22.61
N ASP A 430 -9.55 21.81 -21.96
CA ASP A 430 -8.32 22.24 -22.59
C ASP A 430 -7.49 20.97 -22.83
N PRO A 431 -6.98 20.78 -24.03
CA PRO A 431 -6.11 19.60 -24.29
C PRO A 431 -4.81 19.63 -23.51
N GLU A 432 -4.15 18.47 -23.43
CA GLU A 432 -2.95 18.30 -22.58
C GLU A 432 -1.74 18.94 -23.26
N PRO A 433 -0.70 19.23 -22.49
CA PRO A 433 0.57 19.58 -23.06
C PRO A 433 1.15 18.44 -23.85
N GLN A 434 1.96 18.80 -24.87
CA GLN A 434 2.67 17.85 -25.69
C GLN A 434 4.00 18.46 -26.07
N VAL A 435 4.91 18.66 -25.09
CA VAL A 435 6.08 19.46 -25.36
C VAL A 435 7.33 18.54 -25.35
N THR A 436 8.31 18.82 -26.21
CA THR A 436 9.65 18.16 -26.13
C THR A 436 10.78 19.15 -26.42
N THR A 437 11.95 18.95 -25.79
CA THR A 437 13.20 19.40 -26.36
C THR A 437 13.92 18.13 -26.81
N LEU A 438 14.19 18.03 -28.12
CA LEU A 438 14.73 16.75 -28.69
C LEU A 438 16.20 16.57 -28.24
N PHE A 439 16.64 15.33 -28.24
CA PHE A 439 18.02 14.92 -28.03
C PHE A 439 19.02 15.85 -28.70
N GLN A 440 20.00 16.28 -27.93
CA GLN A 440 21.16 17.02 -28.47
C GLN A 440 22.40 16.51 -27.73
N PRO A 441 23.55 16.63 -28.38
CA PRO A 441 24.82 16.24 -27.67
C PRO A 441 25.00 16.82 -26.25
N SER A 442 24.58 18.04 -25.97
CA SER A 442 24.61 18.61 -24.61
C SER A 442 23.49 18.12 -23.67
N HIS A 443 22.47 17.44 -24.18
CA HIS A 443 21.46 16.82 -23.34
C HIS A 443 21.01 15.59 -24.08
N PRO A 444 21.84 14.53 -24.03
CA PRO A 444 21.67 13.34 -24.89
C PRO A 444 20.54 12.38 -24.35
N TRP A 445 19.29 12.88 -24.35
CA TRP A 445 18.11 12.16 -23.95
C TRP A 445 16.95 12.77 -24.64
N HIS A 446 15.93 11.95 -24.99
CA HIS A 446 14.70 12.46 -25.49
C HIS A 446 13.87 12.92 -24.31
N THR A 447 13.00 13.92 -24.51
CA THR A 447 12.14 14.38 -23.40
C THR A 447 10.69 14.44 -23.89
N GLN A 448 9.74 14.13 -22.99
CA GLN A 448 8.35 14.35 -23.28
C GLN A 448 7.75 14.98 -22.07
N ILE A 449 7.04 16.08 -22.31
CA ILE A 449 6.50 16.88 -21.21
C ILE A 449 5.04 17.03 -21.57
N HIS A 450 4.22 16.19 -20.95
CA HIS A 450 2.96 15.81 -21.56
C HIS A 450 2.02 15.12 -20.60
N ARG A 451 0.92 14.60 -21.13
CA ARG A 451 0.02 13.67 -20.42
CA ARG A 451 0.05 13.66 -20.41
C ARG A 451 -0.13 12.42 -21.27
N ASP A 452 0.32 11.30 -20.72
CA ASP A 452 0.29 9.97 -21.39
C ASP A 452 -0.86 9.23 -20.84
N ALA A 453 -1.60 8.54 -21.72
CA ALA A 453 -2.63 7.57 -21.28
C ALA A 453 -2.04 6.35 -20.53
N PHE A 454 -0.75 6.05 -20.72
CA PHE A 454 -0.11 4.94 -20.00
C PHE A 454 0.47 5.45 -18.68
N SER A 455 -0.39 5.64 -17.69
CA SER A 455 0.03 6.03 -16.36
C SER A 455 0.60 4.78 -15.70
N TYR A 456 1.46 5.01 -14.70
CA TYR A 456 2.21 3.91 -14.09
C TYR A 456 1.83 3.57 -12.64
N GLY A 457 1.22 4.51 -11.90
CA GLY A 457 0.59 4.17 -10.60
C GLY A 457 -0.89 4.49 -10.61
N ALA A 458 -1.63 4.00 -9.62
CA ALA A 458 -3.04 4.39 -9.40
C ALA A 458 -3.28 5.89 -9.76
N VAL A 459 -4.40 6.20 -10.41
CA VAL A 459 -4.69 7.57 -10.79
C VAL A 459 -5.23 8.23 -9.53
N GLN A 460 -4.51 9.26 -9.09
CA GLN A 460 -4.90 10.05 -7.94
C GLN A 460 -6.02 11.02 -8.41
N GLN A 461 -6.85 11.47 -7.49
CA GLN A 461 -8.03 12.30 -7.80
C GLN A 461 -8.09 13.53 -6.94
N SER A 462 -7.11 13.65 -6.08
CA SER A 462 -7.13 14.68 -5.14
C SER A 462 -6.70 16.02 -5.81
N ILE A 463 -5.72 15.97 -6.68
CA ILE A 463 -5.16 17.21 -7.31
C ILE A 463 -5.86 17.32 -8.65
N ASP A 464 -6.35 18.50 -8.95
CA ASP A 464 -7.02 18.81 -10.22
C ASP A 464 -6.16 18.45 -11.39
N SER A 465 -6.73 17.70 -12.32
N SER A 465 -6.69 17.68 -12.32
CA SER A 465 -6.03 17.16 -13.49
CA SER A 465 -5.92 17.15 -13.46
C SER A 465 -5.41 18.25 -14.37
C SER A 465 -5.39 18.27 -14.39
N ARG A 466 -6.03 19.44 -14.38
CA ARG A 466 -5.53 20.54 -15.17
C ARG A 466 -4.12 21.05 -14.75
N LEU A 467 -3.75 20.70 -13.52
CA LEU A 467 -2.51 21.12 -12.92
C LEU A 467 -1.33 20.22 -13.25
N ILE A 468 -1.61 19.01 -13.68
CA ILE A 468 -0.67 17.90 -13.69
C ILE A 468 0.02 17.76 -15.04
N VAL A 469 1.34 17.60 -14.99
CA VAL A 469 2.14 17.40 -16.20
C VAL A 469 3.01 16.20 -15.96
N ASP A 470 3.15 15.33 -16.97
CA ASP A 470 4.04 14.19 -16.89
C ASP A 470 5.39 14.57 -17.46
N TRP A 471 6.45 14.00 -16.87
CA TRP A 471 7.74 14.19 -17.40
C TRP A 471 8.30 12.81 -17.67
N ARG A 472 8.76 12.55 -18.87
CA ARG A 472 9.46 11.31 -19.22
C ARG A 472 10.69 11.67 -19.95
N PHE A 473 11.88 11.24 -19.45
CA PHE A 473 13.12 11.52 -20.15
C PHE A 473 13.65 10.12 -20.45
N PHE A 474 14.16 9.95 -21.65
CA PHE A 474 14.55 8.65 -22.17
C PHE A 474 16.01 8.66 -22.53
N GLY A 475 16.78 7.75 -21.97
CA GLY A 475 18.23 7.72 -22.19
C GLY A 475 18.62 6.75 -23.29
N ARG A 476 19.78 6.95 -23.90
CA ARG A 476 20.28 5.98 -24.86
C ARG A 476 21.20 4.94 -24.20
N THR A 477 21.20 3.73 -24.73
CA THR A 477 21.99 2.64 -24.17
C THR A 477 22.96 2.09 -25.18
N GLU A 478 24.24 2.08 -24.79
CA GLU A 478 25.31 1.55 -25.63
C GLU A 478 25.04 0.03 -25.91
N PRO A 479 25.18 -0.38 -27.17
CA PRO A 479 25.06 -1.80 -27.46
C PRO A 479 26.28 -2.55 -27.01
N LYS A 480 26.06 -3.61 -26.27
CA LYS A 480 27.15 -4.42 -25.72
C LYS A 480 26.82 -5.84 -25.96
N GLU A 481 27.82 -6.61 -26.34
CA GLU A 481 27.64 -7.99 -26.71
C GLU A 481 27.06 -8.84 -25.60
N GLU A 482 27.44 -8.55 -24.36
CA GLU A 482 26.90 -9.29 -23.23
C GLU A 482 25.39 -9.12 -22.99
N ASN A 483 24.78 -8.05 -23.47
CA ASN A 483 23.37 -7.83 -23.23
C ASN A 483 22.63 -8.65 -24.28
N LYS A 484 21.83 -9.62 -23.83
CA LYS A 484 21.27 -10.63 -24.71
C LYS A 484 19.81 -10.90 -24.48
N LEU A 485 19.13 -11.27 -25.55
CA LEU A 485 17.83 -11.94 -25.50
C LEU A 485 18.12 -13.35 -26.02
N TRP A 486 17.81 -14.38 -25.23
CA TRP A 486 17.96 -15.78 -25.62
C TRP A 486 16.73 -16.55 -25.33
N PHE A 487 16.65 -17.73 -25.87
CA PHE A 487 15.45 -18.57 -25.80
C PHE A 487 15.74 -19.91 -25.21
N SER A 488 14.98 -20.28 -24.18
CA SER A 488 15.16 -21.60 -23.54
C SER A 488 15.05 -22.76 -24.55
N ASP A 489 15.85 -23.78 -24.34
CA ASP A 489 15.66 -25.05 -25.13
C ASP A 489 14.71 -26.02 -24.44
N LYS A 490 14.10 -25.61 -23.35
CA LYS A 490 13.32 -26.50 -22.52
C LYS A 490 11.95 -25.89 -22.13
N ILE A 491 11.99 -24.70 -21.58
CA ILE A 491 10.82 -23.94 -21.20
C ILE A 491 10.16 -23.33 -22.48
N THR A 492 8.84 -23.45 -22.55
CA THR A 492 8.07 -22.86 -23.63
C THR A 492 7.02 -21.88 -23.13
N ASP A 493 6.61 -20.96 -24.00
CA ASP A 493 5.70 -19.89 -23.66
C ASP A 493 4.26 -20.33 -23.96
N ALA A 494 3.28 -19.43 -23.96
CA ALA A 494 1.87 -19.84 -24.03
C ALA A 494 1.51 -20.35 -25.41
N TYR A 495 2.35 -20.08 -26.41
CA TYR A 495 2.08 -20.56 -27.76
C TYR A 495 3.08 -21.67 -28.12
N ASN A 496 3.60 -22.37 -27.12
CA ASN A 496 4.56 -23.45 -27.34
C ASN A 496 5.82 -23.12 -28.19
N MET A 497 6.24 -21.88 -28.07
CA MET A 497 7.47 -21.47 -28.65
C MET A 497 8.53 -21.32 -27.55
N PRO A 498 9.80 -21.27 -27.96
CA PRO A 498 10.89 -21.27 -26.97
C PRO A 498 10.81 -19.99 -26.06
N GLN A 499 10.82 -20.19 -24.75
CA GLN A 499 10.61 -19.10 -23.77
C GLN A 499 11.71 -17.99 -23.90
N PRO A 500 11.35 -16.74 -24.19
CA PRO A 500 12.35 -15.63 -24.08
C PRO A 500 12.88 -15.39 -22.67
N THR A 501 14.17 -15.13 -22.60
CA THR A 501 14.94 -14.90 -21.37
C THR A 501 15.91 -13.72 -21.67
N PHE A 502 16.02 -12.80 -20.73
CA PHE A 502 16.89 -11.62 -20.89
C PHE A 502 18.08 -11.83 -19.97
N ASP A 503 19.22 -11.40 -20.45
CA ASP A 503 20.36 -11.19 -19.62
C ASP A 503 20.87 -9.78 -19.87
N PHE A 504 20.47 -8.86 -19.03
CA PHE A 504 20.62 -7.44 -19.32
C PHE A 504 20.99 -6.67 -18.06
N ARG A 505 21.94 -5.77 -18.23
CA ARG A 505 22.15 -4.64 -17.29
C ARG A 505 22.52 -3.38 -18.10
N PHE A 506 22.12 -2.20 -17.61
CA PHE A 506 22.55 -0.96 -18.26
C PHE A 506 24.10 -0.92 -18.23
N PRO A 507 24.76 -0.69 -19.36
CA PRO A 507 26.24 -0.72 -19.33
C PRO A 507 26.83 0.37 -18.42
N ALA A 508 27.92 0.01 -17.76
CA ALA A 508 28.71 0.94 -16.98
C ALA A 508 29.27 1.91 -18.02
N GLY A 509 29.67 3.06 -17.56
CA GLY A 509 30.36 4.05 -18.38
C GLY A 509 29.32 5.02 -18.82
N ARG A 510 29.33 5.36 -20.12
CA ARG A 510 28.54 6.48 -20.58
C ARG A 510 27.03 6.32 -20.32
N THR A 511 26.51 5.15 -20.67
CA THR A 511 25.11 4.86 -20.49
C THR A 511 24.65 5.20 -19.09
N SER A 512 25.38 4.73 -18.09
CA SER A 512 24.91 4.92 -16.70
C SER A 512 25.12 6.34 -16.25
N LYS A 513 26.23 6.93 -16.68
CA LYS A 513 26.54 8.34 -16.35
C LYS A 513 25.46 9.28 -16.91
N GLU A 514 25.07 9.04 -18.18
CA GLU A 514 24.02 9.82 -18.78
C GLU A 514 22.68 9.56 -18.14
N ALA A 515 22.40 8.33 -17.75
CA ALA A 515 21.11 8.03 -17.10
C ALA A 515 20.93 8.89 -15.85
N GLU A 516 21.92 8.96 -15.00
CA GLU A 516 21.81 9.71 -13.78
C GLU A 516 21.81 11.22 -14.06
N ASP A 517 22.63 11.67 -15.01
CA ASP A 517 22.53 13.07 -15.48
C ASP A 517 21.17 13.45 -16.03
N MET A 518 20.53 12.49 -16.65
CA MET A 518 19.22 12.65 -17.23
C MET A 518 18.21 12.84 -16.10
N MET A 519 18.30 12.02 -15.07
CA MET A 519 17.44 12.17 -13.90
C MET A 519 17.58 13.56 -13.31
N THR A 520 18.80 14.03 -13.11
CA THR A 520 19.04 15.37 -12.58
C THR A 520 18.44 16.43 -13.46
N ASP A 521 18.62 16.28 -14.76
CA ASP A 521 18.04 17.24 -15.71
C ASP A 521 16.50 17.34 -15.62
N MET A 522 15.82 16.21 -15.47
CA MET A 522 14.42 16.17 -15.28
C MET A 522 14.04 16.92 -14.01
N CYS A 523 14.78 16.61 -12.92
CA CYS A 523 14.52 17.30 -11.66
C CYS A 523 14.70 18.82 -11.79
N VAL A 524 15.80 19.23 -12.41
CA VAL A 524 16.07 20.64 -12.66
C VAL A 524 15.02 21.29 -13.58
N MET A 525 14.75 20.68 -14.73
CA MET A 525 13.80 21.25 -15.67
C MET A 525 12.36 21.30 -15.11
N SER A 526 11.92 20.27 -14.48
CA SER A 526 10.53 20.21 -14.05
C SER A 526 10.21 21.26 -13.02
N ALA A 527 11.17 21.55 -12.18
CA ALA A 527 11.00 22.57 -11.15
C ALA A 527 10.66 23.97 -11.71
N LYS A 528 10.93 24.21 -12.98
CA LYS A 528 10.59 25.45 -13.61
C LYS A 528 9.10 25.57 -13.82
N ILE A 529 8.43 24.43 -13.75
CA ILE A 529 7.00 24.32 -14.04
C ILE A 529 6.22 24.11 -12.76
N GLY A 530 6.76 23.39 -11.84
CA GLY A 530 6.07 23.13 -10.54
C GLY A 530 6.76 22.05 -9.78
N GLY A 531 6.32 21.85 -8.55
CA GLY A 531 6.78 20.80 -7.73
C GLY A 531 6.24 19.45 -8.08
N PHE A 532 6.97 18.41 -7.68
CA PHE A 532 6.58 17.04 -7.92
C PHE A 532 5.21 16.71 -7.27
N LEU A 533 4.41 15.98 -8.01
CA LEU A 533 3.13 15.47 -7.47
C LEU A 533 3.43 14.31 -6.49
N PRO A 534 3.01 14.43 -5.21
CA PRO A 534 3.12 13.27 -4.32
C PRO A 534 2.49 12.02 -4.91
N GLY A 535 3.20 10.90 -4.82
CA GLY A 535 2.79 9.63 -5.48
C GLY A 535 3.41 9.42 -6.85
N SER A 536 3.95 10.48 -7.45
CA SER A 536 4.66 10.39 -8.74
C SER A 536 6.01 11.13 -8.65
N LEU A 537 6.77 10.81 -7.64
CA LEU A 537 8.05 11.44 -7.36
C LEU A 537 9.08 10.91 -8.38
N PRO A 538 10.18 11.64 -8.58
CA PRO A 538 11.15 11.27 -9.64
C PRO A 538 11.73 9.91 -9.43
N GLN A 539 11.62 9.08 -10.46
CA GLN A 539 12.05 7.71 -10.38
C GLN A 539 12.45 7.13 -11.75
N PHE A 540 13.30 6.11 -11.70
CA PHE A 540 13.62 5.25 -12.84
C PHE A 540 12.47 4.21 -12.93
N MET A 541 11.97 4.00 -14.14
CA MET A 541 10.96 2.98 -14.35
C MET A 541 11.63 1.59 -14.54
N GLU A 542 10.88 0.55 -14.22
CA GLU A 542 11.24 -0.84 -14.36
C GLU A 542 11.88 -1.04 -15.72
N PRO A 543 13.01 -1.75 -15.78
CA PRO A 543 13.73 -1.87 -17.03
C PRO A 543 12.85 -2.48 -18.11
N GLY A 544 12.70 -1.80 -19.23
CA GLY A 544 11.91 -2.37 -20.31
C GLY A 544 10.48 -1.90 -20.38
N LEU A 545 10.01 -1.24 -19.33
CA LEU A 545 8.61 -0.75 -19.34
C LEU A 545 8.40 0.27 -20.44
N VAL A 546 9.48 0.95 -20.80
CA VAL A 546 9.51 1.87 -21.88
C VAL A 546 9.16 1.28 -23.25
N LEU A 547 9.39 -0.02 -23.46
CA LEU A 547 9.11 -0.75 -24.72
C LEU A 547 9.78 -0.14 -25.97
N HIS A 548 11.03 0.24 -25.86
CA HIS A 548 11.87 0.74 -26.96
C HIS A 548 13.08 -0.13 -27.21
N LEU A 549 12.86 -1.39 -26.97
CA LEU A 549 13.88 -2.47 -27.21
C LEU A 549 14.35 -2.48 -28.64
N GLY A 550 15.66 -2.47 -28.82
CA GLY A 550 16.23 -2.50 -30.16
C GLY A 550 17.43 -3.45 -30.26
N GLY A 551 17.95 -3.64 -31.47
CA GLY A 551 19.23 -4.36 -31.60
C GLY A 551 19.23 -5.88 -31.47
N THR A 552 18.06 -6.51 -31.34
CA THR A 552 17.94 -7.92 -31.21
C THR A 552 18.23 -8.65 -32.51
N HIS A 553 18.10 -7.97 -33.67
CA HIS A 553 18.50 -8.52 -34.95
C HIS A 553 19.08 -7.41 -35.79
N ARG A 554 20.25 -6.89 -35.37
CA ARG A 554 20.67 -5.57 -35.72
C ARG A 554 21.19 -5.46 -37.14
N MET A 555 21.08 -4.26 -37.67
CA MET A 555 21.52 -3.95 -39.02
C MET A 555 22.99 -3.50 -39.00
N GLY A 556 23.71 -3.77 -40.08
CA GLY A 556 25.05 -3.16 -40.28
C GLY A 556 25.51 -3.44 -41.71
N PHE A 557 26.66 -2.97 -42.10
CA PHE A 557 27.11 -3.12 -43.47
C PHE A 557 27.73 -4.46 -43.65
N ASP A 558 28.51 -4.88 -42.66
CA ASP A 558 29.26 -6.13 -42.75
C ASP A 558 28.87 -7.05 -41.56
N GLU A 559 28.42 -8.30 -41.81
CA GLU A 559 27.98 -9.22 -40.75
C GLU A 559 29.00 -9.35 -39.63
N LYS A 560 30.23 -9.72 -40.01
CA LYS A 560 31.28 -9.87 -39.00
C LYS A 560 31.79 -8.54 -38.40
N GLU A 561 32.23 -7.62 -39.25
CA GLU A 561 32.84 -6.39 -38.74
C GLU A 561 31.83 -5.56 -37.97
N ASP A 562 30.54 -5.52 -38.40
CA ASP A 562 29.54 -4.75 -37.67
C ASP A 562 28.67 -5.54 -36.67
N ASN A 563 29.05 -6.77 -36.38
CA ASN A 563 28.34 -7.68 -35.49
C ASN A 563 26.84 -7.55 -35.65
N CYS A 564 26.39 -7.90 -36.84
CA CYS A 564 25.00 -7.74 -37.17
C CYS A 564 24.37 -8.92 -37.97
N CYS A 565 23.08 -8.80 -38.25
CA CYS A 565 22.24 -9.83 -38.75
C CYS A 565 21.59 -9.45 -40.08
N VAL A 566 21.27 -8.17 -40.32
CA VAL A 566 20.73 -7.69 -41.62
C VAL A 566 21.62 -6.61 -42.17
N ASN A 567 21.58 -6.48 -43.48
CA ASN A 567 22.25 -5.39 -44.16
C ASN A 567 21.36 -4.13 -44.24
N THR A 568 21.75 -3.13 -44.99
CA THR A 568 21.00 -1.89 -44.95
C THR A 568 19.77 -1.98 -45.80
N ASP A 569 19.58 -3.10 -46.50
CA ASP A 569 18.26 -3.40 -47.12
C ASP A 569 17.35 -4.21 -46.19
N SER A 570 17.76 -4.34 -44.97
CA SER A 570 17.13 -5.26 -44.01
C SER A 570 17.05 -6.74 -44.47
N ARG A 571 17.99 -7.16 -45.33
CA ARG A 571 18.06 -8.54 -45.79
C ARG A 571 18.98 -9.30 -44.84
N VAL A 572 18.53 -10.48 -44.42
CA VAL A 572 19.34 -11.37 -43.63
C VAL A 572 20.59 -11.85 -44.41
N PHE A 573 21.75 -11.63 -43.83
CA PHE A 573 22.96 -12.01 -44.52
C PHE A 573 22.93 -13.48 -44.97
N GLY A 574 23.35 -13.71 -46.20
CA GLY A 574 23.43 -15.06 -46.78
C GLY A 574 22.14 -15.49 -47.47
N PHE A 575 21.04 -14.80 -47.21
CA PHE A 575 19.72 -15.27 -47.68
C PHE A 575 19.15 -14.34 -48.69
N LYS A 576 18.74 -14.88 -49.83
CA LYS A 576 18.29 -14.06 -50.94
C LYS A 576 16.95 -13.33 -50.62
N ASN A 577 16.11 -13.98 -49.83
CA ASN A 577 14.71 -13.68 -49.84
C ASN A 577 14.11 -13.57 -48.45
N LEU A 578 14.94 -13.22 -47.43
CA LEU A 578 14.46 -13.09 -46.02
C LEU A 578 14.81 -11.72 -45.51
N PHE A 579 13.78 -10.99 -45.04
CA PHE A 579 13.88 -9.61 -44.56
C PHE A 579 13.27 -9.50 -43.21
N LEU A 580 13.88 -8.68 -42.37
CA LEU A 580 13.41 -8.40 -41.05
C LEU A 580 13.06 -6.95 -41.00
N GLY A 581 11.93 -6.66 -40.38
CA GLY A 581 11.62 -5.28 -40.06
C GLY A 581 11.31 -5.02 -38.59
N GLY A 582 11.63 -3.81 -38.13
CA GLY A 582 11.30 -3.35 -36.76
C GLY A 582 12.47 -2.79 -36.01
N CYS A 583 12.20 -2.37 -34.77
CA CYS A 583 13.18 -1.78 -33.88
C CYS A 583 14.36 -2.71 -33.60
N GLY A 584 14.14 -4.01 -33.74
CA GLY A 584 15.22 -4.95 -33.60
C GLY A 584 16.30 -4.69 -34.66
N ASN A 585 15.97 -4.04 -35.79
CA ASN A 585 17.03 -3.67 -36.77
C ASN A 585 18.03 -2.55 -36.29
N ILE A 586 17.59 -1.76 -35.36
CA ILE A 586 18.33 -0.52 -35.04
C ILE A 586 19.52 -0.88 -34.22
N PRO A 587 20.73 -0.55 -34.71
CA PRO A 587 21.94 -0.98 -34.01
C PRO A 587 22.69 0.01 -33.14
N THR A 588 22.13 1.19 -32.97
CA THR A 588 22.77 2.33 -32.35
C THR A 588 22.20 2.55 -30.93
N ALA A 589 22.86 3.41 -30.15
CA ALA A 589 22.30 3.89 -28.90
C ALA A 589 21.39 5.06 -29.21
N TYR A 590 20.10 4.88 -28.97
CA TYR A 590 19.13 5.94 -29.25
C TYR A 590 18.25 6.25 -28.05
N GLY A 591 17.90 7.52 -27.94
CA GLY A 591 16.98 7.98 -26.87
C GLY A 591 15.55 8.24 -27.35
N ALA A 592 15.40 8.69 -28.58
CA ALA A 592 14.05 9.01 -29.09
C ALA A 592 13.23 7.71 -29.39
N ASN A 593 11.95 7.88 -29.52
CA ASN A 593 11.03 6.79 -29.73
C ASN A 593 11.37 6.22 -31.14
N PRO A 594 11.61 4.93 -31.23
CA PRO A 594 12.21 4.30 -32.44
C PRO A 594 11.28 3.96 -33.61
N THR A 595 9.93 4.05 -33.49
CA THR A 595 9.08 3.44 -34.47
C THR A 595 9.27 4.10 -35.87
N LEU A 596 9.31 5.42 -35.93
CA LEU A 596 9.44 6.12 -37.19
C LEU A 596 10.72 5.72 -37.94
N THR A 597 11.76 5.58 -37.17
CA THR A 597 13.02 5.11 -37.74
C THR A 597 12.94 3.66 -38.26
N ALA A 598 12.28 2.75 -37.54
CA ALA A 598 12.11 1.34 -38.05
C ALA A 598 11.30 1.40 -39.31
N MET A 599 10.33 2.29 -39.33
CA MET A 599 9.51 2.44 -40.56
C MET A 599 10.32 2.95 -41.74
N SER A 600 11.20 3.89 -41.48
CA SER A 600 12.03 4.37 -42.55
C SER A 600 12.91 3.28 -43.12
N LEU A 601 13.47 2.48 -42.26
CA LEU A 601 14.26 1.36 -42.70
C LEU A 601 13.47 0.33 -43.54
N ALA A 602 12.20 0.15 -43.21
CA ALA A 602 11.28 -0.77 -43.91
C ALA A 602 10.97 -0.22 -45.31
N ILE A 603 10.81 1.11 -45.43
CA ILE A 603 10.66 1.77 -46.72
C ILE A 603 11.87 1.48 -47.61
N LYS A 604 13.07 1.58 -47.06
CA LYS A 604 14.33 1.36 -47.85
C LYS A 604 14.41 -0.10 -48.30
N SER A 605 13.98 -0.99 -47.42
CA SER A 605 13.98 -2.43 -47.65
C SER A 605 13.04 -2.77 -48.82
N CYS A 606 11.85 -2.18 -48.79
CA CYS A 606 10.89 -2.35 -49.88
C CYS A 606 11.45 -1.87 -51.21
N GLU A 607 12.32 -0.86 -51.16
CA GLU A 607 13.02 -0.45 -52.39
C GLU A 607 13.86 -1.59 -53.00
N TYR A 608 14.58 -2.33 -52.15
CA TYR A 608 15.39 -3.45 -52.61
C TYR A 608 14.48 -4.56 -53.16
N ILE A 609 13.43 -4.87 -52.44
CA ILE A 609 12.49 -5.90 -52.85
C ILE A 609 11.96 -5.56 -54.27
N LYS A 610 11.56 -4.28 -54.50
CA LYS A 610 11.04 -3.87 -55.82
C LYS A 610 12.08 -3.99 -56.94
N GLN A 611 13.35 -3.91 -56.59
CA GLN A 611 14.42 -3.97 -57.59
C GLN A 611 14.85 -5.41 -57.88
N ASN A 612 14.42 -6.36 -57.05
CA ASN A 612 14.93 -7.73 -57.16
C ASN A 612 13.88 -8.80 -57.34
N PHE A 613 12.58 -8.50 -57.18
CA PHE A 613 11.54 -9.57 -57.28
C PHE A 613 10.45 -8.99 -58.10
N THR A 614 9.93 -9.74 -59.04
CA THR A 614 8.90 -9.28 -59.92
C THR A 614 7.54 -9.77 -59.41
N PRO A 615 6.55 -8.90 -59.36
CA PRO A 615 5.22 -9.35 -58.98
C PRO A 615 4.67 -10.37 -59.94
N SER A 616 3.83 -11.31 -59.49
CA SER A 616 3.22 -12.30 -60.37
C SER A 616 2.13 -11.58 -61.18
N PRO A 617 1.79 -12.09 -62.37
CA PRO A 617 0.68 -11.46 -63.11
C PRO A 617 -0.67 -11.59 -62.35
N PHE A 618 -1.46 -10.53 -62.36
CA PHE A 618 -2.68 -10.38 -61.51
C PHE A 618 -3.66 -11.57 -61.56
N MET B 43 -28.60 7.76 -42.97
CA MET B 43 -29.55 7.64 -41.82
C MET B 43 -30.96 8.13 -42.18
N ASP B 44 -31.92 7.18 -42.35
CA ASP B 44 -33.39 7.50 -42.45
C ASP B 44 -33.78 8.22 -41.17
N ILE B 45 -34.86 9.00 -41.32
CA ILE B 45 -35.43 9.71 -40.20
C ILE B 45 -36.65 8.94 -39.67
N LYS B 46 -37.21 8.00 -40.46
CA LYS B 46 -38.48 7.27 -40.10
C LYS B 46 -38.40 5.72 -40.00
N TYR B 47 -38.73 5.13 -38.83
CA TYR B 47 -38.62 3.69 -38.56
C TYR B 47 -39.95 3.19 -37.96
N ASP B 48 -40.13 1.89 -37.93
CA ASP B 48 -41.17 1.26 -37.19
C ASP B 48 -40.87 1.25 -35.69
N VAL B 49 -39.66 0.85 -35.32
CA VAL B 49 -39.27 0.70 -33.95
C VAL B 49 -37.85 1.29 -33.85
N VAL B 50 -37.63 2.10 -32.80
CA VAL B 50 -36.29 2.60 -32.44
C VAL B 50 -35.97 2.09 -31.02
N ILE B 51 -34.75 1.59 -30.88
CA ILE B 51 -34.26 0.98 -29.65
C ILE B 51 -33.01 1.77 -29.27
N VAL B 52 -32.97 2.27 -28.05
CA VAL B 52 -31.84 3.02 -27.54
C VAL B 52 -31.05 1.97 -26.71
N GLY B 53 -29.88 1.65 -27.21
CA GLY B 53 -28.96 0.76 -26.49
C GLY B 53 -28.84 -0.59 -27.12
N SER B 54 -27.61 -1.07 -27.26
CA SER B 54 -27.26 -2.31 -27.92
C SER B 54 -26.71 -3.38 -26.99
N GLY B 55 -27.10 -3.31 -25.72
CA GLY B 55 -26.86 -4.39 -24.81
C GLY B 55 -27.75 -5.59 -25.07
N PRO B 56 -27.68 -6.61 -24.22
CA PRO B 56 -28.41 -7.84 -24.50
C PRO B 56 -29.88 -7.64 -24.44
N ILE B 57 -30.34 -6.59 -23.74
CA ILE B 57 -31.77 -6.39 -23.63
C ILE B 57 -32.31 -5.68 -24.90
N GLY B 58 -31.62 -4.61 -25.34
CA GLY B 58 -31.92 -3.99 -26.64
C GLY B 58 -31.89 -5.04 -27.71
N CYS B 59 -30.88 -5.91 -27.64
CA CYS B 59 -30.76 -6.96 -28.65
C CYS B 59 -31.90 -7.96 -28.59
N THR B 60 -32.50 -8.13 -27.45
CA THR B 60 -33.66 -9.05 -27.40
C THR B 60 -34.85 -8.44 -28.21
N TYR B 61 -35.15 -7.17 -27.93
CA TYR B 61 -36.13 -6.42 -28.71
C TYR B 61 -35.76 -6.48 -30.20
N ALA B 62 -34.48 -6.31 -30.54
CA ALA B 62 -34.13 -6.35 -31.96
C ALA B 62 -34.39 -7.75 -32.56
N ARG B 63 -33.90 -8.81 -31.91
CA ARG B 63 -34.15 -10.14 -32.39
C ARG B 63 -35.64 -10.42 -32.57
N GLU B 64 -36.48 -10.03 -31.63
CA GLU B 64 -37.88 -10.30 -31.75
C GLU B 64 -38.55 -9.46 -32.81
N LEU B 65 -38.24 -8.18 -32.92
CA LEU B 65 -38.99 -7.28 -33.79
C LEU B 65 -38.38 -7.22 -35.17
N VAL B 66 -37.07 -7.39 -35.32
CA VAL B 66 -36.53 -7.51 -36.68
C VAL B 66 -37.04 -8.82 -37.37
N GLY B 67 -37.04 -9.90 -36.59
CA GLY B 67 -37.57 -11.22 -36.99
C GLY B 67 -39.00 -11.15 -37.43
N ALA B 68 -39.79 -10.32 -36.77
CA ALA B 68 -41.20 -10.17 -37.06
C ALA B 68 -41.52 -9.17 -38.17
N GLY B 69 -40.49 -8.60 -38.82
CA GLY B 69 -40.70 -7.82 -40.05
C GLY B 69 -40.70 -6.27 -39.88
N TYR B 70 -40.50 -5.77 -38.66
CA TYR B 70 -40.46 -4.32 -38.34
C TYR B 70 -39.17 -3.69 -38.84
N LYS B 71 -39.30 -2.48 -39.39
CA LYS B 71 -38.15 -1.65 -39.75
C LYS B 71 -37.59 -1.05 -38.45
N VAL B 72 -36.44 -1.60 -38.04
CA VAL B 72 -35.85 -1.28 -36.71
C VAL B 72 -34.55 -0.45 -36.87
N ALA B 73 -34.39 0.63 -36.07
CA ALA B 73 -33.10 1.29 -35.90
C ALA B 73 -32.73 1.11 -34.47
N MET B 74 -31.43 0.98 -34.24
CA MET B 74 -30.92 0.87 -32.87
C MET B 74 -29.77 1.88 -32.75
N PHE B 75 -29.81 2.66 -31.70
CA PHE B 75 -28.80 3.67 -31.44
C PHE B 75 -27.99 3.29 -30.17
N ASP B 76 -26.68 3.47 -30.23
CA ASP B 76 -25.83 3.30 -29.08
C ASP B 76 -24.84 4.46 -28.97
N ILE B 77 -24.67 4.97 -27.74
CA ILE B 77 -23.84 6.10 -27.53
C ILE B 77 -22.38 5.71 -27.75
N GLY B 78 -22.11 4.43 -27.55
CA GLY B 78 -20.77 3.83 -27.67
C GLY B 78 -20.56 3.24 -29.04
N GLU B 79 -19.39 2.60 -29.23
CA GLU B 79 -18.88 2.30 -30.58
C GLU B 79 -18.57 0.82 -30.72
N ILE B 80 -18.36 0.39 -31.96
CA ILE B 80 -18.06 -0.99 -32.25
C ILE B 80 -16.59 -1.20 -31.99
N ASP B 81 -16.26 -2.08 -31.06
CA ASP B 81 -14.88 -2.45 -30.80
C ASP B 81 -14.50 -3.97 -30.72
N SER B 82 -15.43 -4.88 -30.41
CA SER B 82 -15.11 -6.30 -30.14
C SER B 82 -14.92 -7.20 -31.37
N GLY B 83 -14.04 -6.82 -32.30
CA GLY B 83 -13.80 -7.65 -33.47
C GLY B 83 -14.89 -7.64 -34.54
N LEU B 84 -14.82 -8.61 -35.45
CA LEU B 84 -15.78 -8.74 -36.58
C LEU B 84 -17.18 -9.09 -36.16
N LYS B 85 -17.31 -9.79 -35.05
CA LYS B 85 -18.62 -10.10 -34.46
C LYS B 85 -19.10 -8.89 -33.57
N ILE B 86 -20.07 -8.14 -34.12
CA ILE B 86 -20.47 -6.90 -33.51
C ILE B 86 -21.11 -7.19 -32.17
N GLY B 87 -20.58 -6.54 -31.16
CA GLY B 87 -21.13 -6.65 -29.81
C GLY B 87 -20.84 -7.98 -29.12
N ALA B 88 -19.82 -8.69 -29.58
CA ALA B 88 -19.47 -9.99 -28.98
C ALA B 88 -18.66 -9.90 -27.67
N HIS B 89 -18.51 -11.04 -26.97
CA HIS B 89 -17.75 -11.05 -25.74
C HIS B 89 -16.28 -10.84 -26.05
N LYS B 90 -15.62 -9.94 -25.32
CA LYS B 90 -14.23 -9.62 -25.56
C LYS B 90 -13.29 -10.68 -25.03
N LYS B 91 -13.79 -11.57 -24.21
CA LYS B 91 -13.01 -12.69 -23.65
C LYS B 91 -12.81 -13.80 -24.68
N ASN B 92 -13.51 -13.74 -25.83
CA ASN B 92 -13.44 -14.79 -26.83
C ASN B 92 -12.26 -14.61 -27.81
N THR B 93 -11.09 -14.41 -27.29
CA THR B 93 -9.89 -14.36 -28.12
C THR B 93 -8.96 -15.42 -27.52
N VAL B 94 -8.18 -16.01 -28.40
CA VAL B 94 -7.23 -16.95 -28.00
C VAL B 94 -6.34 -16.35 -26.97
N GLU B 95 -5.92 -15.13 -27.18
CA GLU B 95 -4.97 -14.49 -26.25
C GLU B 95 -5.52 -14.29 -24.83
N TYR B 96 -6.82 -13.95 -24.71
CA TYR B 96 -7.39 -13.74 -23.37
C TYR B 96 -7.63 -15.04 -22.75
N GLN B 97 -7.99 -16.07 -23.49
CA GLN B 97 -8.18 -17.30 -22.79
C GLN B 97 -6.85 -18.01 -22.48
N LYS B 98 -5.74 -17.67 -23.10
CA LYS B 98 -4.44 -18.12 -22.58
C LYS B 98 -3.88 -17.21 -21.47
N ASN B 99 -4.52 -16.09 -21.18
CA ASN B 99 -3.96 -15.13 -20.22
C ASN B 99 -5.13 -14.52 -19.50
N ILE B 100 -5.96 -15.36 -18.88
CA ILE B 100 -7.26 -14.92 -18.39
C ILE B 100 -7.18 -13.87 -17.27
N ASP B 101 -6.08 -13.89 -16.54
CA ASP B 101 -5.82 -12.90 -15.51
C ASP B 101 -5.67 -11.46 -16.05
N LYS B 102 -5.43 -11.27 -17.36
CA LYS B 102 -5.41 -9.92 -17.95
C LYS B 102 -6.74 -9.32 -18.27
N PHE B 103 -7.79 -10.12 -18.30
CA PHE B 103 -9.07 -9.64 -18.76
C PHE B 103 -9.67 -8.62 -17.75
N VAL B 104 -9.26 -8.65 -16.48
CA VAL B 104 -9.79 -7.70 -15.44
C VAL B 104 -9.46 -6.28 -15.94
N ASN B 105 -8.36 -6.11 -16.67
CA ASN B 105 -8.05 -4.83 -17.29
C ASN B 105 -9.08 -4.33 -18.31
N VAL B 106 -9.58 -5.23 -19.13
CA VAL B 106 -10.57 -4.91 -20.12
C VAL B 106 -11.86 -4.39 -19.41
N ILE B 107 -12.23 -5.08 -18.35
CA ILE B 107 -13.43 -4.80 -17.60
C ILE B 107 -13.27 -3.44 -17.00
N GLN B 108 -12.16 -3.22 -16.30
CA GLN B 108 -11.91 -1.94 -15.67
C GLN B 108 -11.85 -0.78 -16.67
N GLY B 109 -11.33 -1.07 -17.86
CA GLY B 109 -11.25 -0.07 -18.88
C GLY B 109 -12.61 0.42 -19.37
N GLN B 110 -13.67 -0.35 -19.21
CA GLN B 110 -14.91 0.09 -19.76
C GLN B 110 -15.97 0.38 -18.69
N LEU B 111 -15.63 0.34 -17.41
CA LEU B 111 -16.59 0.62 -16.33
C LEU B 111 -16.31 2.02 -15.81
N MET B 112 -17.23 2.91 -16.05
CA MET B 112 -17.07 4.34 -15.72
C MET B 112 -17.96 4.58 -14.50
N SER B 113 -17.38 5.04 -13.43
CA SER B 113 -18.13 5.25 -12.17
C SER B 113 -19.36 6.20 -12.37
N VAL B 114 -20.51 5.87 -11.78
CA VAL B 114 -21.70 6.66 -12.00
C VAL B 114 -21.69 7.97 -11.22
N SER B 115 -21.30 7.94 -9.95
CA SER B 115 -21.33 9.12 -9.01
C SER B 115 -20.12 9.05 -8.02
N VAL B 116 -19.16 9.94 -8.21
CA VAL B 116 -17.98 10.03 -7.40
C VAL B 116 -18.15 11.31 -6.58
N PRO B 117 -18.15 11.21 -5.26
CA PRO B 117 -18.31 12.35 -4.40
C PRO B 117 -17.12 13.22 -4.42
N VAL B 118 -17.26 14.47 -3.99
CA VAL B 118 -16.14 15.42 -3.98
C VAL B 118 -15.04 14.81 -3.08
N ASN B 119 -13.80 14.77 -3.58
CA ASN B 119 -12.67 14.17 -2.86
C ASN B 119 -12.21 15.07 -1.70
N THR B 120 -11.96 14.50 -0.53
CA THR B 120 -11.52 15.31 0.63
C THR B 120 -10.22 14.78 1.20
N LEU B 121 -9.44 14.02 0.41
CA LEU B 121 -8.08 13.59 0.81
C LEU B 121 -7.17 14.82 0.94
N VAL B 122 -6.38 14.88 2.00
CA VAL B 122 -5.50 16.01 2.27
C VAL B 122 -4.16 15.69 1.62
N VAL B 123 -3.75 16.45 0.64
CA VAL B 123 -2.41 16.34 0.10
C VAL B 123 -1.65 17.56 0.61
N ASP B 124 -0.83 17.36 1.66
CA ASP B 124 -0.17 18.48 2.29
C ASP B 124 1.36 18.40 2.09
N THR B 125 1.82 17.54 1.19
CA THR B 125 3.22 17.52 0.83
C THR B 125 3.55 18.08 -0.58
N LEU B 126 2.69 18.95 -1.12
CA LEU B 126 3.00 19.68 -2.35
C LEU B 126 4.16 20.63 -2.08
N SER B 127 4.98 20.90 -3.08
CA SER B 127 5.94 21.99 -2.98
C SER B 127 5.17 23.27 -2.63
N PRO B 128 5.77 24.12 -1.81
CA PRO B 128 5.26 25.52 -1.56
C PRO B 128 5.11 26.28 -2.86
N THR B 129 5.80 25.94 -3.97
CA THR B 129 5.55 26.70 -5.23
C THR B 129 4.35 26.21 -6.06
N SER B 130 3.81 25.02 -5.77
CA SER B 130 2.74 24.47 -6.52
C SER B 130 1.42 25.14 -6.12
N TRP B 131 0.55 25.26 -7.08
CA TRP B 131 -0.78 25.73 -6.85
C TRP B 131 -1.49 24.78 -5.93
N GLN B 132 -2.02 25.35 -4.84
CA GLN B 132 -2.58 24.57 -3.77
C GLN B 132 -4.00 25.08 -3.43
N ALA B 133 -4.88 24.11 -3.23
CA ALA B 133 -6.30 24.37 -3.04
C ALA B 133 -6.53 25.07 -1.70
N SER B 134 -7.52 25.97 -1.64
CA SER B 134 -8.06 26.37 -0.30
C SER B 134 -9.26 25.60 0.21
N THR B 135 -9.96 24.89 -0.70
CA THR B 135 -11.14 24.18 -0.35
C THR B 135 -11.12 22.87 -1.15
N PHE B 136 -12.00 21.95 -0.77
CA PHE B 136 -12.16 20.73 -1.51
C PHE B 136 -13.16 21.04 -2.63
N PHE B 137 -12.71 21.70 -3.68
CA PHE B 137 -13.66 22.21 -4.71
C PHE B 137 -13.98 21.07 -5.70
N VAL B 138 -14.96 21.30 -6.56
CA VAL B 138 -15.36 20.25 -7.49
C VAL B 138 -14.31 20.03 -8.58
N ARG B 139 -13.62 18.90 -8.52
CA ARG B 139 -12.56 18.52 -9.47
C ARG B 139 -12.85 17.21 -10.18
N ASN B 140 -12.15 17.02 -11.29
CA ASN B 140 -12.07 15.74 -11.95
C ASN B 140 -13.41 15.02 -12.17
N GLY B 141 -14.46 15.71 -12.56
CA GLY B 141 -15.78 15.04 -12.77
C GLY B 141 -16.50 14.57 -11.51
N SER B 142 -16.04 14.98 -10.35
CA SER B 142 -16.76 14.64 -9.14
C SER B 142 -18.11 15.31 -9.05
N ASN B 143 -18.98 14.67 -8.28
CA ASN B 143 -20.38 15.08 -8.08
C ASN B 143 -20.67 15.76 -6.74
N PRO B 144 -20.72 17.12 -6.69
CA PRO B 144 -21.04 17.73 -5.40
C PRO B 144 -22.39 17.44 -4.85
N GLU B 145 -23.32 16.89 -5.61
CA GLU B 145 -24.63 16.48 -5.02
C GLU B 145 -24.55 15.22 -4.15
N GLN B 146 -23.50 14.41 -4.34
CA GLN B 146 -23.41 13.09 -3.79
C GLN B 146 -22.89 13.09 -2.38
N ASP B 147 -23.72 12.62 -1.45
CA ASP B 147 -23.28 12.35 -0.10
C ASP B 147 -22.42 11.06 -0.15
N PRO B 148 -21.16 11.14 0.29
CA PRO B 148 -20.27 9.97 0.16
C PRO B 148 -20.69 8.83 1.02
N LEU B 149 -21.49 9.07 2.05
CA LEU B 149 -21.89 7.99 2.97
C LEU B 149 -23.23 7.36 2.62
N ARG B 150 -23.85 7.84 1.54
CA ARG B 150 -25.17 7.25 1.09
C ARG B 150 -25.12 6.98 -0.40
N ASN B 151 -23.99 6.45 -0.81
CA ASN B 151 -23.69 6.21 -2.26
C ASN B 151 -23.67 4.70 -2.61
N LEU B 152 -23.73 4.47 -3.93
CA LEU B 152 -23.36 3.18 -4.50
C LEU B 152 -22.09 3.53 -5.21
N SER B 153 -21.03 3.67 -4.44
CA SER B 153 -19.76 4.07 -5.02
C SER B 153 -19.18 3.13 -6.09
N GLY B 154 -19.49 1.85 -6.02
CA GLY B 154 -19.00 0.89 -6.99
C GLY B 154 -19.84 0.80 -8.24
N GLN B 155 -20.98 1.49 -8.25
CA GLN B 155 -21.86 1.47 -9.44
C GLN B 155 -21.09 2.09 -10.62
N ALA B 156 -21.15 1.42 -11.75
CA ALA B 156 -20.47 1.88 -12.95
C ALA B 156 -21.33 1.52 -14.18
N VAL B 157 -21.03 2.16 -15.32
CA VAL B 157 -21.72 2.00 -16.57
C VAL B 157 -20.71 1.80 -17.71
N THR B 158 -21.18 1.19 -18.79
CA THR B 158 -20.32 0.83 -19.91
C THR B 158 -20.96 1.44 -21.16
N ARG B 159 -20.17 2.12 -22.00
CA ARG B 159 -20.68 2.63 -23.22
C ARG B 159 -19.86 2.08 -24.35
N VAL B 160 -20.32 0.96 -24.86
CA VAL B 160 -19.73 0.29 -25.99
C VAL B 160 -20.86 -0.50 -26.64
N VAL B 161 -20.76 -0.75 -27.91
CA VAL B 161 -21.78 -1.64 -28.56
C VAL B 161 -21.73 -3.05 -27.93
N GLY B 162 -22.89 -3.56 -27.52
CA GLY B 162 -23.05 -4.79 -26.76
C GLY B 162 -23.16 -4.54 -25.26
N GLY B 163 -22.90 -3.30 -24.88
CA GLY B 163 -22.92 -2.87 -23.48
C GLY B 163 -22.07 -3.71 -22.59
N MET B 164 -22.63 -4.06 -21.45
CA MET B 164 -21.84 -4.74 -20.39
C MET B 164 -21.67 -6.22 -20.73
N SER B 165 -22.43 -6.72 -21.71
CA SER B 165 -22.32 -8.14 -22.14
C SER B 165 -21.10 -8.38 -22.92
N THR B 166 -20.35 -7.35 -23.22
CA THR B 166 -19.03 -7.51 -23.86
C THR B 166 -17.99 -8.00 -22.87
N ALA B 167 -18.30 -7.94 -21.59
CA ALA B 167 -17.32 -8.28 -20.54
C ALA B 167 -17.96 -9.07 -19.38
N TRP B 168 -19.25 -9.30 -19.36
CA TRP B 168 -19.82 -10.03 -18.23
C TRP B 168 -19.38 -11.48 -17.97
N THR B 169 -19.76 -11.95 -16.81
CA THR B 169 -19.47 -13.27 -16.29
C THR B 169 -20.38 -14.39 -16.82
N CYS B 170 -21.48 -14.04 -17.46
CA CYS B 170 -22.42 -14.95 -18.16
C CYS B 170 -23.22 -15.85 -17.29
N ALA B 171 -23.30 -15.54 -16.00
CA ALA B 171 -24.11 -16.33 -15.07
C ALA B 171 -25.59 -15.96 -15.23
N THR B 172 -26.41 -16.94 -15.64
CA THR B 172 -27.82 -16.72 -15.92
C THR B 172 -28.75 -17.68 -15.17
N PRO B 173 -28.87 -17.54 -13.82
CA PRO B 173 -29.88 -18.34 -13.14
C PRO B 173 -31.26 -17.77 -13.26
N ARG B 174 -32.26 -18.64 -13.13
CA ARG B 174 -33.65 -18.23 -12.98
C ARG B 174 -33.91 -17.75 -11.55
N PHE B 175 -34.92 -16.92 -11.34
CA PHE B 175 -35.36 -16.55 -10.01
C PHE B 175 -36.50 -17.56 -9.69
N ASP B 176 -36.54 -17.99 -8.45
CA ASP B 176 -37.66 -18.75 -7.83
C ASP B 176 -38.71 -17.74 -7.41
N ARG B 177 -39.86 -18.23 -6.98
CA ARG B 177 -40.98 -17.35 -6.72
C ARG B 177 -40.64 -16.21 -5.80
N GLU B 178 -39.94 -16.52 -4.72
CA GLU B 178 -39.63 -15.55 -3.65
C GLU B 178 -38.94 -14.29 -4.21
N GLN B 179 -38.17 -14.41 -5.29
CA GLN B 179 -37.31 -13.34 -5.79
C GLN B 179 -37.95 -12.54 -6.97
N ARG B 180 -39.12 -13.00 -7.41
CA ARG B 180 -39.61 -12.77 -8.77
C ARG B 180 -40.93 -12.01 -8.79
N PRO B 181 -41.06 -11.00 -9.64
CA PRO B 181 -42.32 -10.27 -9.66
C PRO B 181 -43.42 -11.09 -10.30
N LEU B 182 -44.64 -10.82 -9.95
CA LEU B 182 -45.77 -11.56 -10.51
C LEU B 182 -46.09 -11.06 -11.93
N LEU B 183 -46.39 -12.01 -12.81
CA LEU B 183 -46.87 -11.70 -14.13
C LEU B 183 -48.37 -12.12 -14.24
N VAL B 184 -48.86 -12.98 -13.37
CA VAL B 184 -50.30 -13.35 -13.29
C VAL B 184 -50.73 -13.20 -11.85
N LYS B 185 -51.81 -12.50 -11.56
CA LYS B 185 -52.27 -12.37 -10.15
C LYS B 185 -53.10 -13.58 -9.78
N ASP B 186 -53.03 -14.02 -8.52
CA ASP B 186 -53.96 -15.00 -7.95
C ASP B 186 -54.01 -16.30 -8.72
N ASP B 187 -52.86 -16.77 -9.21
CA ASP B 187 -52.78 -18.12 -9.82
C ASP B 187 -51.32 -18.45 -9.94
N ALA B 188 -50.75 -18.97 -8.85
CA ALA B 188 -49.34 -19.22 -8.76
C ALA B 188 -48.87 -20.21 -9.84
N ASP B 189 -49.64 -21.26 -10.08
CA ASP B 189 -49.29 -22.22 -11.12
C ASP B 189 -49.26 -21.57 -12.54
N ALA B 190 -50.22 -20.71 -12.89
CA ALA B 190 -50.19 -19.99 -14.16
C ALA B 190 -49.02 -19.01 -14.21
N ASP B 191 -48.74 -18.32 -13.11
CA ASP B 191 -47.55 -17.42 -13.01
C ASP B 191 -46.27 -18.19 -13.30
N ASP B 192 -46.12 -19.32 -12.65
CA ASP B 192 -44.92 -20.18 -12.87
C ASP B 192 -44.83 -20.65 -14.31
N ALA B 193 -45.98 -20.98 -14.91
CA ALA B 193 -45.98 -21.50 -16.31
C ALA B 193 -45.54 -20.39 -17.28
N GLU B 194 -46.03 -19.18 -17.01
CA GLU B 194 -45.65 -18.04 -17.83
C GLU B 194 -44.14 -17.72 -17.73
N TRP B 195 -43.60 -17.74 -16.50
CA TRP B 195 -42.16 -17.55 -16.34
C TRP B 195 -41.31 -18.68 -16.93
N ASP B 196 -41.78 -19.90 -16.83
CA ASP B 196 -41.03 -21.04 -17.48
C ASP B 196 -40.93 -20.84 -18.99
N ARG B 197 -42.04 -20.43 -19.61
CA ARG B 197 -42.10 -20.23 -21.03
C ARG B 197 -41.07 -19.13 -21.42
N LEU B 198 -41.06 -18.02 -20.66
CA LEU B 198 -40.21 -16.88 -20.92
C LEU B 198 -38.77 -17.21 -20.67
N TYR B 199 -38.48 -17.79 -19.52
CA TYR B 199 -37.14 -18.22 -19.22
C TYR B 199 -36.57 -19.22 -20.22
N THR B 200 -37.34 -20.23 -20.64
CA THR B 200 -36.88 -21.15 -21.68
C THR B 200 -36.45 -20.45 -22.94
N LYS B 201 -37.25 -19.53 -23.43
CA LYS B 201 -36.82 -18.74 -24.61
C LYS B 201 -35.57 -17.93 -24.31
N ALA B 202 -35.57 -17.19 -23.20
CA ALA B 202 -34.38 -16.37 -22.86
C ALA B 202 -33.10 -17.25 -22.79
N GLU B 203 -33.20 -18.39 -22.11
CA GLU B 203 -32.07 -19.40 -22.12
C GLU B 203 -31.64 -19.80 -23.55
N SER B 204 -32.57 -20.03 -24.47
CA SER B 204 -32.15 -20.37 -25.82
C SER B 204 -31.47 -19.17 -26.49
N TYR B 205 -31.92 -17.94 -26.22
CA TYR B 205 -31.30 -16.74 -26.83
C TYR B 205 -29.84 -16.54 -26.36
N PHE B 206 -29.63 -16.72 -25.05
CA PHE B 206 -28.31 -16.58 -24.46
C PHE B 206 -27.41 -17.83 -24.60
N GLN B 207 -27.98 -18.95 -25.05
CA GLN B 207 -27.33 -20.27 -25.10
C GLN B 207 -26.83 -20.69 -23.68
N THR B 208 -27.70 -20.51 -22.69
CA THR B 208 -27.44 -20.95 -21.33
C THR B 208 -27.41 -22.47 -21.24
N GLY B 209 -26.50 -22.99 -20.43
CA GLY B 209 -26.23 -24.42 -20.30
C GLY B 209 -25.71 -24.65 -18.88
N THR B 210 -25.68 -25.91 -18.46
CA THR B 210 -25.16 -26.25 -17.15
C THR B 210 -24.17 -27.45 -17.20
N ASP B 211 -23.57 -27.63 -18.37
CA ASP B 211 -22.64 -28.73 -18.55
C ASP B 211 -21.34 -28.39 -19.22
N GLN B 212 -21.06 -27.11 -19.41
CA GLN B 212 -19.82 -26.69 -20.06
C GLN B 212 -18.53 -27.00 -19.26
N PHE B 213 -18.66 -27.17 -17.96
CA PHE B 213 -17.56 -27.48 -17.07
C PHE B 213 -17.64 -28.84 -16.39
N LYS B 214 -18.43 -29.76 -16.96
CA LYS B 214 -18.71 -31.06 -16.33
C LYS B 214 -17.46 -31.94 -16.18
N GLU B 215 -16.48 -31.75 -17.05
CA GLU B 215 -15.27 -32.52 -16.97
C GLU B 215 -14.05 -31.77 -16.39
N SER B 216 -14.29 -30.69 -15.66
CA SER B 216 -13.21 -30.00 -14.94
C SER B 216 -12.95 -30.73 -13.63
N ILE B 217 -11.71 -31.06 -13.40
CA ILE B 217 -11.33 -31.67 -12.16
C ILE B 217 -11.66 -30.73 -10.99
N ARG B 218 -11.24 -29.48 -11.10
CA ARG B 218 -11.42 -28.50 -10.03
C ARG B 218 -12.91 -28.27 -9.77
N HIS B 219 -13.64 -28.12 -10.84
CA HIS B 219 -15.09 -28.02 -10.68
C HIS B 219 -15.67 -29.19 -9.91
N ASN B 220 -15.34 -30.43 -10.30
CA ASN B 220 -15.92 -31.59 -9.65
C ASN B 220 -15.40 -31.80 -8.26
N LEU B 221 -14.13 -31.45 -8.02
CA LEU B 221 -13.59 -31.56 -6.69
C LEU B 221 -14.34 -30.72 -5.72
N VAL B 222 -14.62 -29.46 -6.12
CA VAL B 222 -15.40 -28.58 -5.30
C VAL B 222 -16.90 -29.00 -5.22
N LEU B 223 -17.48 -29.29 -6.35
CA LEU B 223 -18.88 -29.69 -6.36
C LEU B 223 -19.15 -30.89 -5.46
N ASN B 224 -18.29 -31.91 -5.55
CA ASN B 224 -18.49 -33.16 -4.81
C ASN B 224 -18.32 -32.98 -3.32
N LYS B 225 -17.34 -32.21 -2.90
CA LYS B 225 -17.12 -31.97 -1.49
C LYS B 225 -18.32 -31.17 -0.88
N LEU B 226 -18.83 -30.19 -1.59
CA LEU B 226 -19.94 -29.41 -1.07
C LEU B 226 -21.25 -30.23 -1.12
N THR B 227 -21.51 -30.94 -2.24
CA THR B 227 -22.64 -31.89 -2.23
C THR B 227 -22.62 -32.80 -0.99
N GLU B 228 -21.49 -33.43 -0.74
CA GLU B 228 -21.37 -34.32 0.40
C GLU B 228 -21.58 -33.60 1.72
N GLU B 229 -20.95 -32.47 1.90
CA GLU B 229 -21.05 -31.79 3.18
C GLU B 229 -22.44 -31.27 3.55
N TYR B 230 -23.23 -30.92 2.55
CA TYR B 230 -24.56 -30.49 2.78
C TYR B 230 -25.62 -31.50 2.30
N LYS B 231 -25.25 -32.75 2.25
CA LYS B 231 -26.18 -33.82 1.82
C LYS B 231 -27.51 -33.76 2.60
N GLY B 232 -28.60 -33.67 1.86
CA GLY B 232 -29.93 -33.51 2.41
C GLY B 232 -30.23 -32.14 2.96
N GLN B 233 -29.37 -31.16 2.74
CA GLN B 233 -29.63 -29.83 3.27
C GLN B 233 -29.65 -28.79 2.16
N ARG B 234 -28.72 -28.90 1.23
CA ARG B 234 -28.70 -27.99 0.10
C ARG B 234 -28.18 -28.68 -1.14
N ASP B 235 -28.71 -28.25 -2.28
CA ASP B 235 -28.27 -28.78 -3.56
C ASP B 235 -27.26 -27.84 -4.22
N PHE B 236 -26.30 -28.44 -4.90
CA PHE B 236 -25.26 -27.74 -5.62
C PHE B 236 -25.28 -28.25 -7.05
N GLN B 237 -24.89 -27.39 -7.97
CA GLN B 237 -24.91 -27.66 -9.42
C GLN B 237 -23.93 -26.73 -10.04
N GLN B 238 -23.71 -26.86 -11.33
CA GLN B 238 -23.04 -25.83 -12.09
C GLN B 238 -23.90 -24.55 -12.17
N ILE B 239 -23.20 -23.43 -12.00
CA ILE B 239 -23.73 -22.09 -12.36
C ILE B 239 -24.29 -22.19 -13.75
N PRO B 240 -25.57 -21.89 -13.91
CA PRO B 240 -26.02 -21.82 -15.30
C PRO B 240 -25.28 -20.69 -15.99
N LEU B 241 -24.65 -20.99 -17.13
CA LEU B 241 -23.77 -20.09 -17.84
C LEU B 241 -24.20 -19.95 -19.30
N ALA B 242 -24.27 -18.68 -19.70
CA ALA B 242 -24.46 -18.32 -21.08
C ALA B 242 -23.16 -18.50 -21.85
N ALA B 243 -22.95 -19.66 -22.46
CA ALA B 243 -21.61 -20.02 -23.01
C ALA B 243 -21.73 -21.35 -23.78
N THR B 244 -20.93 -21.50 -24.84
CA THR B 244 -20.78 -22.75 -25.57
C THR B 244 -19.32 -23.19 -25.50
N ARG B 245 -19.04 -24.38 -24.98
CA ARG B 245 -17.62 -24.86 -25.05
C ARG B 245 -17.25 -25.20 -26.51
N ARG B 246 -16.10 -24.70 -26.97
CA ARG B 246 -15.65 -25.03 -28.33
C ARG B 246 -14.48 -26.01 -28.36
N SER B 247 -13.70 -26.09 -27.29
CA SER B 247 -12.56 -26.98 -27.29
C SER B 247 -12.31 -27.22 -25.82
N PRO B 248 -11.44 -28.16 -25.46
CA PRO B 248 -11.11 -28.29 -24.06
C PRO B 248 -10.46 -27.06 -23.39
N THR B 249 -9.94 -26.13 -24.16
CA THR B 249 -9.30 -24.97 -23.58
C THR B 249 -9.95 -23.64 -23.98
N PHE B 250 -11.09 -23.67 -24.68
CA PHE B 250 -11.69 -22.44 -25.18
C PHE B 250 -13.22 -22.50 -25.04
N VAL B 251 -13.79 -21.42 -24.49
CA VAL B 251 -15.20 -21.31 -24.26
C VAL B 251 -15.65 -20.08 -25.01
N GLU B 252 -16.71 -20.21 -25.80
CA GLU B 252 -17.26 -19.07 -26.49
C GLU B 252 -18.32 -18.54 -25.58
N TRP B 253 -17.91 -17.57 -24.81
CA TRP B 253 -18.86 -16.87 -23.90
C TRP B 253 -19.92 -16.10 -24.68
N SER B 254 -21.16 -16.15 -24.21
CA SER B 254 -22.24 -15.46 -24.92
C SER B 254 -22.26 -13.99 -24.62
N SER B 255 -22.98 -13.25 -25.43
CA SER B 255 -23.05 -11.80 -25.34
C SER B 255 -24.34 -11.32 -26.05
N ALA B 256 -24.51 -10.01 -26.10
CA ALA B 256 -25.49 -9.36 -27.01
C ALA B 256 -25.44 -9.97 -28.38
N ASN B 257 -24.24 -10.18 -28.89
CA ASN B 257 -24.08 -10.72 -30.24
C ASN B 257 -24.72 -12.07 -30.42
N THR B 258 -24.67 -12.90 -29.38
CA THR B 258 -25.40 -14.21 -29.36
C THR B 258 -26.93 -14.05 -29.55
N VAL B 259 -27.50 -13.07 -28.87
CA VAL B 259 -28.92 -12.78 -28.96
C VAL B 259 -29.29 -12.29 -30.39
N PHE B 260 -28.50 -11.36 -30.91
CA PHE B 260 -28.73 -10.71 -32.19
C PHE B 260 -27.37 -10.22 -32.69
N ASP B 261 -27.05 -10.53 -33.94
CA ASP B 261 -25.68 -10.34 -34.47
C ASP B 261 -25.35 -8.90 -34.83
N LEU B 262 -26.36 -8.03 -34.83
CA LEU B 262 -26.19 -6.56 -34.91
C LEU B 262 -25.71 -6.13 -36.33
N GLN B 263 -25.76 -7.06 -37.28
CA GLN B 263 -25.44 -6.74 -38.68
C GLN B 263 -26.61 -5.98 -39.33
N ASN B 264 -26.31 -4.98 -40.10
CA ASN B 264 -27.37 -4.28 -40.80
C ASN B 264 -28.09 -5.21 -41.75
N ARG B 265 -29.38 -4.94 -41.89
CA ARG B 265 -30.25 -5.75 -42.79
C ARG B 265 -31.12 -4.83 -43.60
N PRO B 266 -31.49 -5.24 -44.83
CA PRO B 266 -31.35 -6.57 -45.37
C PRO B 266 -29.93 -6.99 -45.71
N ASN B 267 -29.65 -8.27 -45.58
CA ASN B 267 -28.36 -8.78 -46.03
C ASN B 267 -28.63 -10.14 -46.68
N THR B 268 -27.58 -10.76 -47.23
CA THR B 268 -27.70 -12.07 -47.86
C THR B 268 -28.35 -13.08 -46.96
N ASP B 269 -27.98 -13.16 -45.68
CA ASP B 269 -28.60 -14.15 -44.81
C ASP B 269 -30.00 -13.77 -44.36
N ALA B 270 -30.39 -12.51 -44.48
CA ALA B 270 -31.74 -12.08 -44.04
C ALA B 270 -32.22 -11.04 -45.05
N PRO B 271 -32.64 -11.48 -46.25
CA PRO B 271 -32.91 -10.47 -47.29
C PRO B 271 -34.25 -9.73 -47.13
N GLU B 272 -35.08 -10.16 -46.20
CA GLU B 272 -36.35 -9.48 -45.96
C GLU B 272 -36.48 -8.74 -44.65
N GLU B 273 -35.39 -8.60 -43.95
CA GLU B 273 -35.37 -7.98 -42.63
C GLU B 273 -34.75 -6.59 -42.76
N ARG B 274 -35.09 -5.73 -41.81
CA ARG B 274 -34.70 -4.34 -41.87
C ARG B 274 -34.20 -3.95 -40.49
N PHE B 275 -32.92 -3.65 -40.41
CA PHE B 275 -32.22 -3.32 -39.16
C PHE B 275 -31.02 -2.41 -39.50
N ASN B 276 -30.93 -1.29 -38.80
CA ASN B 276 -29.70 -0.49 -38.83
C ASN B 276 -29.24 -0.22 -37.44
N LEU B 277 -27.94 -0.35 -37.22
CA LEU B 277 -27.33 0.03 -35.94
C LEU B 277 -26.54 1.32 -36.15
N PHE B 278 -26.70 2.31 -35.26
CA PHE B 278 -26.02 3.59 -35.38
C PHE B 278 -25.11 3.84 -34.15
N PRO B 279 -23.83 3.51 -34.24
CA PRO B 279 -23.03 3.71 -33.03
C PRO B 279 -22.62 5.20 -32.85
N ALA B 280 -22.06 5.55 -31.69
CA ALA B 280 -21.63 6.90 -31.39
C ALA B 280 -22.80 7.89 -31.56
N VAL B 281 -24.01 7.51 -31.14
CA VAL B 281 -25.20 8.35 -31.14
C VAL B 281 -25.76 8.43 -29.75
N ALA B 282 -25.69 9.59 -29.13
CA ALA B 282 -26.17 9.80 -27.78
C ALA B 282 -27.65 10.14 -27.90
N CYS B 283 -28.51 9.32 -27.32
CA CYS B 283 -29.94 9.59 -27.27
C CYS B 283 -30.23 10.43 -26.03
N GLU B 284 -30.87 11.57 -26.22
CA GLU B 284 -30.97 12.53 -25.14
C GLU B 284 -32.34 12.72 -24.57
N ARG B 285 -33.37 12.66 -25.41
CA ARG B 285 -34.72 12.88 -24.94
C ARG B 285 -35.65 12.06 -25.78
N VAL B 286 -36.70 11.55 -25.18
CA VAL B 286 -37.91 11.20 -25.91
C VAL B 286 -38.91 12.41 -25.77
N VAL B 287 -39.49 12.87 -26.85
CA VAL B 287 -40.29 14.05 -26.84
C VAL B 287 -41.73 13.63 -26.62
N ARG B 288 -42.30 14.06 -25.48
CA ARG B 288 -43.68 13.69 -25.15
C ARG B 288 -44.62 14.62 -25.88
N ASN B 289 -45.83 14.15 -26.26
CA ASN B 289 -46.79 15.06 -26.87
C ASN B 289 -47.36 15.91 -25.71
N ALA B 290 -48.08 16.98 -26.00
CA ALA B 290 -48.57 17.85 -24.95
C ALA B 290 -49.52 17.05 -24.07
N LEU B 291 -50.23 16.09 -24.67
CA LEU B 291 -51.22 15.34 -23.87
C LEU B 291 -50.58 14.27 -22.94
N ASN B 292 -49.28 14.04 -23.02
CA ASN B 292 -48.67 12.99 -22.21
C ASN B 292 -49.34 11.58 -22.42
N SER B 293 -49.51 11.25 -23.70
CA SER B 293 -50.14 10.00 -24.12
C SER B 293 -49.35 9.28 -25.19
N GLU B 294 -48.34 9.95 -25.75
CA GLU B 294 -47.54 9.35 -26.80
C GLU B 294 -46.16 10.03 -26.89
N ILE B 295 -45.15 9.27 -27.32
CA ILE B 295 -43.87 9.83 -27.70
C ILE B 295 -43.91 10.18 -29.21
N GLU B 296 -43.44 11.39 -29.51
CA GLU B 296 -43.49 11.98 -30.84
C GLU B 296 -42.17 11.89 -31.62
N SER B 297 -41.06 11.84 -30.88
CA SER B 297 -39.73 11.69 -31.47
C SER B 297 -38.68 11.30 -30.46
N LEU B 298 -37.53 10.86 -30.97
CA LEU B 298 -36.33 10.64 -30.14
C LEU B 298 -35.27 11.67 -30.57
N HIS B 299 -34.81 12.50 -29.64
CA HIS B 299 -33.83 13.56 -29.97
C HIS B 299 -32.48 12.94 -29.79
N ILE B 300 -31.65 12.97 -30.84
CA ILE B 300 -30.33 12.37 -30.80
C ILE B 300 -29.21 13.34 -31.17
N HIS B 301 -27.99 12.98 -30.80
CA HIS B 301 -26.84 13.76 -31.09
C HIS B 301 -25.80 12.82 -31.65
N ASP B 302 -25.44 12.98 -32.89
CA ASP B 302 -24.39 12.19 -33.47
C ASP B 302 -23.04 12.68 -32.97
N LEU B 303 -22.33 11.86 -32.23
CA LEU B 303 -21.08 12.31 -31.59
C LEU B 303 -19.94 12.57 -32.53
N ILE B 304 -20.01 12.06 -33.76
CA ILE B 304 -18.89 12.19 -34.71
C ILE B 304 -19.13 13.42 -35.58
N SER B 305 -20.30 13.54 -36.18
CA SER B 305 -20.61 14.72 -36.99
C SER B 305 -20.94 15.93 -36.07
N GLY B 306 -21.45 15.72 -34.87
CA GLY B 306 -21.97 16.83 -34.07
C GLY B 306 -23.43 17.19 -34.35
N ASP B 307 -24.02 16.65 -35.41
CA ASP B 307 -25.40 16.99 -35.79
C ASP B 307 -26.44 16.40 -34.82
N ARG B 308 -27.55 17.12 -34.65
CA ARG B 308 -28.65 16.66 -33.84
C ARG B 308 -29.84 16.38 -34.75
N PHE B 309 -30.67 15.40 -34.43
CA PHE B 309 -31.79 15.00 -35.26
C PHE B 309 -32.95 14.61 -34.34
N GLU B 310 -34.14 14.62 -34.90
CA GLU B 310 -35.36 14.13 -34.28
C GLU B 310 -35.72 12.88 -35.11
N ILE B 311 -35.57 11.68 -34.52
CA ILE B 311 -35.95 10.42 -35.18
C ILE B 311 -37.40 10.09 -34.88
N LYS B 312 -38.16 9.77 -35.91
CA LYS B 312 -39.56 9.35 -35.77
C LYS B 312 -39.68 7.80 -35.84
N ALA B 313 -40.53 7.24 -34.97
CA ALA B 313 -40.82 5.82 -34.90
C ALA B 313 -42.25 5.67 -34.44
N ASP B 314 -42.84 4.52 -34.74
CA ASP B 314 -44.09 4.12 -34.14
C ASP B 314 -43.90 3.69 -32.67
N VAL B 315 -42.77 3.04 -32.39
CA VAL B 315 -42.52 2.38 -31.11
C VAL B 315 -41.15 2.81 -30.67
N TYR B 316 -41.05 3.18 -29.41
CA TYR B 316 -39.80 3.63 -28.84
C TYR B 316 -39.49 2.71 -27.65
N VAL B 317 -38.30 2.14 -27.65
CA VAL B 317 -37.84 1.17 -26.65
C VAL B 317 -36.56 1.68 -26.05
N LEU B 318 -36.56 1.84 -24.73
CA LEU B 318 -35.37 2.30 -24.03
C LEU B 318 -34.68 1.14 -23.27
N THR B 319 -33.49 0.79 -23.72
CA THR B 319 -32.73 -0.25 -23.12
C THR B 319 -31.29 0.21 -22.87
N ALA B 320 -31.17 1.39 -22.23
CA ALA B 320 -29.87 2.04 -21.98
C ALA B 320 -29.20 1.66 -20.63
N GLY B 321 -29.76 0.69 -19.92
CA GLY B 321 -29.28 0.23 -18.61
C GLY B 321 -30.13 0.91 -17.51
N ALA B 322 -30.00 0.38 -16.32
CA ALA B 322 -30.81 0.80 -15.20
C ALA B 322 -30.57 2.26 -14.81
N VAL B 323 -29.33 2.77 -14.98
CA VAL B 323 -29.03 4.19 -14.67
C VAL B 323 -29.45 5.10 -15.81
N HIS B 324 -29.03 4.75 -17.01
CA HIS B 324 -29.25 5.61 -18.15
C HIS B 324 -30.65 5.64 -18.74
N ASN B 325 -31.43 4.59 -18.60
CA ASN B 325 -32.84 4.65 -18.92
C ASN B 325 -33.49 5.75 -18.04
N THR B 326 -33.12 5.77 -16.79
CA THR B 326 -33.74 6.72 -15.83
C THR B 326 -33.32 8.10 -16.15
N GLN B 327 -32.06 8.29 -16.43
CA GLN B 327 -31.55 9.59 -16.84
C GLN B 327 -32.28 10.15 -18.09
N LEU B 328 -32.45 9.32 -19.09
CA LEU B 328 -33.08 9.75 -20.34
C LEU B 328 -34.54 10.16 -20.08
N LEU B 329 -35.24 9.37 -19.27
CA LEU B 329 -36.61 9.68 -18.86
C LEU B 329 -36.69 11.02 -18.07
N VAL B 330 -35.80 11.20 -17.09
CA VAL B 330 -35.78 12.40 -16.33
C VAL B 330 -35.40 13.61 -17.21
N ASN B 331 -34.48 13.43 -18.17
CA ASN B 331 -34.12 14.54 -19.08
C ASN B 331 -35.30 14.81 -20.02
N SER B 332 -36.33 13.95 -20.07
CA SER B 332 -37.45 14.18 -21.00
C SER B 332 -38.70 14.64 -20.27
N GLY B 333 -38.66 14.78 -18.95
CA GLY B 333 -39.80 15.34 -18.22
C GLY B 333 -40.60 14.34 -17.38
N PHE B 334 -40.10 13.11 -17.24
CA PHE B 334 -40.72 12.06 -16.43
C PHE B 334 -40.05 12.18 -15.05
N GLY B 335 -40.76 11.84 -14.02
CA GLY B 335 -40.23 11.93 -12.68
C GLY B 335 -39.90 13.39 -12.31
N GLN B 336 -38.91 13.55 -11.48
CA GLN B 336 -38.53 14.85 -10.90
C GLN B 336 -37.02 15.09 -11.10
N LEU B 337 -36.66 16.12 -11.86
CA LEU B 337 -35.29 16.53 -11.98
C LEU B 337 -34.88 17.27 -10.69
N GLY B 338 -33.68 17.01 -10.20
CA GLY B 338 -33.12 17.71 -9.04
C GLY B 338 -33.28 16.89 -7.76
N ARG B 339 -32.80 17.47 -6.67
CA ARG B 339 -32.87 16.90 -5.36
C ARG B 339 -34.35 16.59 -5.05
N PRO B 340 -34.67 15.37 -4.59
CA PRO B 340 -36.03 15.00 -4.27
C PRO B 340 -36.69 16.01 -3.41
N ASN B 341 -37.93 16.30 -3.74
CA ASN B 341 -38.66 17.31 -3.04
C ASN B 341 -40.14 16.94 -2.99
N PRO B 342 -40.60 16.29 -1.91
CA PRO B 342 -42.06 15.99 -1.76
C PRO B 342 -42.97 17.22 -2.01
N ALA B 343 -42.56 18.39 -1.55
CA ALA B 343 -43.43 19.57 -1.60
C ALA B 343 -43.89 19.93 -3.03
N ASN B 344 -43.38 19.27 -4.07
CA ASN B 344 -44.08 19.29 -5.36
C ASN B 344 -43.90 17.99 -6.09
N PRO B 345 -44.88 17.10 -5.99
CA PRO B 345 -44.63 15.80 -6.61
C PRO B 345 -44.55 15.96 -8.13
N PRO B 346 -43.95 14.98 -8.80
CA PRO B 346 -43.79 15.09 -10.24
C PRO B 346 -45.12 14.91 -10.95
N GLU B 347 -45.25 15.47 -12.13
CA GLU B 347 -46.43 15.25 -12.94
C GLU B 347 -46.56 13.79 -13.40
N LEU B 348 -45.48 13.19 -13.90
CA LEU B 348 -45.51 11.87 -14.48
C LEU B 348 -44.54 10.94 -13.77
N LEU B 349 -44.96 9.67 -13.63
CA LEU B 349 -44.17 8.60 -13.02
C LEU B 349 -43.51 8.98 -11.70
N PRO B 350 -44.31 9.19 -10.65
CA PRO B 350 -43.71 9.66 -9.44
C PRO B 350 -42.79 8.62 -8.74
N SER B 351 -42.87 7.36 -9.14
CA SER B 351 -42.00 6.32 -8.57
C SER B 351 -40.67 6.13 -9.30
N LEU B 352 -40.49 6.86 -10.43
CA LEU B 352 -39.27 6.75 -11.19
C LEU B 352 -38.07 7.14 -10.33
N GLY B 353 -37.11 6.23 -10.26
CA GLY B 353 -35.89 6.42 -9.50
C GLY B 353 -35.96 6.19 -8.03
N SER B 354 -37.13 5.82 -7.51
CA SER B 354 -37.27 5.35 -6.15
C SER B 354 -37.37 3.83 -6.04
N TYR B 355 -37.33 3.29 -4.79
CA TYR B 355 -37.35 1.86 -4.54
C TYR B 355 -36.22 1.12 -5.24
N ILE B 356 -35.10 1.82 -5.41
CA ILE B 356 -33.95 1.19 -6.10
C ILE B 356 -33.37 0.10 -5.18
N THR B 357 -32.88 -0.97 -5.79
CA THR B 357 -32.30 -2.09 -5.08
C THR B 357 -30.90 -2.36 -5.61
N GLU B 358 -29.98 -2.62 -4.71
CA GLU B 358 -28.68 -3.13 -5.09
C GLU B 358 -28.38 -4.20 -4.06
N GLN B 359 -27.72 -5.25 -4.53
CA GLN B 359 -27.41 -6.40 -3.73
C GLN B 359 -26.18 -6.12 -2.86
N SER B 360 -26.17 -6.68 -1.65
CA SER B 360 -24.94 -6.79 -0.87
C SER B 360 -24.11 -7.90 -1.50
N LEU B 361 -22.83 -7.72 -1.51
CA LEU B 361 -21.96 -8.74 -2.08
C LEU B 361 -20.82 -9.00 -1.13
N VAL B 362 -20.63 -10.26 -0.73
CA VAL B 362 -19.50 -10.67 0.07
C VAL B 362 -18.61 -11.52 -0.78
N PHE B 363 -17.32 -11.46 -0.45
CA PHE B 363 -16.29 -12.06 -1.27
C PHE B 363 -15.10 -12.54 -0.45
N CYS B 364 -14.52 -13.65 -0.88
CA CYS B 364 -13.20 -14.02 -0.47
C CYS B 364 -12.61 -14.98 -1.50
N GLN B 365 -11.34 -15.31 -1.34
CA GLN B 365 -10.81 -16.46 -2.07
C GLN B 365 -10.22 -17.43 -1.05
N THR B 366 -10.11 -18.69 -1.44
CA THR B 366 -9.51 -19.73 -0.63
C THR B 366 -8.41 -20.46 -1.39
N VAL B 367 -7.57 -21.13 -0.64
CA VAL B 367 -6.48 -21.95 -1.17
C VAL B 367 -6.87 -23.33 -0.77
N MET B 368 -6.95 -24.21 -1.74
CA MET B 368 -7.44 -25.59 -1.57
C MET B 368 -6.74 -26.37 -0.45
N SER B 369 -7.52 -27.03 0.38
CA SER B 369 -7.01 -27.88 1.45
C SER B 369 -6.08 -28.95 0.92
N THR B 370 -5.10 -29.28 1.74
CA THR B 370 -4.18 -30.41 1.51
C THR B 370 -5.00 -31.69 1.33
N GLU B 371 -6.01 -31.89 2.15
CA GLU B 371 -6.91 -33.05 2.00
C GLU B 371 -7.49 -33.17 0.59
N LEU B 372 -8.11 -32.12 0.10
CA LEU B 372 -8.75 -32.20 -1.19
C LEU B 372 -7.72 -32.36 -2.27
N ILE B 373 -6.58 -31.69 -2.19
CA ILE B 373 -5.60 -31.83 -3.26
C ILE B 373 -5.07 -33.29 -3.30
N ASP B 374 -4.73 -33.87 -2.15
CA ASP B 374 -4.34 -35.30 -2.12
C ASP B 374 -5.43 -36.24 -2.68
N SER B 375 -6.71 -35.91 -2.52
CA SER B 375 -7.82 -36.75 -2.99
C SER B 375 -7.88 -36.75 -4.52
N VAL B 376 -7.25 -35.77 -5.15
CA VAL B 376 -7.24 -35.70 -6.63
C VAL B 376 -6.52 -36.91 -7.18
N LYS B 377 -5.52 -37.40 -6.46
CA LYS B 377 -4.76 -38.52 -6.98
C LYS B 377 -5.03 -39.82 -6.20
N SER B 378 -6.16 -39.91 -5.52
CA SER B 378 -6.46 -41.04 -4.68
C SER B 378 -6.43 -42.41 -5.42
N ASP B 379 -6.72 -42.44 -6.73
CA ASP B 379 -6.88 -43.67 -7.53
C ASP B 379 -5.59 -44.09 -8.28
N MET B 380 -4.51 -43.35 -8.06
CA MET B 380 -3.31 -43.54 -8.84
C MET B 380 -2.42 -44.53 -8.14
N THR B 381 -1.79 -45.37 -8.95
CA THR B 381 -0.66 -46.20 -8.56
C THR B 381 0.61 -45.56 -9.06
N ILE B 382 1.53 -45.29 -8.16
CA ILE B 382 2.73 -44.47 -8.44
C ILE B 382 4.02 -45.27 -8.17
N ARG B 383 4.76 -45.59 -9.22
CA ARG B 383 6.00 -46.39 -9.10
C ARG B 383 7.13 -45.43 -8.93
N GLY B 384 7.88 -45.62 -7.84
CA GLY B 384 9.17 -45.01 -7.63
C GLY B 384 9.08 -43.49 -7.40
N THR B 385 10.10 -42.78 -7.91
CA THR B 385 10.22 -41.35 -7.60
C THR B 385 10.38 -40.42 -8.87
N PRO B 386 9.68 -39.26 -8.82
CA PRO B 386 9.42 -38.37 -9.94
C PRO B 386 10.67 -37.90 -10.63
N GLY B 387 10.67 -37.86 -11.95
CA GLY B 387 11.86 -37.51 -12.67
C GLY B 387 12.84 -38.69 -12.73
N GLU B 388 12.71 -39.69 -11.83
CA GLU B 388 13.59 -40.90 -11.83
C GLU B 388 13.05 -42.01 -12.72
N LEU B 389 13.96 -42.92 -13.07
CA LEU B 389 13.81 -43.79 -14.24
C LEU B 389 12.56 -44.55 -14.25
N THR B 390 12.25 -45.15 -13.10
CA THR B 390 11.10 -46.05 -12.97
C THR B 390 9.98 -45.28 -12.20
N TYR B 391 9.78 -44.03 -12.60
CA TYR B 391 8.53 -43.37 -12.24
C TYR B 391 7.46 -43.85 -13.23
N SER B 392 6.39 -44.40 -12.73
CA SER B 392 5.19 -44.63 -13.60
C SER B 392 4.01 -44.22 -12.74
N VAL B 393 2.97 -43.66 -13.37
CA VAL B 393 1.70 -43.40 -12.68
C VAL B 393 0.64 -44.11 -13.54
N THR B 394 -0.13 -44.96 -12.92
CA THR B 394 -1.14 -45.70 -13.70
C THR B 394 -2.40 -45.76 -12.82
N TYR B 395 -3.51 -46.26 -13.35
CA TYR B 395 -4.70 -46.45 -12.50
C TYR B 395 -5.50 -47.52 -13.19
N THR B 396 -6.52 -48.04 -12.53
CA THR B 396 -7.36 -49.06 -13.14
C THR B 396 -8.70 -48.47 -13.61
N PRO B 397 -8.89 -48.30 -14.91
CA PRO B 397 -10.21 -47.78 -15.38
C PRO B 397 -11.33 -48.68 -14.86
N GLY B 398 -12.46 -48.12 -14.41
CA GLY B 398 -13.62 -48.92 -13.89
C GLY B 398 -13.48 -49.60 -12.51
N ALA B 399 -12.33 -49.53 -11.88
CA ALA B 399 -12.21 -50.19 -10.59
C ALA B 399 -13.27 -49.66 -9.60
N SER B 400 -14.04 -50.57 -9.01
CA SER B 400 -15.09 -50.17 -8.06
C SER B 400 -14.50 -49.39 -6.88
N THR B 401 -13.28 -49.65 -6.48
CA THR B 401 -12.77 -48.91 -5.34
C THR B 401 -12.30 -47.49 -5.73
N ASN B 402 -12.16 -47.20 -7.04
CA ASN B 402 -11.83 -45.82 -7.57
C ASN B 402 -12.76 -44.82 -6.98
N LYS B 403 -12.24 -43.72 -6.43
CA LYS B 403 -13.11 -42.56 -6.01
C LYS B 403 -13.59 -41.62 -7.11
N HIS B 404 -12.96 -41.67 -8.28
CA HIS B 404 -13.20 -40.73 -9.33
C HIS B 404 -13.40 -41.49 -10.63
N PRO B 405 -14.06 -40.88 -11.58
CA PRO B 405 -14.30 -41.47 -12.88
C PRO B 405 -13.06 -41.54 -13.79
N ASP B 406 -13.13 -42.39 -14.79
CA ASP B 406 -12.02 -42.60 -15.68
C ASP B 406 -11.56 -41.29 -16.37
N TRP B 407 -12.47 -40.39 -16.73
CA TRP B 407 -12.03 -39.17 -17.36
C TRP B 407 -11.12 -38.33 -16.46
N TRP B 408 -11.38 -38.36 -15.16
CA TRP B 408 -10.62 -37.63 -14.17
C TRP B 408 -9.25 -38.30 -14.04
N ASN B 409 -9.21 -39.59 -13.77
CA ASN B 409 -7.94 -40.28 -13.60
C ASN B 409 -7.03 -40.23 -14.82
N GLU B 410 -7.61 -40.36 -16.02
CA GLU B 410 -6.82 -40.26 -17.22
C GLU B 410 -6.07 -38.88 -17.29
N LYS B 411 -6.72 -37.81 -16.83
CA LYS B 411 -6.17 -36.48 -16.99
C LYS B 411 -5.06 -36.29 -15.96
N VAL B 412 -5.33 -36.77 -14.75
CA VAL B 412 -4.38 -36.68 -13.66
C VAL B 412 -3.13 -37.52 -14.02
N LYS B 413 -3.39 -38.77 -14.41
CA LYS B 413 -2.29 -39.62 -14.82
C LYS B 413 -1.40 -38.89 -15.84
N ASN B 414 -2.00 -38.34 -16.86
CA ASN B 414 -1.24 -37.81 -17.96
C ASN B 414 -0.46 -36.55 -17.51
N HIS B 415 -1.08 -35.74 -16.67
CA HIS B 415 -0.38 -34.62 -16.07
C HIS B 415 0.81 -35.07 -15.20
N MET B 416 0.62 -36.08 -14.36
CA MET B 416 1.69 -36.47 -13.42
C MET B 416 2.84 -37.10 -14.16
N MET B 417 2.54 -37.68 -15.33
CA MET B 417 3.55 -38.32 -16.12
C MET B 417 4.26 -37.36 -17.06
N GLN B 418 3.53 -36.42 -17.63
CA GLN B 418 4.14 -35.42 -18.51
C GLN B 418 4.87 -34.29 -17.77
N HIS B 419 4.60 -34.12 -16.46
CA HIS B 419 5.13 -32.99 -15.70
C HIS B 419 5.51 -33.40 -14.34
N GLN B 420 6.55 -34.19 -14.23
CA GLN B 420 6.97 -34.81 -12.98
C GLN B 420 7.68 -33.88 -12.04
N GLU B 421 8.02 -32.71 -12.54
CA GLU B 421 8.58 -31.69 -11.70
C GLU B 421 7.45 -31.00 -10.92
N ASP B 422 6.22 -31.05 -11.42
CA ASP B 422 5.16 -30.17 -10.88
C ASP B 422 4.59 -30.87 -9.61
N PRO B 423 4.45 -30.13 -8.50
CA PRO B 423 4.04 -30.85 -7.32
C PRO B 423 2.54 -31.03 -7.20
N LEU B 424 1.75 -30.50 -8.14
CA LEU B 424 0.33 -30.69 -8.03
C LEU B 424 -0.17 -31.69 -9.04
N PRO B 425 -1.29 -32.37 -8.72
CA PRO B 425 -1.91 -33.40 -9.55
C PRO B 425 -2.98 -32.84 -10.48
N ILE B 426 -3.26 -31.53 -10.37
CA ILE B 426 -4.25 -30.86 -11.22
C ILE B 426 -3.63 -30.44 -12.52
N PRO B 427 -4.16 -30.87 -13.65
CA PRO B 427 -3.55 -30.47 -14.89
C PRO B 427 -3.51 -28.96 -15.14
N PHE B 428 -2.56 -28.53 -15.94
CA PHE B 428 -2.36 -27.12 -16.10
C PHE B 428 -3.54 -26.46 -16.79
N GLU B 429 -4.19 -27.10 -17.75
CA GLU B 429 -5.26 -26.44 -18.46
C GLU B 429 -6.67 -26.81 -17.94
N ASP B 430 -6.76 -27.30 -16.73
CA ASP B 430 -8.05 -27.78 -16.24
C ASP B 430 -8.96 -26.55 -16.05
N PRO B 431 -10.15 -26.57 -16.61
CA PRO B 431 -11.01 -25.37 -16.39
C PRO B 431 -11.37 -25.08 -14.94
N GLU B 432 -11.83 -23.85 -14.74
CA GLU B 432 -12.12 -23.36 -13.41
C GLU B 432 -13.41 -23.98 -12.84
N PRO B 433 -13.54 -24.01 -11.53
CA PRO B 433 -14.82 -24.36 -10.95
C PRO B 433 -15.92 -23.33 -11.30
N GLN B 434 -17.16 -23.80 -11.36
CA GLN B 434 -18.30 -23.02 -11.66
C GLN B 434 -19.50 -23.58 -10.89
N VAL B 435 -19.51 -23.43 -9.58
CA VAL B 435 -20.42 -24.14 -8.72
C VAL B 435 -21.36 -23.11 -8.03
N THR B 436 -22.63 -23.46 -7.87
CA THR B 436 -23.58 -22.67 -7.03
C THR B 436 -24.44 -23.58 -6.15
N THR B 437 -24.88 -23.06 -4.99
CA THR B 437 -26.11 -23.48 -4.37
C THR B 437 -27.04 -22.23 -4.48
N LEU B 438 -28.12 -22.41 -5.21
CA LEU B 438 -29.01 -21.34 -5.56
C LEU B 438 -29.79 -20.90 -4.37
N PHE B 439 -30.25 -19.67 -4.44
CA PHE B 439 -31.09 -19.04 -3.42
C PHE B 439 -32.22 -19.97 -2.91
N GLN B 440 -32.37 -20.12 -1.59
CA GLN B 440 -33.53 -20.83 -1.00
C GLN B 440 -33.96 -20.05 0.22
N PRO B 441 -35.19 -20.26 0.65
CA PRO B 441 -35.68 -19.72 1.95
C PRO B 441 -34.72 -19.86 3.13
N SER B 442 -34.00 -20.99 3.29
CA SER B 442 -33.08 -21.17 4.46
C SER B 442 -31.69 -20.62 4.20
N HIS B 443 -31.38 -20.27 2.96
CA HIS B 443 -30.12 -19.54 2.64
C HIS B 443 -30.44 -18.58 1.53
N PRO B 444 -31.05 -17.42 1.91
CA PRO B 444 -31.64 -16.50 0.95
C PRO B 444 -30.62 -15.55 0.29
N TRP B 445 -29.67 -16.13 -0.42
CA TRP B 445 -28.61 -15.46 -1.10
C TRP B 445 -28.23 -16.30 -2.27
N HIS B 446 -27.78 -15.70 -3.33
CA HIS B 446 -27.22 -16.46 -4.43
C HIS B 446 -25.74 -16.70 -4.14
N THR B 447 -25.16 -17.76 -4.70
CA THR B 447 -23.79 -18.12 -4.35
C THR B 447 -23.09 -18.50 -5.65
N GLN B 448 -21.81 -18.10 -5.77
CA GLN B 448 -20.94 -18.50 -6.87
C GLN B 448 -19.57 -18.90 -6.25
N ILE B 449 -19.14 -20.10 -6.57
CA ILE B 449 -17.93 -20.74 -6.06
C ILE B 449 -17.15 -21.10 -7.32
N HIS B 450 -16.23 -20.23 -7.68
CA HIS B 450 -15.85 -20.10 -9.08
C HIS B 450 -14.56 -19.38 -9.26
N ARG B 451 -14.18 -19.10 -10.50
CA ARG B 451 -13.10 -18.15 -10.79
CA ARG B 451 -13.11 -18.13 -10.77
C ARG B 451 -13.61 -17.09 -11.78
N ASP B 452 -13.63 -15.85 -11.33
CA ASP B 452 -14.22 -14.71 -12.09
C ASP B 452 -13.10 -13.97 -12.70
N ALA B 453 -13.18 -13.68 -13.99
CA ALA B 453 -12.26 -12.74 -14.62
C ALA B 453 -12.22 -11.36 -13.94
N PHE B 454 -13.33 -10.94 -13.29
CA PHE B 454 -13.39 -9.65 -12.60
C PHE B 454 -12.77 -9.69 -11.22
N SER B 455 -11.45 -9.63 -11.17
CA SER B 455 -10.81 -9.71 -9.87
C SER B 455 -10.87 -8.32 -9.23
N TYR B 456 -11.03 -8.32 -7.91
CA TYR B 456 -11.25 -7.07 -7.17
C TYR B 456 -9.94 -6.39 -6.65
N GLY B 457 -8.86 -7.13 -6.38
CA GLY B 457 -7.58 -6.54 -5.97
C GLY B 457 -6.45 -6.95 -6.93
N ALA B 458 -5.19 -6.59 -6.63
CA ALA B 458 -4.07 -6.90 -7.57
C ALA B 458 -3.95 -8.40 -7.72
N VAL B 459 -3.55 -8.90 -8.89
CA VAL B 459 -3.43 -10.35 -9.07
C VAL B 459 -2.17 -10.79 -8.32
N GLN B 460 -2.33 -11.80 -7.48
CA GLN B 460 -1.28 -12.32 -6.61
C GLN B 460 -0.65 -13.45 -7.40
N GLN B 461 0.61 -13.71 -7.18
CA GLN B 461 1.31 -14.56 -8.09
C GLN B 461 2.07 -15.61 -7.37
N SER B 462 2.01 -15.52 -6.04
CA SER B 462 2.79 -16.33 -5.21
C SER B 462 2.13 -17.73 -5.07
N ILE B 463 0.79 -17.80 -4.99
CA ILE B 463 0.12 -19.06 -4.72
C ILE B 463 -0.32 -19.66 -6.08
N ASP B 464 -0.10 -20.94 -6.31
CA ASP B 464 -0.40 -21.52 -7.61
C ASP B 464 -1.89 -21.31 -7.92
N SER B 465 -2.20 -20.80 -9.10
CA SER B 465 -3.62 -20.48 -9.50
C SER B 465 -4.53 -21.70 -9.45
N ARG B 466 -3.99 -22.91 -9.59
CA ARG B 466 -4.86 -24.13 -9.54
C ARG B 466 -5.54 -24.32 -8.21
N LEU B 467 -4.99 -23.69 -7.18
CA LEU B 467 -5.45 -23.91 -5.82
C LEU B 467 -6.54 -22.89 -5.40
N ILE B 468 -6.69 -21.82 -6.17
CA ILE B 468 -7.50 -20.68 -5.77
C ILE B 468 -8.94 -20.82 -6.25
N VAL B 469 -9.89 -20.61 -5.32
CA VAL B 469 -11.25 -20.60 -5.62
C VAL B 469 -11.81 -19.25 -5.10
N ASP B 470 -12.68 -18.65 -5.87
CA ASP B 470 -13.37 -17.39 -5.48
C ASP B 470 -14.70 -17.81 -4.83
N TRP B 471 -15.17 -17.00 -3.92
CA TRP B 471 -16.46 -17.11 -3.32
C TRP B 471 -17.18 -15.76 -3.38
N ARG B 472 -18.36 -15.73 -4.05
CA ARG B 472 -19.18 -14.55 -4.06
C ARG B 472 -20.56 -14.91 -3.59
N PHE B 473 -20.98 -14.30 -2.49
CA PHE B 473 -22.39 -14.52 -2.05
C PHE B 473 -23.15 -13.19 -2.21
N PHE B 474 -24.40 -13.29 -2.71
CA PHE B 474 -25.18 -12.13 -3.16
C PHE B 474 -26.53 -12.07 -2.40
N GLY B 475 -26.76 -10.97 -1.76
CA GLY B 475 -27.88 -10.78 -0.84
C GLY B 475 -29.00 -10.06 -1.58
N ARG B 476 -30.24 -10.19 -1.10
CA ARG B 476 -31.34 -9.51 -1.73
C ARG B 476 -31.63 -8.28 -0.88
N THR B 477 -32.12 -7.23 -1.53
CA THR B 477 -32.32 -5.94 -0.88
C THR B 477 -33.78 -5.52 -0.98
N GLU B 478 -34.42 -5.24 0.15
CA GLU B 478 -35.81 -4.85 0.10
C GLU B 478 -35.97 -3.51 -0.67
N PRO B 479 -36.93 -3.42 -1.54
CA PRO B 479 -37.17 -2.10 -2.21
C PRO B 479 -37.75 -1.08 -1.20
N LYS B 480 -37.14 0.08 -1.05
CA LYS B 480 -37.68 1.12 -0.13
C LYS B 480 -37.75 2.41 -0.86
N GLU B 481 -38.84 3.13 -0.60
CA GLU B 481 -39.07 4.37 -1.31
C GLU B 481 -37.94 5.37 -1.11
N GLU B 482 -37.30 5.33 0.04
CA GLU B 482 -36.25 6.28 0.32
C GLU B 482 -34.96 6.05 -0.46
N ASN B 483 -34.76 4.85 -0.97
CA ASN B 483 -33.54 4.57 -1.73
C ASN B 483 -33.75 5.03 -3.17
N LYS B 484 -32.92 5.95 -3.64
CA LYS B 484 -33.20 6.71 -4.83
C LYS B 484 -32.01 6.92 -5.71
N LEU B 485 -32.29 6.94 -7.02
CA LEU B 485 -31.42 7.44 -8.05
C LEU B 485 -32.08 8.72 -8.60
N TRP B 486 -31.45 9.85 -8.36
CA TRP B 486 -31.96 11.05 -8.95
C TRP B 486 -30.90 11.75 -9.75
N PHE B 487 -31.29 12.83 -10.39
CA PHE B 487 -30.40 13.55 -11.32
C PHE B 487 -30.30 15.03 -11.01
N SER B 488 -29.08 15.55 -11.05
CA SER B 488 -28.88 16.97 -10.72
C SER B 488 -29.56 17.88 -11.76
N ASP B 489 -30.06 19.03 -11.30
CA ASP B 489 -30.58 20.03 -12.26
C ASP B 489 -29.50 21.02 -12.59
N LYS B 490 -28.27 20.84 -12.06
CA LYS B 490 -27.16 21.73 -12.36
C LYS B 490 -25.93 20.97 -12.84
N ILE B 491 -25.55 19.91 -12.18
CA ILE B 491 -24.37 19.15 -12.54
C ILE B 491 -24.70 18.21 -13.71
N THR B 492 -23.80 18.15 -14.69
CA THR B 492 -23.93 17.28 -15.82
C THR B 492 -22.70 16.37 -15.90
N ASP B 493 -22.87 15.28 -16.62
CA ASP B 493 -21.84 14.27 -16.82
C ASP B 493 -21.07 14.57 -18.11
N ALA B 494 -20.27 13.61 -18.55
CA ALA B 494 -19.37 13.78 -19.66
C ALA B 494 -20.11 13.95 -20.99
N TYR B 495 -21.37 13.53 -21.07
CA TYR B 495 -22.16 13.74 -22.26
C TYR B 495 -23.17 14.85 -22.08
N ASN B 496 -22.93 15.71 -21.09
CA ASN B 496 -23.80 16.84 -20.86
C ASN B 496 -25.24 16.47 -20.52
N MET B 497 -25.40 15.41 -19.80
CA MET B 497 -26.70 15.00 -19.38
C MET B 497 -26.72 15.18 -17.88
N PRO B 498 -27.90 15.21 -17.26
CA PRO B 498 -27.96 15.45 -15.81
C PRO B 498 -27.21 14.39 -14.99
N GLN B 499 -26.38 14.86 -14.08
CA GLN B 499 -25.46 13.98 -13.32
C GLN B 499 -26.25 13.05 -12.42
N PRO B 500 -26.06 11.74 -12.56
CA PRO B 500 -26.71 10.77 -11.62
C PRO B 500 -26.17 10.88 -10.20
N THR B 501 -27.07 10.74 -9.25
CA THR B 501 -26.74 10.89 -7.86
C THR B 501 -27.53 9.81 -7.11
N PHE B 502 -26.84 9.10 -6.21
CA PHE B 502 -27.50 8.07 -5.41
C PHE B 502 -27.83 8.56 -3.99
N ASP B 503 -28.93 8.10 -3.47
CA ASP B 503 -29.19 8.23 -2.07
C ASP B 503 -29.64 6.89 -1.59
N PHE B 504 -28.68 6.15 -1.06
CA PHE B 504 -28.89 4.71 -0.81
C PHE B 504 -28.25 4.27 0.48
N ARG B 505 -29.00 3.48 1.26
CA ARG B 505 -28.46 2.58 2.30
C ARG B 505 -29.15 1.23 2.29
N PHE B 506 -28.42 0.18 2.66
CA PHE B 506 -29.05 -1.13 2.84
C PHE B 506 -30.10 -1.04 3.93
N PRO B 507 -31.32 -1.45 3.64
CA PRO B 507 -32.35 -1.25 4.66
C PRO B 507 -32.09 -1.99 5.91
N ALA B 508 -32.46 -1.39 7.00
CA ALA B 508 -32.36 -2.06 8.29
C ALA B 508 -33.40 -3.19 8.26
N GLY B 509 -33.29 -4.11 9.20
CA GLY B 509 -34.25 -5.19 9.25
C GLY B 509 -33.70 -6.30 8.38
N ARG B 510 -34.57 -7.00 7.69
CA ARG B 510 -34.20 -8.27 7.08
C ARG B 510 -33.01 -8.10 6.14
N THR B 511 -32.92 -7.00 5.40
CA THR B 511 -31.88 -6.92 4.36
C THR B 511 -30.52 -6.99 5.05
N SER B 512 -30.43 -6.29 6.15
CA SER B 512 -29.17 -6.20 6.88
C SER B 512 -28.87 -7.45 7.65
N LYS B 513 -29.88 -7.99 8.35
CA LYS B 513 -29.75 -9.27 9.01
C LYS B 513 -29.27 -10.35 8.05
N GLU B 514 -29.94 -10.46 6.92
CA GLU B 514 -29.53 -11.45 5.88
C GLU B 514 -28.12 -11.23 5.40
N ALA B 515 -27.72 -9.96 5.15
CA ALA B 515 -26.37 -9.67 4.64
C ALA B 515 -25.27 -10.25 5.59
N GLU B 516 -25.44 -10.07 6.89
CA GLU B 516 -24.45 -10.48 7.86
C GLU B 516 -24.50 -11.98 8.03
N ASP B 517 -25.71 -12.56 8.10
CA ASP B 517 -25.86 -14.02 8.06
C ASP B 517 -25.17 -14.67 6.79
N MET B 518 -25.23 -13.98 5.67
CA MET B 518 -24.70 -14.45 4.39
C MET B 518 -23.16 -14.47 4.50
N MET B 519 -22.60 -13.47 5.14
CA MET B 519 -21.15 -13.40 5.35
C MET B 519 -20.68 -14.58 6.18
N THR B 520 -21.39 -14.83 7.25
CA THR B 520 -21.06 -15.94 8.08
C THR B 520 -21.18 -17.25 7.33
N ASP B 521 -22.27 -17.41 6.58
CA ASP B 521 -22.41 -18.57 5.69
C ASP B 521 -21.25 -18.79 4.75
N MET B 522 -20.75 -17.72 4.13
CA MET B 522 -19.60 -17.79 3.25
C MET B 522 -18.39 -18.21 4.06
N CYS B 523 -18.22 -17.70 5.26
CA CYS B 523 -17.06 -18.14 6.04
C CYS B 523 -17.12 -19.64 6.38
N VAL B 524 -18.28 -20.10 6.84
CA VAL B 524 -18.48 -21.47 7.24
C VAL B 524 -18.40 -22.40 6.01
N MET B 525 -18.99 -22.05 4.87
CA MET B 525 -18.99 -22.94 3.70
C MET B 525 -17.57 -23.06 3.08
N SER B 526 -16.91 -21.93 2.99
CA SER B 526 -15.59 -21.81 2.34
C SER B 526 -14.55 -22.66 3.06
N ALA B 527 -14.66 -22.71 4.39
CA ALA B 527 -13.74 -23.46 5.25
C ALA B 527 -13.72 -24.97 4.91
N LYS B 528 -14.77 -25.49 4.28
CA LYS B 528 -14.85 -26.92 3.89
C LYS B 528 -14.02 -27.23 2.68
N ILE B 529 -13.54 -26.20 2.00
CA ILE B 529 -12.75 -26.36 0.81
C ILE B 529 -11.30 -25.94 1.05
N GLY B 530 -11.08 -24.80 1.70
CA GLY B 530 -9.70 -24.41 2.08
C GLY B 530 -9.68 -23.19 2.96
N GLY B 531 -8.53 -22.78 3.48
CA GLY B 531 -8.49 -21.52 4.17
C GLY B 531 -8.44 -20.28 3.26
N PHE B 532 -8.64 -19.10 3.85
CA PHE B 532 -8.67 -17.86 3.09
C PHE B 532 -7.32 -17.58 2.51
N LEU B 533 -7.34 -16.99 1.34
CA LEU B 533 -6.12 -16.55 0.66
C LEU B 533 -5.78 -15.20 1.24
N PRO B 534 -4.61 -15.05 1.84
CA PRO B 534 -4.22 -13.70 2.29
C PRO B 534 -4.30 -12.66 1.14
N GLY B 535 -4.85 -11.49 1.44
CA GLY B 535 -5.12 -10.44 0.46
C GLY B 535 -6.49 -10.53 -0.15
N SER B 536 -7.23 -11.60 0.18
CA SER B 536 -8.59 -11.79 -0.26
C SER B 536 -9.42 -12.40 0.88
N LEU B 537 -9.32 -11.81 2.06
CA LEU B 537 -10.03 -12.17 3.20
C LEU B 537 -11.54 -11.80 3.07
N PRO B 538 -12.40 -12.46 3.82
CA PRO B 538 -13.80 -12.21 3.69
C PRO B 538 -14.19 -10.74 3.95
N GLN B 539 -14.90 -10.15 2.98
CA GLN B 539 -15.27 -8.77 3.03
C GLN B 539 -16.52 -8.50 2.26
N PHE B 540 -17.25 -7.47 2.68
CA PHE B 540 -18.24 -6.78 1.84
C PHE B 540 -17.55 -5.96 0.79
N MET B 541 -18.05 -6.04 -0.42
CA MET B 541 -17.54 -5.22 -1.56
C MET B 541 -18.22 -3.87 -1.55
N GLU B 542 -17.54 -2.88 -2.14
CA GLU B 542 -18.06 -1.48 -2.26
C GLU B 542 -19.52 -1.54 -2.75
N PRO B 543 -20.42 -0.76 -2.15
CA PRO B 543 -21.79 -0.91 -2.57
C PRO B 543 -21.93 -0.61 -4.04
N GLY B 544 -22.54 -1.55 -4.77
CA GLY B 544 -22.76 -1.36 -6.20
C GLY B 544 -21.72 -1.87 -7.18
N LEU B 545 -20.55 -2.36 -6.70
CA LEU B 545 -19.58 -3.05 -7.53
C LEU B 545 -20.13 -4.34 -8.23
N VAL B 546 -21.12 -4.95 -7.60
CA VAL B 546 -21.80 -6.13 -8.09
C VAL B 546 -22.58 -5.85 -9.37
N LEU B 547 -23.00 -4.61 -9.58
CA LEU B 547 -23.61 -4.13 -10.85
C LEU B 547 -24.92 -4.91 -11.13
N HIS B 548 -25.71 -5.09 -10.08
CA HIS B 548 -27.04 -5.74 -10.19
C HIS B 548 -28.19 -4.81 -9.82
N LEU B 549 -27.98 -3.52 -10.04
CA LEU B 549 -28.97 -2.46 -9.72
C LEU B 549 -30.33 -2.72 -10.40
N GLY B 550 -31.37 -2.73 -9.60
CA GLY B 550 -32.72 -2.94 -10.10
C GLY B 550 -33.68 -1.87 -9.60
N GLY B 551 -34.88 -1.88 -10.14
CA GLY B 551 -35.96 -1.07 -9.64
C GLY B 551 -35.95 0.45 -9.91
N THR B 552 -35.11 0.93 -10.83
CA THR B 552 -34.99 2.30 -11.08
C THR B 552 -36.19 2.78 -11.91
N HIS B 553 -36.88 1.85 -12.57
CA HIS B 553 -38.08 2.16 -13.42
C HIS B 553 -38.97 0.95 -13.41
N ARG B 554 -39.48 0.67 -12.22
CA ARG B 554 -39.90 -0.62 -11.85
C ARG B 554 -41.27 -0.97 -12.44
N MET B 555 -41.46 -2.26 -12.62
CA MET B 555 -42.69 -2.87 -13.14
C MET B 555 -43.72 -3.13 -12.08
N GLY B 556 -44.98 -2.97 -12.46
CA GLY B 556 -46.08 -3.49 -11.65
C GLY B 556 -47.38 -3.49 -12.43
N PHE B 557 -48.45 -3.90 -11.78
CA PHE B 557 -49.75 -4.00 -12.39
C PHE B 557 -50.44 -2.66 -12.44
N ASP B 558 -50.36 -1.91 -11.35
CA ASP B 558 -51.06 -0.67 -11.20
C ASP B 558 -50.06 0.42 -10.72
N GLU B 559 -50.01 1.52 -11.47
CA GLU B 559 -49.00 2.56 -11.29
C GLU B 559 -48.98 3.02 -9.83
N LYS B 560 -50.14 3.39 -9.34
CA LYS B 560 -50.30 3.86 -7.97
C LYS B 560 -50.22 2.77 -6.89
N GLU B 561 -50.99 1.68 -6.97
CA GLU B 561 -50.94 0.65 -5.89
C GLU B 561 -49.63 -0.11 -5.80
N ASP B 562 -48.86 -0.21 -6.88
CA ASP B 562 -47.66 -0.98 -6.86
C ASP B 562 -46.43 -0.04 -6.97
N ASN B 563 -46.64 1.27 -7.01
CA ASN B 563 -45.55 2.27 -6.95
C ASN B 563 -44.57 2.02 -8.07
N CYS B 564 -45.07 2.02 -9.30
CA CYS B 564 -44.25 1.58 -10.42
C CYS B 564 -44.38 2.49 -11.61
N CYS B 565 -43.58 2.23 -12.65
CA CYS B 565 -43.43 3.00 -13.86
C CYS B 565 -43.86 2.35 -15.14
N VAL B 566 -43.73 1.00 -15.20
CA VAL B 566 -44.20 0.25 -16.36
C VAL B 566 -45.14 -0.88 -15.94
N ASN B 567 -45.99 -1.30 -16.86
CA ASN B 567 -46.88 -2.40 -16.58
C ASN B 567 -46.15 -3.70 -16.96
N THR B 568 -46.86 -4.83 -17.01
CA THR B 568 -46.23 -6.14 -17.25
C THR B 568 -45.91 -6.39 -18.75
N ASP B 569 -46.34 -5.48 -19.63
CA ASP B 569 -45.80 -5.39 -20.95
C ASP B 569 -44.61 -4.47 -21.08
N SER B 570 -44.08 -3.97 -19.98
CA SER B 570 -43.01 -3.02 -19.98
C SER B 570 -43.35 -1.65 -20.62
N ARG B 571 -44.65 -1.36 -20.76
CA ARG B 571 -45.13 -0.10 -21.31
C ARG B 571 -45.16 0.93 -20.18
N VAL B 572 -44.68 2.12 -20.49
CA VAL B 572 -44.74 3.19 -19.51
C VAL B 572 -46.20 3.59 -19.33
N PHE B 573 -46.68 3.66 -18.10
CA PHE B 573 -48.09 4.05 -17.90
C PHE B 573 -48.45 5.35 -18.55
N GLY B 574 -49.57 5.32 -19.26
CA GLY B 574 -50.15 6.47 -19.85
C GLY B 574 -49.64 6.74 -21.27
N PHE B 575 -48.52 6.11 -21.65
CA PHE B 575 -47.97 6.24 -22.98
C PHE B 575 -48.19 5.05 -23.91
N LYS B 576 -48.76 5.31 -25.07
CA LYS B 576 -49.11 4.20 -25.96
C LYS B 576 -47.88 3.46 -26.53
N ASN B 577 -46.74 4.14 -26.71
CA ASN B 577 -45.70 3.70 -27.63
C ASN B 577 -44.31 3.79 -27.04
N LEU B 578 -44.23 3.71 -25.73
CA LEU B 578 -42.95 3.82 -24.96
C LEU B 578 -42.76 2.62 -24.07
N PHE B 579 -41.63 1.93 -24.25
CA PHE B 579 -41.34 0.67 -23.54
C PHE B 579 -39.94 0.77 -22.93
N LEU B 580 -39.79 0.30 -21.70
CA LEU B 580 -38.51 0.18 -21.05
C LEU B 580 -38.10 -1.27 -20.88
N GLY B 581 -36.83 -1.53 -21.18
CA GLY B 581 -36.29 -2.85 -20.94
C GLY B 581 -35.08 -2.77 -20.05
N GLY B 582 -34.89 -3.82 -19.24
CA GLY B 582 -33.68 -4.03 -18.45
C GLY B 582 -33.94 -4.24 -16.98
N CYS B 583 -32.84 -4.32 -16.26
CA CYS B 583 -32.98 -4.63 -14.82
C CYS B 583 -33.74 -3.60 -14.01
N GLY B 584 -33.79 -2.37 -14.49
CA GLY B 584 -34.54 -1.32 -13.83
C GLY B 584 -36.00 -1.70 -13.71
N ASN B 585 -36.46 -2.64 -14.52
CA ASN B 585 -37.87 -3.08 -14.45
C ASN B 585 -38.18 -3.91 -13.21
N ILE B 586 -37.17 -4.60 -12.66
CA ILE B 586 -37.42 -5.60 -11.69
C ILE B 586 -37.73 -4.92 -10.38
N PRO B 587 -38.89 -5.26 -9.81
CA PRO B 587 -39.33 -4.49 -8.61
C PRO B 587 -39.17 -5.24 -7.30
N THR B 588 -38.57 -6.42 -7.37
CA THR B 588 -38.51 -7.30 -6.17
C THR B 588 -37.10 -7.29 -5.52
N ALA B 589 -36.98 -7.91 -4.36
CA ALA B 589 -35.72 -8.13 -3.65
C ALA B 589 -35.18 -9.45 -4.20
N TYR B 590 -34.14 -9.38 -5.03
CA TYR B 590 -33.56 -10.61 -5.61
C TYR B 590 -32.07 -10.70 -5.26
N GLY B 591 -31.59 -11.93 -5.14
CA GLY B 591 -30.22 -12.24 -4.88
C GLY B 591 -29.48 -12.73 -6.12
N ALA B 592 -30.19 -13.37 -7.03
CA ALA B 592 -29.53 -14.00 -8.17
C ALA B 592 -29.19 -12.96 -9.26
N ASN B 593 -28.37 -13.33 -10.22
CA ASN B 593 -27.98 -12.40 -11.26
C ASN B 593 -29.22 -12.06 -12.16
N PRO B 594 -29.47 -10.77 -12.44
CA PRO B 594 -30.82 -10.39 -12.98
C PRO B 594 -31.02 -10.38 -14.50
N THR B 595 -29.95 -10.49 -15.26
CA THR B 595 -30.07 -10.27 -16.67
C THR B 595 -31.07 -11.21 -17.36
N LEU B 596 -31.03 -12.50 -17.01
CA LEU B 596 -31.95 -13.49 -17.63
C LEU B 596 -33.40 -13.09 -17.37
N THR B 597 -33.68 -12.67 -16.14
CA THR B 597 -35.00 -12.23 -15.77
C THR B 597 -35.41 -10.96 -16.57
N ALA B 598 -34.49 -10.01 -16.73
CA ALA B 598 -34.76 -8.79 -17.52
C ALA B 598 -35.03 -9.19 -18.94
N MET B 599 -34.27 -10.14 -19.46
CA MET B 599 -34.52 -10.56 -20.85
C MET B 599 -35.91 -11.21 -21.02
N SER B 600 -36.33 -11.95 -20.01
CA SER B 600 -37.60 -12.66 -20.06
C SER B 600 -38.73 -11.61 -20.13
N LEU B 601 -38.57 -10.53 -19.34
CA LEU B 601 -39.52 -9.43 -19.39
C LEU B 601 -39.59 -8.77 -20.75
N ALA B 602 -38.44 -8.60 -21.37
CA ALA B 602 -38.34 -8.03 -22.66
C ALA B 602 -39.07 -8.93 -23.72
N ILE B 603 -38.96 -10.28 -23.61
CA ILE B 603 -39.71 -11.17 -24.54
C ILE B 603 -41.23 -10.95 -24.42
N LYS B 604 -41.73 -10.85 -23.19
CA LYS B 604 -43.14 -10.55 -22.98
C LYS B 604 -43.56 -9.24 -23.65
N SER B 605 -42.74 -8.20 -23.45
CA SER B 605 -42.96 -6.88 -23.97
C SER B 605 -43.05 -6.93 -25.54
N CYS B 606 -42.16 -7.69 -26.18
CA CYS B 606 -42.23 -7.83 -27.62
C CYS B 606 -43.52 -8.48 -28.08
N GLU B 607 -44.05 -9.39 -27.29
CA GLU B 607 -45.33 -9.98 -27.63
C GLU B 607 -46.44 -8.97 -27.70
N TYR B 608 -46.43 -8.01 -26.78
CA TYR B 608 -47.39 -6.97 -26.76
C TYR B 608 -47.21 -6.07 -27.99
N ILE B 609 -45.97 -5.65 -28.25
CA ILE B 609 -45.68 -4.80 -29.41
C ILE B 609 -46.14 -5.47 -30.71
N LYS B 610 -45.84 -6.78 -30.89
CA LYS B 610 -46.22 -7.45 -32.14
C LYS B 610 -47.73 -7.49 -32.34
N GLN B 611 -48.49 -7.49 -31.27
CA GLN B 611 -49.95 -7.51 -31.35
C GLN B 611 -50.53 -6.17 -31.54
N ASN B 612 -49.79 -5.10 -31.26
CA ASN B 612 -50.41 -3.77 -31.22
C ASN B 612 -49.90 -2.80 -32.24
N PHE B 613 -48.90 -3.21 -33.02
CA PHE B 613 -48.37 -2.32 -34.01
C PHE B 613 -48.10 -3.17 -35.23
N THR B 614 -48.32 -2.61 -36.40
CA THR B 614 -48.08 -3.33 -37.65
C THR B 614 -46.82 -2.83 -38.32
N PRO B 615 -45.99 -3.73 -38.83
CA PRO B 615 -44.82 -3.28 -39.59
C PRO B 615 -45.18 -2.55 -40.84
N SER B 616 -44.34 -1.59 -41.26
CA SER B 616 -44.53 -0.89 -42.52
C SER B 616 -44.27 -1.91 -43.60
N PRO B 617 -44.86 -1.74 -44.80
CA PRO B 617 -44.46 -2.57 -45.94
C PRO B 617 -42.98 -2.35 -46.35
N PHE B 618 -42.33 -3.44 -46.74
CA PHE B 618 -40.86 -3.53 -46.99
C PHE B 618 -40.29 -2.66 -48.13
N LYS C 46 7.11 27.32 48.94
CA LYS C 46 7.72 28.52 48.30
C LYS C 46 9.09 28.23 47.74
N TYR C 47 9.36 28.71 46.52
CA TYR C 47 10.68 28.51 45.86
C TYR C 47 11.26 29.87 45.42
N ASP C 48 12.55 29.96 45.19
CA ASP C 48 13.07 31.12 44.50
C ASP C 48 12.60 31.13 43.01
N VAL C 49 12.78 29.98 42.36
CA VAL C 49 12.52 29.84 40.90
C VAL C 49 11.73 28.58 40.67
N VAL C 50 10.65 28.68 39.93
CA VAL C 50 9.94 27.48 39.45
C VAL C 50 10.09 27.42 37.92
N ILE C 51 10.41 26.23 37.39
CA ILE C 51 10.59 26.01 35.97
C ILE C 51 9.53 24.98 35.53
N VAL C 52 8.73 25.35 34.50
CA VAL C 52 7.74 24.48 33.89
C VAL C 52 8.43 23.78 32.69
N GLY C 53 8.76 22.52 32.90
CA GLY C 53 9.27 21.61 31.83
C GLY C 53 10.74 21.22 32.07
N SER C 54 11.06 19.94 31.82
CA SER C 54 12.34 19.36 32.03
C SER C 54 13.07 18.97 30.72
N GLY C 55 12.73 19.61 29.62
CA GLY C 55 13.55 19.49 28.38
C GLY C 55 14.86 20.23 28.54
N PRO C 56 15.68 20.20 27.50
CA PRO C 56 16.99 20.74 27.56
C PRO C 56 17.00 22.23 27.86
N ILE C 57 15.95 22.99 27.49
CA ILE C 57 15.92 24.45 27.74
C ILE C 57 15.59 24.73 29.23
N GLY C 58 14.62 24.02 29.81
CA GLY C 58 14.41 24.07 31.25
C GLY C 58 15.63 23.65 32.07
N CYS C 59 16.30 22.61 31.65
CA CYS C 59 17.53 22.18 32.30
C CYS C 59 18.65 23.17 32.23
N THR C 60 18.67 24.04 31.21
CA THR C 60 19.62 25.16 31.07
C THR C 60 19.39 26.20 32.18
N TYR C 61 18.14 26.55 32.44
CA TYR C 61 17.74 27.40 33.57
C TYR C 61 18.08 26.73 34.93
N ALA C 62 17.83 25.42 35.03
CA ALA C 62 18.12 24.71 36.26
C ALA C 62 19.61 24.70 36.45
N ARG C 63 20.36 24.40 35.41
CA ARG C 63 21.80 24.32 35.59
C ARG C 63 22.41 25.62 36.14
N GLU C 64 22.06 26.71 35.49
CA GLU C 64 22.52 28.03 35.82
C GLU C 64 22.02 28.49 37.17
N LEU C 65 20.77 28.20 37.51
CA LEU C 65 20.23 28.91 38.65
C LEU C 65 20.47 28.06 39.88
N VAL C 66 20.32 26.75 39.76
CA VAL C 66 20.71 25.88 40.84
C VAL C 66 22.20 26.10 41.19
N GLY C 67 23.05 26.20 40.16
CA GLY C 67 24.48 26.46 40.36
C GLY C 67 24.77 27.77 41.08
N ALA C 68 23.87 28.74 41.04
CA ALA C 68 24.09 30.06 41.65
C ALA C 68 23.43 30.20 43.00
N GLY C 69 22.90 29.10 43.53
CA GLY C 69 22.41 29.04 44.87
C GLY C 69 20.91 29.22 45.03
N TYR C 70 20.15 29.31 43.92
CA TYR C 70 18.72 29.53 43.98
C TYR C 70 18.04 28.25 44.29
N LYS C 71 16.93 28.40 45.01
CA LYS C 71 16.09 27.28 45.37
C LYS C 71 15.08 27.02 44.28
N VAL C 72 15.25 25.91 43.57
CA VAL C 72 14.57 25.72 42.30
C VAL C 72 13.64 24.53 42.40
N ALA C 73 12.42 24.70 41.88
CA ALA C 73 11.51 23.58 41.66
C ALA C 73 11.25 23.50 40.17
N MET C 74 11.26 22.31 39.62
CA MET C 74 10.89 22.15 38.25
C MET C 74 9.73 21.14 38.19
N PHE C 75 8.73 21.43 37.38
CA PHE C 75 7.58 20.55 37.15
C PHE C 75 7.60 20.02 35.74
N ASP C 76 7.30 18.74 35.57
CA ASP C 76 7.07 18.25 34.22
C ASP C 76 5.77 17.46 34.25
N ILE C 77 4.96 17.60 33.20
CA ILE C 77 3.70 16.87 33.01
C ILE C 77 3.92 15.36 32.76
N GLY C 78 5.07 15.02 32.23
CA GLY C 78 5.36 13.61 32.09
C GLY C 78 6.23 13.02 33.21
N GLU C 79 6.69 11.79 32.96
CA GLU C 79 7.24 10.88 33.98
C GLU C 79 8.63 10.51 33.58
N ILE C 80 9.39 10.09 34.58
CA ILE C 80 10.74 9.62 34.41
C ILE C 80 10.63 8.27 33.68
N ASP C 81 11.16 8.15 32.44
CA ASP C 81 11.40 6.81 31.77
C ASP C 81 12.60 6.77 30.77
N SER C 82 13.77 7.20 31.24
CA SER C 82 15.02 6.94 30.51
C SER C 82 15.99 6.11 31.40
N GLY C 83 15.48 5.34 32.38
CA GLY C 83 16.37 4.59 33.28
C GLY C 83 16.86 5.43 34.46
N LEU C 84 18.07 5.17 34.95
CA LEU C 84 18.53 5.82 36.21
C LEU C 84 19.13 7.18 35.95
N LYS C 85 19.66 7.40 34.77
CA LYS C 85 19.97 8.77 34.35
C LYS C 85 18.72 9.55 33.97
N ILE C 86 18.24 10.38 34.89
CA ILE C 86 16.96 11.03 34.74
C ILE C 86 17.00 11.93 33.51
N GLY C 87 16.07 11.71 32.55
CA GLY C 87 16.03 12.57 31.37
C GLY C 87 17.13 12.38 30.32
N ALA C 88 17.72 11.18 30.29
CA ALA C 88 18.80 10.85 29.35
C ALA C 88 18.24 10.39 28.01
N HIS C 89 19.15 10.31 27.06
CA HIS C 89 18.74 9.90 25.73
C HIS C 89 18.38 8.43 25.70
N LYS C 90 17.20 8.10 25.22
CA LYS C 90 16.74 6.74 25.16
C LYS C 90 17.48 5.86 24.18
N LYS C 91 18.25 6.45 23.28
CA LYS C 91 19.03 5.69 22.30
C LYS C 91 20.34 5.19 22.91
N ASN C 92 20.66 5.59 24.16
CA ASN C 92 21.94 5.23 24.79
C ASN C 92 21.84 3.85 25.47
N THR C 93 21.28 2.86 24.79
CA THR C 93 21.33 1.49 25.27
C THR C 93 22.10 0.64 24.27
N VAL C 94 22.70 -0.45 24.76
CA VAL C 94 23.53 -1.30 23.89
C VAL C 94 22.57 -1.92 22.86
N GLU C 95 21.40 -2.27 23.32
CA GLU C 95 20.39 -2.90 22.47
C GLU C 95 19.94 -1.99 21.30
N TYR C 96 19.62 -0.72 21.58
CA TYR C 96 19.30 0.22 20.47
C TYR C 96 20.45 0.51 19.52
N GLN C 97 21.65 0.69 20.05
CA GLN C 97 22.72 0.88 19.10
C GLN C 97 23.19 -0.40 18.41
N LYS C 98 22.76 -1.57 18.88
CA LYS C 98 22.90 -2.74 18.02
C LYS C 98 21.73 -2.95 17.02
N ASN C 99 20.66 -2.18 17.13
CA ASN C 99 19.41 -2.42 16.39
C ASN C 99 18.83 -1.06 16.13
N ILE C 100 19.62 -0.21 15.48
CA ILE C 100 19.30 1.20 15.37
C ILE C 100 17.99 1.42 14.61
N ASP C 101 17.71 0.52 13.67
CA ASP C 101 16.45 0.55 12.92
C ASP C 101 15.20 0.52 13.84
N LYS C 102 15.33 0.02 15.05
CA LYS C 102 14.14 -0.09 15.94
C LYS C 102 13.80 1.20 16.71
N PHE C 103 14.71 2.16 16.75
CA PHE C 103 14.53 3.36 17.58
C PHE C 103 13.45 4.28 17.04
N VAL C 104 13.16 4.21 15.76
CA VAL C 104 12.05 4.96 15.22
C VAL C 104 10.79 4.69 16.02
N ASN C 105 10.56 3.45 16.45
CA ASN C 105 9.34 3.18 17.24
C ASN C 105 9.33 3.90 18.58
N VAL C 106 10.47 4.01 19.25
CA VAL C 106 10.54 4.88 20.45
C VAL C 106 10.08 6.29 20.19
N ILE C 107 10.61 6.89 19.13
CA ILE C 107 10.26 8.23 18.79
C ILE C 107 8.78 8.35 18.47
N GLN C 108 8.27 7.43 17.67
CA GLN C 108 6.82 7.45 17.32
C GLN C 108 5.94 7.25 18.58
N GLY C 109 6.37 6.41 19.51
CA GLY C 109 5.63 6.19 20.73
C GLY C 109 5.49 7.40 21.63
N GLN C 110 6.40 8.35 21.53
CA GLN C 110 6.28 9.51 22.39
C GLN C 110 5.91 10.86 21.68
N LEU C 111 5.74 10.85 20.36
CA LEU C 111 5.32 12.01 19.64
C LEU C 111 3.79 12.03 19.52
N MET C 112 3.16 12.98 20.16
CA MET C 112 1.69 13.10 20.11
C MET C 112 1.29 14.22 19.19
N SER C 113 0.46 13.93 18.19
CA SER C 113 0.15 14.96 17.23
C SER C 113 -0.55 16.15 17.86
N VAL C 114 -0.16 17.40 17.51
CA VAL C 114 -0.68 18.61 18.16
C VAL C 114 -2.18 18.90 17.79
N SER C 115 -2.49 18.81 16.50
CA SER C 115 -3.83 19.13 15.95
C SER C 115 -4.11 18.23 14.74
N VAL C 116 -5.07 17.32 14.94
CA VAL C 116 -5.52 16.33 13.97
C VAL C 116 -6.95 16.73 13.53
N PRO C 117 -7.13 17.06 12.25
CA PRO C 117 -8.45 17.48 11.71
C PRO C 117 -9.42 16.35 11.74
N VAL C 118 -10.72 16.67 11.75
CA VAL C 118 -11.76 15.64 11.68
C VAL C 118 -11.52 14.80 10.39
N ASN C 119 -11.56 13.49 10.54
CA ASN C 119 -11.33 12.47 9.50
C ASN C 119 -12.56 12.33 8.58
N THR C 120 -12.31 12.44 7.30
CA THR C 120 -13.37 12.36 6.30
C THR C 120 -13.14 11.19 5.34
N LEU C 121 -12.34 10.21 5.74
CA LEU C 121 -12.18 8.98 5.01
C LEU C 121 -13.49 8.25 4.93
N VAL C 122 -13.80 7.80 3.74
CA VAL C 122 -15.05 7.10 3.51
C VAL C 122 -14.82 5.61 3.68
N VAL C 123 -15.44 5.00 4.67
CA VAL C 123 -15.38 3.55 4.80
C VAL C 123 -16.79 3.04 4.47
N ASP C 124 -16.98 2.51 3.26
CA ASP C 124 -18.32 2.06 2.83
C ASP C 124 -18.44 0.49 2.65
N THR C 125 -17.49 -0.27 3.20
CA THR C 125 -17.61 -1.70 3.15
C THR C 125 -17.86 -2.34 4.49
N LEU C 126 -18.42 -1.60 5.43
CA LEU C 126 -18.84 -2.15 6.69
C LEU C 126 -20.02 -3.10 6.46
N SER C 127 -20.20 -4.08 7.33
CA SER C 127 -21.42 -4.92 7.21
C SER C 127 -22.63 -4.05 7.43
N PRO C 128 -23.74 -4.29 6.71
CA PRO C 128 -25.01 -3.61 7.01
C PRO C 128 -25.45 -3.71 8.47
N THR C 129 -24.97 -4.69 9.25
CA THR C 129 -25.39 -4.77 10.61
C THR C 129 -24.56 -3.85 11.53
N SER C 130 -23.39 -3.36 11.08
CA SER C 130 -22.56 -2.55 11.95
C SER C 130 -23.10 -1.14 12.12
N TRP C 131 -22.87 -0.57 13.30
CA TRP C 131 -23.26 0.79 13.58
C TRP C 131 -22.45 1.71 12.72
N GLN C 132 -23.14 2.59 11.99
CA GLN C 132 -22.45 3.52 11.13
C GLN C 132 -22.96 4.92 10.97
N ALA C 133 -21.96 5.74 10.67
CA ALA C 133 -21.98 7.17 10.86
C ALA C 133 -22.84 7.74 9.78
N SER C 134 -23.64 8.71 10.15
CA SER C 134 -24.29 9.56 9.15
C SER C 134 -23.49 10.76 8.77
N THR C 135 -22.53 11.13 9.60
CA THR C 135 -21.76 12.33 9.32
C THR C 135 -20.34 12.02 9.75
N PHE C 136 -19.43 12.88 9.35
CA PHE C 136 -18.04 12.81 9.83
C PHE C 136 -17.96 13.59 11.16
N PHE C 137 -18.53 13.05 12.23
CA PHE C 137 -18.53 13.68 13.56
C PHE C 137 -17.14 13.65 14.24
N VAL C 138 -17.00 14.41 15.30
CA VAL C 138 -15.72 14.49 16.00
C VAL C 138 -15.46 13.18 16.71
N ARG C 139 -14.46 12.46 16.23
CA ARG C 139 -14.05 11.13 16.74
C ARG C 139 -12.59 11.20 17.18
N ASN C 140 -12.24 10.28 18.08
CA ASN C 140 -10.89 9.84 18.32
C ASN C 140 -9.91 10.97 18.56
N GLY C 141 -10.32 12.01 19.30
CA GLY C 141 -9.41 13.13 19.66
C GLY C 141 -9.22 14.19 18.54
N SER C 142 -9.97 14.10 17.46
CA SER C 142 -9.76 15.06 16.39
C SER C 142 -10.21 16.47 16.84
N ASN C 143 -9.64 17.48 16.23
CA ASN C 143 -9.95 18.85 16.41
C ASN C 143 -10.83 19.46 15.27
N PRO C 144 -12.10 19.73 15.53
CA PRO C 144 -13.03 20.40 14.60
C PRO C 144 -12.74 21.86 14.33
N GLU C 145 -11.88 22.52 15.10
CA GLU C 145 -11.46 23.87 14.77
C GLU C 145 -10.49 23.84 13.58
N GLN C 146 -9.80 22.70 13.34
CA GLN C 146 -8.68 22.64 12.41
C GLN C 146 -9.08 22.52 10.96
N ASP C 147 -8.65 23.53 10.21
CA ASP C 147 -8.71 23.48 8.76
C ASP C 147 -7.65 22.49 8.27
N PRO C 148 -8.08 21.38 7.65
CA PRO C 148 -7.06 20.38 7.29
C PRO C 148 -6.05 20.92 6.31
N LEU C 149 -6.40 21.98 5.59
CA LEU C 149 -5.57 22.47 4.49
C LEU C 149 -4.67 23.62 4.92
N ARG C 150 -4.69 24.00 6.19
CA ARG C 150 -3.85 25.11 6.70
C ARG C 150 -3.22 24.67 8.02
N ASN C 151 -2.75 23.41 8.04
CA ASN C 151 -2.29 22.80 9.26
C ASN C 151 -0.78 22.60 9.18
N LEU C 152 -0.24 22.31 10.36
CA LEU C 152 1.02 21.65 10.52
C LEU C 152 0.73 20.22 11.03
N SER C 153 0.26 19.35 10.13
CA SER C 153 -0.15 17.97 10.53
C SER C 153 1.01 17.18 11.17
N GLY C 154 2.25 17.44 10.79
CA GLY C 154 3.37 16.71 11.38
C GLY C 154 3.80 17.18 12.77
N GLN C 155 3.33 18.34 13.18
CA GLN C 155 3.70 18.89 14.48
C GLN C 155 3.15 17.94 15.57
N ALA C 156 4.02 17.64 16.52
CA ALA C 156 3.74 16.71 17.60
C ALA C 156 4.49 17.20 18.87
N VAL C 157 4.05 16.72 19.98
CA VAL C 157 4.68 17.08 21.26
C VAL C 157 5.05 15.80 22.03
N THR C 158 6.05 15.92 22.91
CA THR C 158 6.47 14.80 23.81
C THR C 158 6.29 15.17 25.30
N ARG C 159 5.62 14.30 26.04
CA ARG C 159 5.44 14.55 27.46
C ARG C 159 6.18 13.50 28.27
N VAL C 160 7.47 13.76 28.53
CA VAL C 160 8.36 12.85 29.33
C VAL C 160 9.41 13.73 29.95
N VAL C 161 9.93 13.28 31.07
CA VAL C 161 11.03 14.02 31.69
C VAL C 161 12.21 14.03 30.72
N GLY C 162 12.77 15.20 30.49
CA GLY C 162 13.81 15.38 29.48
C GLY C 162 13.22 15.85 28.14
N GLY C 163 11.88 15.81 28.03
CA GLY C 163 11.15 16.32 26.83
C GLY C 163 11.67 15.63 25.57
N MET C 164 11.79 16.36 24.48
CA MET C 164 12.15 15.73 23.22
C MET C 164 13.63 15.33 23.17
N SER C 165 14.44 15.84 24.08
CA SER C 165 15.86 15.51 24.07
C SER C 165 16.08 14.05 24.52
N THR C 166 15.00 13.37 24.95
CA THR C 166 15.04 11.91 25.12
C THR C 166 15.11 11.11 23.83
N ALA C 167 14.86 11.75 22.69
CA ALA C 167 14.76 11.05 21.39
C ALA C 167 15.45 11.75 20.25
N TRP C 168 15.94 12.97 20.46
CA TRP C 168 16.38 13.82 19.40
C TRP C 168 17.64 13.37 18.71
N THR C 169 17.89 13.97 17.53
CA THR C 169 19.04 13.63 16.66
C THR C 169 20.37 14.32 17.07
N CYS C 170 20.34 15.34 17.93
CA CYS C 170 21.55 15.95 18.52
C CYS C 170 22.38 16.88 17.59
N ALA C 171 21.81 17.29 16.46
CA ALA C 171 22.45 18.27 15.56
C ALA C 171 22.33 19.65 16.16
N THR C 172 23.47 20.23 16.50
CA THR C 172 23.50 21.52 17.23
C THR C 172 24.39 22.52 16.44
N PRO C 173 23.95 22.96 15.26
CA PRO C 173 24.74 24.05 14.63
C PRO C 173 24.47 25.43 15.19
N ARG C 174 25.38 26.37 14.94
CA ARG C 174 25.15 27.78 15.20
C ARG C 174 24.42 28.40 14.04
N PHE C 175 23.64 29.43 14.33
CA PHE C 175 23.07 30.29 13.28
C PHE C 175 24.10 31.33 12.84
N ASP C 176 24.20 31.58 11.53
CA ASP C 176 25.02 32.73 11.04
C ASP C 176 24.12 33.96 11.22
N ARG C 177 24.67 35.15 11.03
CA ARG C 177 23.94 36.42 11.21
C ARG C 177 22.60 36.47 10.49
N GLU C 178 22.58 35.90 9.29
CA GLU C 178 21.38 35.93 8.43
C GLU C 178 20.15 35.29 9.11
N GLN C 179 20.38 34.32 9.98
CA GLN C 179 19.30 33.54 10.56
C GLN C 179 18.97 33.91 12.03
N ARG C 180 19.76 34.78 12.58
CA ARG C 180 19.91 34.95 14.02
C ARG C 180 19.26 36.27 14.48
N PRO C 181 18.55 36.29 15.61
CA PRO C 181 18.05 37.60 16.01
C PRO C 181 19.18 38.45 16.57
N LEU C 182 19.04 39.75 16.43
CA LEU C 182 19.93 40.69 17.09
C LEU C 182 19.86 40.60 18.61
N LEU C 183 21.03 40.60 19.26
CA LEU C 183 21.11 40.80 20.73
C LEU C 183 21.70 42.19 21.07
N VAL C 184 22.39 42.84 20.12
CA VAL C 184 22.91 44.18 20.34
C VAL C 184 22.51 44.98 19.09
N LYS C 185 21.81 46.11 19.28
CA LYS C 185 21.48 47.06 18.18
C LYS C 185 22.72 47.83 17.65
N ASP C 186 22.84 47.92 16.33
CA ASP C 186 23.80 48.80 15.64
C ASP C 186 25.27 48.62 15.98
N ASP C 187 25.66 47.42 16.36
CA ASP C 187 27.06 47.12 16.67
C ASP C 187 27.26 45.67 16.31
N ALA C 188 27.53 45.40 15.02
CA ALA C 188 27.59 44.02 14.55
C ALA C 188 28.78 43.27 15.25
N ASP C 189 29.83 43.98 15.59
CA ASP C 189 30.97 43.32 16.25
C ASP C 189 30.55 42.87 17.66
N ALA C 190 29.83 43.73 18.41
CA ALA C 190 29.37 43.37 19.77
C ALA C 190 28.36 42.25 19.70
N ASP C 191 27.47 42.31 18.71
CA ASP C 191 26.45 41.29 18.57
C ASP C 191 27.07 39.90 18.34
N ASP C 192 28.05 39.84 17.45
CA ASP C 192 28.83 38.62 17.18
C ASP C 192 29.57 38.07 18.38
N ALA C 193 30.25 38.94 19.16
CA ALA C 193 31.01 38.51 20.33
C ALA C 193 30.00 37.95 21.36
N GLU C 194 28.87 38.60 21.53
CA GLU C 194 27.87 38.07 22.47
C GLU C 194 27.33 36.70 22.02
N TRP C 195 27.03 36.54 20.74
CA TRP C 195 26.56 35.25 20.28
C TRP C 195 27.65 34.22 20.43
N ASP C 196 28.89 34.57 20.14
CA ASP C 196 29.98 33.62 20.23
C ASP C 196 30.10 33.13 21.68
N ARG C 197 30.02 34.04 22.64
CA ARG C 197 30.19 33.65 24.04
C ARG C 197 29.04 32.70 24.48
N LEU C 198 27.81 33.02 24.08
CA LEU C 198 26.65 32.25 24.54
C LEU C 198 26.70 30.87 23.86
N TYR C 199 26.95 30.83 22.54
CA TYR C 199 27.03 29.56 21.83
C TYR C 199 28.12 28.65 22.41
N THR C 200 29.31 29.22 22.68
CA THR C 200 30.42 28.42 23.29
C THR C 200 29.99 27.73 24.58
N LYS C 201 29.28 28.46 25.45
CA LYS C 201 28.81 27.88 26.65
C LYS C 201 27.75 26.83 26.36
N ALA C 202 26.76 27.15 25.54
CA ALA C 202 25.71 26.18 25.21
C ALA C 202 26.31 24.89 24.60
N GLU C 203 27.31 25.03 23.72
CA GLU C 203 28.09 23.88 23.23
C GLU C 203 28.75 23.03 24.33
N SER C 204 29.32 23.64 25.37
CA SER C 204 29.89 22.79 26.43
C SER C 204 28.75 22.13 27.26
N TYR C 205 27.63 22.79 27.47
CA TYR C 205 26.55 22.14 28.23
C TYR C 205 26.05 20.92 27.46
N PHE C 206 25.92 21.05 26.14
CA PHE C 206 25.41 19.93 25.32
C PHE C 206 26.48 18.92 24.98
N GLN C 207 27.72 19.25 25.26
CA GLN C 207 28.91 18.51 24.82
C GLN C 207 28.95 18.36 23.29
N THR C 208 28.66 19.44 22.59
CA THR C 208 28.76 19.48 21.10
C THR C 208 30.16 19.29 20.64
N GLY C 209 30.39 18.49 19.60
CA GLY C 209 31.71 18.30 19.05
C GLY C 209 31.55 18.03 17.57
N THR C 210 32.65 18.14 16.81
CA THR C 210 32.61 17.84 15.36
C THR C 210 33.56 16.68 14.97
N ASP C 211 33.91 15.82 15.95
CA ASP C 211 34.97 14.83 15.84
C ASP C 211 34.53 13.39 16.06
N GLN C 212 33.25 13.16 16.35
CA GLN C 212 32.82 11.83 16.70
C GLN C 212 32.79 10.80 15.53
N PHE C 213 32.80 11.25 14.30
CA PHE C 213 32.68 10.39 13.11
C PHE C 213 33.92 10.46 12.25
N LYS C 214 35.03 10.91 12.84
CA LYS C 214 36.20 11.20 12.03
C LYS C 214 36.86 9.94 11.53
N GLU C 215 36.58 8.79 12.14
CA GLU C 215 37.17 7.58 11.67
C GLU C 215 36.20 6.61 10.99
N SER C 216 35.13 7.19 10.46
CA SER C 216 34.17 6.44 9.70
C SER C 216 34.50 6.48 8.18
N ILE C 217 34.50 5.31 7.54
CA ILE C 217 34.75 5.19 6.14
C ILE C 217 33.58 5.85 5.43
N ARG C 218 32.33 5.50 5.75
CA ARG C 218 31.22 6.09 5.01
C ARG C 218 31.21 7.62 5.17
N HIS C 219 31.48 8.11 6.38
CA HIS C 219 31.48 9.54 6.64
C HIS C 219 32.48 10.19 5.76
N ASN C 220 33.69 9.68 5.77
CA ASN C 220 34.76 10.34 5.01
C ASN C 220 34.60 10.19 3.50
N LEU C 221 34.05 9.03 3.07
CA LEU C 221 33.77 8.82 1.67
C LEU C 221 32.85 9.94 1.14
N VAL C 222 31.74 10.14 1.81
CA VAL C 222 30.83 11.19 1.40
C VAL C 222 31.42 12.58 1.56
N LEU C 223 32.06 12.85 2.71
CA LEU C 223 32.62 14.15 2.99
C LEU C 223 33.60 14.56 1.94
N ASN C 224 34.51 13.68 1.59
CA ASN C 224 35.56 13.98 0.62
C ASN C 224 35.01 14.21 -0.78
N LYS C 225 34.02 13.43 -1.17
CA LYS C 225 33.51 13.52 -2.51
C LYS C 225 32.79 14.85 -2.64
N LEU C 226 32.00 15.19 -1.63
CA LEU C 226 31.30 16.48 -1.66
C LEU C 226 32.31 17.67 -1.58
N THR C 227 33.34 17.55 -0.74
CA THR C 227 34.33 18.63 -0.69
C THR C 227 34.89 18.86 -2.09
N GLU C 228 35.22 17.78 -2.76
CA GLU C 228 35.90 17.88 -4.03
C GLU C 228 34.90 18.40 -5.04
N GLU C 229 33.70 17.89 -5.07
CA GLU C 229 32.77 18.36 -6.09
C GLU C 229 32.40 19.85 -5.96
N TYR C 230 32.38 20.39 -4.77
CA TYR C 230 32.05 21.81 -4.60
C TYR C 230 33.29 22.63 -4.22
N LYS C 231 34.49 22.14 -4.54
CA LYS C 231 35.72 22.90 -4.22
C LYS C 231 35.64 24.35 -4.70
N GLY C 232 35.86 25.26 -3.75
CA GLY C 232 35.87 26.73 -4.01
C GLY C 232 34.47 27.36 -4.09
N GLN C 233 33.44 26.56 -3.81
CA GLN C 233 32.05 26.96 -3.94
C GLN C 233 31.33 26.77 -2.59
N ARG C 234 31.47 25.61 -1.96
CA ARG C 234 30.78 25.33 -0.69
C ARG C 234 31.70 24.57 0.19
N ASP C 235 31.60 24.84 1.48
CA ASP C 235 32.36 24.07 2.46
C ASP C 235 31.48 23.03 3.15
N PHE C 236 32.08 21.85 3.33
CA PHE C 236 31.45 20.75 4.08
C PHE C 236 32.25 20.39 5.34
N GLN C 237 31.56 19.84 6.36
CA GLN C 237 32.14 19.45 7.60
C GLN C 237 31.24 18.41 8.24
N GLN C 238 31.69 17.93 9.38
CA GLN C 238 30.81 17.09 10.17
C GLN C 238 29.70 17.96 10.76
N ILE C 239 28.50 17.39 10.79
CA ILE C 239 27.39 18.03 11.53
C ILE C 239 27.85 18.17 12.98
N PRO C 240 27.78 19.38 13.53
CA PRO C 240 28.09 19.51 14.95
C PRO C 240 27.09 18.67 15.69
N LEU C 241 27.56 17.73 16.54
CA LEU C 241 26.62 16.86 17.27
C LEU C 241 26.82 16.93 18.79
N ALA C 242 25.70 16.98 19.52
CA ALA C 242 25.69 16.85 21.00
C ALA C 242 25.85 15.39 21.36
N ALA C 243 27.09 14.94 21.55
CA ALA C 243 27.42 13.53 21.65
C ALA C 243 28.88 13.34 22.02
N THR C 244 29.12 12.24 22.70
CA THR C 244 30.49 11.79 23.04
C THR C 244 30.62 10.29 22.65
N ARG C 245 31.57 9.95 21.77
CA ARG C 245 31.81 8.56 21.40
C ARG C 245 32.46 7.80 22.58
N ARG C 246 31.95 6.64 22.94
CA ARG C 246 32.61 5.79 23.98
C ARG C 246 33.44 4.66 23.42
N SER C 247 33.10 4.20 22.22
CA SER C 247 33.73 3.01 21.65
C SER C 247 33.48 3.09 20.14
N PRO C 248 34.13 2.23 19.35
CA PRO C 248 33.87 2.15 17.89
C PRO C 248 32.40 1.89 17.49
N THR C 249 31.63 1.30 18.38
CA THR C 249 30.26 0.97 18.11
C THR C 249 29.27 1.62 19.09
N PHE C 250 29.71 2.54 19.95
CA PHE C 250 28.77 3.15 20.90
C PHE C 250 28.95 4.67 21.06
N VAL C 251 27.86 5.41 20.82
CA VAL C 251 27.90 6.85 21.02
C VAL C 251 26.98 7.26 22.19
N GLU C 252 27.51 8.04 23.13
CA GLU C 252 26.69 8.58 24.16
C GLU C 252 26.06 9.92 23.71
N TRP C 253 24.83 9.85 23.25
CA TRP C 253 24.10 10.99 22.71
C TRP C 253 23.72 11.87 23.88
N SER C 254 23.89 13.18 23.76
CA SER C 254 23.55 14.10 24.84
C SER C 254 22.04 14.28 24.88
N SER C 255 21.57 14.88 25.95
CA SER C 255 20.17 15.11 26.20
C SER C 255 20.09 16.16 27.33
N ALA C 256 18.86 16.40 27.81
CA ALA C 256 18.64 17.19 29.00
C ALA C 256 19.51 16.74 30.14
N ASN C 257 19.60 15.43 30.34
CA ASN C 257 20.44 14.90 31.40
C ASN C 257 21.89 15.41 31.35
N THR C 258 22.42 15.60 30.13
CA THR C 258 23.80 16.09 29.96
C THR C 258 23.89 17.53 30.45
N VAL C 259 22.81 18.29 30.30
CA VAL C 259 22.80 19.73 30.67
C VAL C 259 22.73 19.81 32.21
N PHE C 260 21.85 19.02 32.78
CA PHE C 260 21.62 19.04 34.20
C PHE C 260 21.10 17.67 34.56
N ASP C 261 21.70 17.04 35.56
CA ASP C 261 21.38 15.60 35.77
C ASP C 261 20.02 15.35 36.38
N LEU C 262 19.37 16.42 36.86
CA LEU C 262 17.98 16.39 37.33
C LEU C 262 17.72 15.63 38.67
N GLN C 263 18.82 15.27 39.34
CA GLN C 263 18.81 14.74 40.70
C GLN C 263 18.39 15.82 41.72
N ASN C 264 17.49 15.46 42.63
CA ASN C 264 17.10 16.37 43.71
C ASN C 264 18.33 16.77 44.52
N ARG C 265 18.40 18.02 44.94
CA ARG C 265 19.52 18.53 45.70
C ARG C 265 18.97 19.25 46.94
N PRO C 266 19.72 19.25 48.06
CA PRO C 266 21.10 18.93 48.25
C PRO C 266 21.36 17.46 48.20
N ASN C 267 22.52 17.07 47.71
CA ASN C 267 22.88 15.69 47.71
C ASN C 267 24.38 15.63 48.00
N THR C 268 24.96 14.45 47.95
CA THR C 268 26.40 14.33 48.29
C THR C 268 27.27 15.22 47.44
N ASP C 269 27.02 15.24 46.14
CA ASP C 269 27.87 15.97 45.23
C ASP C 269 27.58 17.47 45.15
N ALA C 270 26.49 17.91 45.78
CA ALA C 270 26.13 19.31 45.72
C ALA C 270 25.32 19.62 46.96
N PRO C 271 25.97 19.62 48.14
CA PRO C 271 25.25 19.76 49.41
C PRO C 271 24.79 21.18 49.69
N GLU C 272 25.17 22.14 48.85
CA GLU C 272 24.80 23.54 49.03
C GLU C 272 23.72 23.95 48.04
N GLU C 273 23.33 23.03 47.18
CA GLU C 273 22.40 23.36 46.10
C GLU C 273 20.99 22.91 46.49
N ARG C 274 20.02 23.51 45.88
CA ARG C 274 18.63 23.21 46.20
C ARG C 274 17.82 23.10 44.89
N PHE C 275 17.34 21.89 44.60
CA PHE C 275 16.57 21.56 43.42
C PHE C 275 15.61 20.40 43.72
N ASN C 276 14.34 20.53 43.34
CA ASN C 276 13.41 19.41 43.31
C ASN C 276 12.70 19.28 41.95
N LEU C 277 12.62 18.06 41.44
CA LEU C 277 11.88 17.75 40.25
C LEU C 277 10.56 17.11 40.65
N PHE C 278 9.47 17.62 40.09
CA PHE C 278 8.14 17.06 40.31
C PHE C 278 7.53 16.55 38.99
N PRO C 279 7.66 15.26 38.73
CA PRO C 279 7.09 14.77 37.50
C PRO C 279 5.61 14.49 37.68
N ALA C 280 4.96 14.26 36.57
CA ALA C 280 3.53 14.03 36.50
C ALA C 280 2.74 15.19 37.13
N VAL C 281 3.17 16.42 36.85
CA VAL C 281 2.51 17.66 37.30
C VAL C 281 2.25 18.57 36.10
N ALA C 282 0.97 18.74 35.78
CA ALA C 282 0.50 19.54 34.65
C ALA C 282 0.39 20.97 35.17
N CYS C 283 1.23 21.86 34.67
CA CYS C 283 1.13 23.26 34.98
C CYS C 283 0.11 23.85 34.03
N GLU C 284 -0.79 24.66 34.59
CA GLU C 284 -1.99 25.11 33.91
C GLU C 284 -2.04 26.62 33.71
N ARG C 285 -1.64 27.41 34.70
CA ARG C 285 -1.86 28.86 34.66
C ARG C 285 -0.80 29.57 35.46
N VAL C 286 -0.32 30.71 34.98
CA VAL C 286 0.40 31.66 35.80
C VAL C 286 -0.62 32.73 36.14
N VAL C 287 -0.71 33.11 37.42
CA VAL C 287 -1.63 34.12 37.94
C VAL C 287 -0.98 35.51 37.91
N ARG C 288 -1.59 36.39 37.14
CA ARG C 288 -1.15 37.75 36.97
C ARG C 288 -1.63 38.57 38.12
N ASN C 289 -0.83 39.48 38.65
CA ASN C 289 -1.39 40.48 39.60
C ASN C 289 -2.33 41.47 38.87
N ALA C 290 -3.01 42.35 39.64
CA ALA C 290 -4.06 43.24 39.10
C ALA C 290 -3.46 44.23 38.10
N LEU C 291 -2.24 44.67 38.36
CA LEU C 291 -1.60 45.71 37.59
C LEU C 291 -0.93 45.14 36.29
N ASN C 292 -0.97 43.81 36.12
CA ASN C 292 -0.26 43.11 35.06
C ASN C 292 1.20 43.52 35.04
N SER C 293 1.83 43.45 36.20
CA SER C 293 3.25 43.79 36.29
C SER C 293 4.07 42.69 36.92
N GLU C 294 3.43 41.62 37.37
CA GLU C 294 4.14 40.56 38.06
C GLU C 294 3.25 39.30 38.09
N ILE C 295 3.87 38.13 38.16
CA ILE C 295 3.20 36.87 38.36
C ILE C 295 3.25 36.53 39.85
N GLU C 296 2.10 36.14 40.39
CA GLU C 296 1.83 35.94 41.80
C GLU C 296 1.83 34.46 42.19
N SER C 297 1.48 33.57 41.28
CA SER C 297 1.64 32.13 41.49
C SER C 297 1.53 31.28 40.24
N LEU C 298 1.85 30.01 40.41
CA LEU C 298 1.75 29.02 39.33
C LEU C 298 0.67 28.03 39.78
N HIS C 299 -0.38 27.85 38.99
CA HIS C 299 -1.40 26.89 39.37
C HIS C 299 -1.06 25.59 38.75
N ILE C 300 -0.99 24.55 39.54
CA ILE C 300 -0.66 23.23 39.02
C ILE C 300 -1.75 22.16 39.28
N HIS C 301 -1.65 21.07 38.55
CA HIS C 301 -2.48 19.88 38.71
C HIS C 301 -1.61 18.65 38.87
N ASP C 302 -1.60 18.11 40.07
CA ASP C 302 -0.86 16.90 40.34
C ASP C 302 -1.62 15.72 39.77
N LEU C 303 -1.02 15.03 38.82
CA LEU C 303 -1.75 14.01 38.10
C LEU C 303 -1.87 12.72 38.85
N ILE C 304 -0.97 12.45 39.79
CA ILE C 304 -1.05 11.18 40.53
C ILE C 304 -2.08 11.23 41.67
N SER C 305 -2.14 12.32 42.41
CA SER C 305 -3.10 12.48 43.51
C SER C 305 -4.42 13.05 43.01
N GLY C 306 -4.42 13.79 41.90
CA GLY C 306 -5.64 14.51 41.47
C GLY C 306 -5.78 15.92 42.04
N ASP C 307 -4.93 16.31 42.99
CA ASP C 307 -5.02 17.62 43.64
C ASP C 307 -4.45 18.80 42.79
N ARG C 308 -5.02 19.99 43.02
CA ARG C 308 -4.57 21.22 42.42
C ARG C 308 -3.97 22.09 43.49
N PHE C 309 -2.96 22.87 43.15
CA PHE C 309 -2.20 23.70 44.10
C PHE C 309 -1.80 25.01 43.47
N GLU C 310 -1.57 26.04 44.27
CA GLU C 310 -0.94 27.29 43.81
C GLU C 310 0.49 27.29 44.34
N ILE C 311 1.50 27.23 43.46
CA ILE C 311 2.91 27.32 43.86
C ILE C 311 3.43 28.76 43.73
N LYS C 312 4.08 29.21 44.79
CA LYS C 312 4.64 30.56 44.88
C LYS C 312 6.17 30.55 44.61
N ALA C 313 6.64 31.55 43.87
CA ALA C 313 8.06 31.70 43.60
C ALA C 313 8.30 33.17 43.36
N ASP C 314 9.57 33.60 43.36
CA ASP C 314 10.01 34.93 42.96
C ASP C 314 10.12 35.05 41.43
N VAL C 315 10.56 33.99 40.79
CA VAL C 315 10.82 33.92 39.34
C VAL C 315 10.10 32.71 38.76
N TYR C 316 9.37 32.95 37.66
CA TYR C 316 8.61 31.89 36.94
C TYR C 316 9.23 31.75 35.54
N VAL C 317 9.64 30.55 35.20
CA VAL C 317 10.24 30.27 33.87
C VAL C 317 9.41 29.23 33.13
N LEU C 318 8.97 29.56 31.94
CA LEU C 318 8.18 28.57 31.15
C LEU C 318 9.05 28.03 30.05
N THR C 319 9.25 26.72 30.12
CA THR C 319 10.11 26.00 29.15
C THR C 319 9.35 24.70 28.83
N ALA C 320 8.09 24.85 28.43
CA ALA C 320 7.21 23.72 28.09
C ALA C 320 7.18 23.39 26.58
N GLY C 321 8.04 24.05 25.82
CA GLY C 321 8.08 23.87 24.38
C GLY C 321 7.30 24.94 23.66
N ALA C 322 7.52 25.06 22.35
CA ALA C 322 6.95 26.16 21.58
C ALA C 322 5.38 26.19 21.51
N VAL C 323 4.76 25.03 21.55
CA VAL C 323 3.32 24.92 21.54
C VAL C 323 2.75 25.11 22.95
N HIS C 324 3.26 24.37 23.92
CA HIS C 324 2.69 24.40 25.29
C HIS C 324 2.97 25.65 26.15
N ASN C 325 4.11 26.32 25.90
CA ASN C 325 4.32 27.61 26.50
C ASN C 325 3.21 28.52 26.05
N THR C 326 2.82 28.44 24.79
CA THR C 326 1.84 29.35 24.25
C THR C 326 0.51 29.05 24.86
N GLN C 327 0.22 27.76 24.94
CA GLN C 327 -1.04 27.28 25.54
C GLN C 327 -1.20 27.77 26.99
N LEU C 328 -0.14 27.65 27.79
CA LEU C 328 -0.15 28.03 29.18
C LEU C 328 -0.35 29.57 29.30
N LEU C 329 0.31 30.32 28.43
CA LEU C 329 0.17 31.75 28.44
C LEU C 329 -1.27 32.15 28.07
N VAL C 330 -1.76 31.70 26.92
CA VAL C 330 -3.16 31.91 26.55
C VAL C 330 -4.15 31.48 27.67
N ASN C 331 -3.86 30.37 28.34
CA ASN C 331 -4.72 29.87 29.42
C ASN C 331 -4.58 30.83 30.64
N SER C 332 -3.63 31.78 30.61
CA SER C 332 -3.39 32.67 31.77
C SER C 332 -3.83 34.09 31.48
N GLY C 333 -4.55 34.34 30.37
CA GLY C 333 -4.98 35.66 29.98
C GLY C 333 -4.04 36.48 29.09
N PHE C 334 -3.00 35.86 28.57
CA PHE C 334 -2.13 36.52 27.61
C PHE C 334 -2.67 36.28 26.19
N GLY C 335 -2.52 37.26 25.32
CA GLY C 335 -2.93 37.09 23.93
C GLY C 335 -4.43 36.91 23.89
N GLN C 336 -4.91 36.09 22.97
CA GLN C 336 -6.37 35.89 22.82
C GLN C 336 -6.74 34.41 22.84
N LEU C 337 -7.74 34.05 23.63
CA LEU C 337 -8.31 32.74 23.57
C LEU C 337 -9.30 32.66 22.41
N GLY C 338 -9.28 31.56 21.68
CA GLY C 338 -10.31 31.34 20.68
C GLY C 338 -9.83 31.72 19.33
N ARG C 339 -10.71 31.52 18.38
CA ARG C 339 -10.41 31.74 16.96
C ARG C 339 -10.08 33.22 16.76
N PRO C 340 -9.01 33.52 16.02
CA PRO C 340 -8.53 34.91 16.02
C PRO C 340 -9.58 35.94 15.65
N ASN C 341 -9.63 37.02 16.42
CA ASN C 341 -10.64 38.01 16.16
C ASN C 341 -10.08 39.42 16.29
N PRO C 342 -9.75 40.05 15.16
CA PRO C 342 -9.17 41.41 15.17
C PRO C 342 -10.08 42.46 15.85
N ALA C 343 -11.40 42.26 15.81
CA ALA C 343 -12.34 43.18 16.46
C ALA C 343 -12.12 43.33 17.97
N ASN C 344 -11.65 42.29 18.64
CA ASN C 344 -11.38 42.33 20.10
C ASN C 344 -9.91 42.16 20.35
N PRO C 345 -9.11 43.19 20.05
CA PRO C 345 -7.65 43.09 20.15
C PRO C 345 -7.29 42.73 21.61
N PRO C 346 -6.27 41.91 21.82
CA PRO C 346 -6.19 41.45 23.23
C PRO C 346 -5.57 42.45 24.22
N GLU C 347 -5.76 42.24 25.51
CA GLU C 347 -5.17 43.15 26.45
C GLU C 347 -3.63 43.01 26.50
N LEU C 348 -3.14 41.78 26.48
CA LEU C 348 -1.73 41.58 26.70
C LEU C 348 -1.12 40.76 25.56
N LEU C 349 0.14 41.09 25.22
CA LEU C 349 0.98 40.34 24.26
C LEU C 349 0.19 40.04 23.01
N PRO C 350 -0.23 41.09 22.29
CA PRO C 350 -1.06 40.84 21.14
C PRO C 350 -0.38 39.99 20.03
N SER C 351 0.96 39.90 20.02
CA SER C 351 1.70 39.14 18.99
C SER C 351 1.88 37.64 19.33
N LEU C 352 1.41 37.23 20.53
CA LEU C 352 1.55 35.83 20.99
C LEU C 352 0.81 34.86 20.09
N GLY C 353 1.44 33.76 19.72
CA GLY C 353 0.77 32.87 18.77
C GLY C 353 0.72 33.33 17.31
N SER C 354 1.27 34.49 17.00
CA SER C 354 1.36 35.02 15.66
C SER C 354 2.82 34.99 15.17
N TYR C 355 3.00 35.13 13.87
CA TYR C 355 4.34 35.11 13.26
C TYR C 355 5.05 33.76 13.43
N ILE C 356 4.30 32.68 13.58
CA ILE C 356 4.92 31.37 13.75
C ILE C 356 5.69 30.92 12.46
N THR C 357 6.79 30.24 12.67
CA THR C 357 7.65 29.76 11.62
C THR C 357 7.82 28.27 11.83
N GLU C 358 7.75 27.55 10.71
CA GLU C 358 8.18 26.19 10.68
C GLU C 358 8.88 26.02 9.31
N GLN C 359 9.92 25.17 9.32
CA GLN C 359 10.81 25.01 8.17
C GLN C 359 10.13 24.08 7.16
N SER C 360 10.37 24.31 5.91
CA SER C 360 10.15 23.33 4.85
C SER C 360 11.23 22.29 4.98
N LEU C 361 10.89 21.03 4.79
CA LEU C 361 11.87 19.93 4.88
C LEU C 361 11.70 19.10 3.63
N VAL C 362 12.82 18.88 2.93
CA VAL C 362 12.82 17.89 1.85
C VAL C 362 13.71 16.75 2.26
N PHE C 363 13.35 15.56 1.78
CA PHE C 363 14.03 14.32 2.20
C PHE C 363 14.16 13.37 1.00
N CYS C 364 15.28 12.65 1.00
CA CYS C 364 15.39 11.41 0.22
C CYS C 364 16.49 10.54 0.80
N GLN C 365 16.60 9.35 0.23
CA GLN C 365 17.75 8.51 0.51
C GLN C 365 18.35 8.12 -0.82
N THR C 366 19.65 7.85 -0.81
CA THR C 366 20.39 7.43 -2.00
C THR C 366 21.04 6.08 -1.70
N VAL C 367 21.33 5.37 -2.78
CA VAL C 367 22.13 4.13 -2.79
C VAL C 367 23.48 4.46 -3.42
N MET C 368 24.55 4.24 -2.64
CA MET C 368 25.90 4.68 -3.02
C MET C 368 26.24 4.19 -4.42
N SER C 369 26.86 5.08 -5.20
CA SER C 369 27.27 4.78 -6.55
C SER C 369 28.28 3.64 -6.62
N THR C 370 28.24 2.93 -7.72
CA THR C 370 29.25 1.93 -7.98
C THR C 370 30.64 2.55 -7.93
N GLU C 371 30.78 3.76 -8.45
CA GLU C 371 32.08 4.47 -8.51
C GLU C 371 32.65 4.76 -7.10
N LEU C 372 31.80 5.31 -6.25
CA LEU C 372 32.22 5.56 -4.90
C LEU C 372 32.55 4.25 -4.15
N ILE C 373 31.76 3.17 -4.36
CA ILE C 373 32.03 1.90 -3.65
C ILE C 373 33.35 1.25 -4.11
N ASP C 374 33.64 1.28 -5.40
CA ASP C 374 34.92 0.82 -5.92
C ASP C 374 36.07 1.72 -5.39
N SER C 375 35.83 3.02 -5.30
CA SER C 375 36.83 3.90 -4.69
C SER C 375 37.19 3.53 -3.28
N VAL C 376 36.31 2.86 -2.53
CA VAL C 376 36.65 2.48 -1.12
C VAL C 376 37.89 1.57 -1.08
N LYS C 377 38.03 0.75 -2.10
CA LYS C 377 39.10 -0.21 -2.18
C LYS C 377 40.12 0.15 -3.23
N SER C 378 40.16 1.43 -3.62
CA SER C 378 41.10 1.94 -4.63
C SER C 378 42.59 1.64 -4.35
N ASP C 379 43.03 1.57 -3.09
CA ASP C 379 44.44 1.38 -2.78
C ASP C 379 44.74 -0.12 -2.59
N MET C 380 43.75 -1.01 -2.75
CA MET C 380 43.99 -2.45 -2.55
C MET C 380 44.54 -3.15 -3.79
N THR C 381 45.47 -4.09 -3.59
CA THR C 381 45.76 -5.12 -4.60
C THR C 381 45.04 -6.43 -4.24
N ILE C 382 44.23 -6.89 -5.18
CA ILE C 382 43.29 -7.99 -4.99
C ILE C 382 43.67 -9.09 -5.96
N ARG C 383 43.65 -10.32 -5.47
CA ARG C 383 44.29 -11.40 -6.15
C ARG C 383 43.73 -12.72 -5.59
N GLY C 384 43.44 -13.66 -6.49
CA GLY C 384 42.80 -14.93 -6.15
C GLY C 384 41.29 -14.75 -6.30
N THR C 385 40.51 -15.77 -5.93
CA THR C 385 39.04 -15.59 -5.88
C THR C 385 38.54 -15.66 -4.43
N PRO C 386 37.60 -14.76 -4.05
CA PRO C 386 37.06 -14.81 -2.70
C PRO C 386 36.64 -16.20 -2.34
N GLY C 387 36.97 -16.64 -1.13
CA GLY C 387 36.61 -17.96 -0.69
C GLY C 387 37.72 -18.96 -0.93
N GLU C 388 38.54 -18.77 -1.97
CA GLU C 388 39.69 -19.69 -2.23
C GLU C 388 40.74 -19.42 -1.16
N LEU C 389 41.71 -20.32 -1.03
CA LEU C 389 42.83 -20.10 -0.10
C LEU C 389 43.87 -19.19 -0.77
N THR C 390 43.82 -19.07 -2.10
CA THR C 390 44.57 -18.06 -2.87
C THR C 390 44.29 -16.59 -2.53
N TYR C 391 43.08 -16.29 -2.06
CA TYR C 391 42.62 -14.88 -2.04
C TYR C 391 43.54 -14.01 -1.19
N SER C 392 43.97 -12.90 -1.76
CA SER C 392 44.82 -11.97 -1.05
C SER C 392 44.35 -10.53 -1.35
N VAL C 393 44.21 -9.74 -0.29
CA VAL C 393 43.94 -8.33 -0.40
C VAL C 393 45.00 -7.60 0.38
N THR C 394 45.73 -6.73 -0.29
CA THR C 394 46.84 -6.00 0.35
C THR C 394 46.95 -4.56 -0.14
N TYR C 395 47.60 -3.73 0.65
CA TYR C 395 47.93 -2.38 0.24
C TYR C 395 49.33 -1.95 0.78
N THR C 396 49.86 -0.84 0.27
CA THR C 396 51.13 -0.29 0.72
C THR C 396 50.90 0.87 1.66
N PRO C 397 51.37 0.72 2.92
CA PRO C 397 51.21 1.83 3.87
C PRO C 397 51.83 3.15 3.38
N GLY C 398 51.12 4.24 3.60
CA GLY C 398 51.63 5.57 3.28
C GLY C 398 52.07 5.90 1.85
N ALA C 399 51.84 4.98 0.87
CA ALA C 399 52.23 5.18 -0.53
C ALA C 399 51.69 6.53 -1.03
N SER C 400 52.53 7.25 -1.81
CA SER C 400 52.12 8.56 -2.34
C SER C 400 50.91 8.51 -3.29
N THR C 401 50.75 7.39 -3.99
CA THR C 401 49.57 7.18 -4.89
C THR C 401 48.27 6.65 -4.17
N ASN C 402 48.32 6.39 -2.86
CA ASN C 402 47.13 6.02 -2.10
C ASN C 402 46.15 7.19 -2.05
N LYS C 403 44.86 6.88 -2.11
CA LYS C 403 43.82 7.88 -2.03
C LYS C 403 43.25 8.00 -0.65
N HIS C 404 43.54 7.02 0.18
CA HIS C 404 42.98 6.94 1.53
C HIS C 404 44.04 6.76 2.57
N PRO C 405 43.75 7.21 3.81
CA PRO C 405 44.71 6.98 4.89
C PRO C 405 44.87 5.50 5.25
N ASP C 406 45.96 5.20 5.94
CA ASP C 406 46.23 3.85 6.41
C ASP C 406 45.11 3.30 7.32
N TRP C 407 44.50 4.10 8.17
CA TRP C 407 43.52 3.52 9.08
C TRP C 407 42.31 2.95 8.28
N TRP C 408 42.03 3.60 7.19
CA TRP C 408 40.94 3.25 6.27
C TRP C 408 41.29 2.02 5.50
N ASN C 409 42.45 2.01 4.87
CA ASN C 409 42.91 0.80 4.18
C ASN C 409 43.02 -0.42 5.04
N GLU C 410 43.39 -0.25 6.32
CA GLU C 410 43.45 -1.38 7.24
C GLU C 410 42.09 -2.02 7.48
N LYS C 411 41.09 -1.18 7.70
CA LYS C 411 39.73 -1.62 7.85
C LYS C 411 39.21 -2.33 6.63
N VAL C 412 39.42 -1.77 5.42
CA VAL C 412 38.93 -2.35 4.21
C VAL C 412 39.59 -3.68 4.00
N LYS C 413 40.91 -3.74 4.24
CA LYS C 413 41.65 -4.97 4.08
C LYS C 413 41.14 -6.03 5.05
N ASN C 414 40.98 -5.76 6.36
CA ASN C 414 40.52 -6.81 7.29
C ASN C 414 39.09 -7.21 7.00
N HIS C 415 38.23 -6.27 6.64
CA HIS C 415 36.86 -6.66 6.22
C HIS C 415 36.85 -7.60 5.03
N MET C 416 37.58 -7.25 4.00
CA MET C 416 37.59 -8.07 2.81
C MET C 416 38.19 -9.43 3.04
N MET C 417 39.24 -9.51 3.87
CA MET C 417 39.90 -10.81 4.09
C MET C 417 39.12 -11.68 5.07
N GLN C 418 38.43 -11.07 6.02
CA GLN C 418 37.70 -11.84 7.01
C GLN C 418 36.26 -12.14 6.59
N HIS C 419 35.74 -11.41 5.60
CA HIS C 419 34.38 -11.64 5.11
C HIS C 419 34.31 -11.80 3.64
N GLN C 420 34.86 -12.91 3.16
CA GLN C 420 35.07 -13.09 1.76
C GLN C 420 33.79 -13.42 1.02
N GLU C 421 32.76 -13.86 1.75
CA GLU C 421 31.41 -14.05 1.20
C GLU C 421 30.63 -12.69 1.02
N ASP C 422 31.21 -11.57 1.45
CA ASP C 422 30.51 -10.27 1.41
C ASP C 422 31.04 -9.46 0.23
N PRO C 423 30.13 -8.92 -0.59
CA PRO C 423 30.54 -8.24 -1.80
C PRO C 423 30.95 -6.78 -1.65
N LEU C 424 30.79 -6.19 -0.50
CA LEU C 424 31.12 -4.80 -0.32
C LEU C 424 32.43 -4.60 0.50
N PRO C 425 33.14 -3.51 0.24
CA PRO C 425 34.39 -3.22 0.92
C PRO C 425 34.22 -2.46 2.25
N ILE C 426 33.01 -2.14 2.65
CA ILE C 426 32.75 -1.35 3.84
C ILE C 426 32.52 -2.25 5.00
N PRO C 427 33.26 -2.05 6.10
CA PRO C 427 33.10 -2.90 7.28
C PRO C 427 31.71 -2.83 7.85
N PHE C 428 31.25 -3.95 8.37
CA PHE C 428 29.91 -4.08 8.89
C PHE C 428 29.65 -3.09 9.99
N GLU C 429 30.62 -2.73 10.80
CA GLU C 429 30.21 -1.82 11.87
C GLU C 429 30.68 -0.40 11.65
N ASP C 430 30.89 -0.03 10.39
CA ASP C 430 31.41 1.29 10.08
C ASP C 430 30.34 2.30 10.48
N PRO C 431 30.75 3.35 11.18
CA PRO C 431 29.64 4.27 11.48
C PRO C 431 29.07 5.05 10.32
N GLU C 432 27.88 5.57 10.53
CA GLU C 432 27.21 6.34 9.54
C GLU C 432 27.86 7.72 9.18
N PRO C 433 27.61 8.23 7.97
CA PRO C 433 27.98 9.57 7.62
C PRO C 433 27.23 10.62 8.43
N GLN C 434 27.90 11.72 8.65
CA GLN C 434 27.33 12.80 9.40
C GLN C 434 27.81 14.13 8.79
N VAL C 435 27.33 14.43 7.59
CA VAL C 435 27.91 15.52 6.82
C VAL C 435 26.98 16.70 6.62
N THR C 436 27.55 17.90 6.57
CA THR C 436 26.76 19.10 6.27
C THR C 436 27.50 20.15 5.48
N THR C 437 26.76 20.90 4.66
CA THR C 437 27.23 22.20 4.22
C THR C 437 26.24 23.19 4.81
N LEU C 438 26.76 23.99 5.73
CA LEU C 438 25.87 24.87 6.48
C LEU C 438 25.28 25.96 5.59
N PHE C 439 24.12 26.44 6.02
CA PHE C 439 23.40 27.56 5.44
C PHE C 439 24.29 28.73 4.99
N GLN C 440 24.14 29.22 3.75
CA GLN C 440 24.83 30.43 3.28
C GLN C 440 23.91 31.22 2.35
N PRO C 441 24.19 32.51 2.15
CA PRO C 441 23.37 33.33 1.25
C PRO C 441 23.08 32.69 -0.07
N SER C 442 24.05 32.06 -0.69
CA SER C 442 23.84 31.39 -1.97
C SER C 442 23.27 29.98 -1.92
N HIS C 443 23.09 29.39 -0.74
CA HIS C 443 22.33 28.09 -0.61
C HIS C 443 21.68 28.12 0.77
N PRO C 444 20.61 28.89 0.87
CA PRO C 444 20.07 29.31 2.19
C PRO C 444 19.14 28.22 2.77
N TRP C 445 19.73 27.12 3.08
CA TRP C 445 19.04 26.01 3.73
C TRP C 445 20.13 25.31 4.45
N HIS C 446 19.74 24.63 5.52
CA HIS C 446 20.57 23.77 6.23
C HIS C 446 20.50 22.41 5.55
N THR C 447 21.61 21.70 5.68
CA THR C 447 21.71 20.36 5.10
C THR C 447 22.22 19.32 6.05
N GLN C 448 21.67 18.11 5.96
CA GLN C 448 22.21 16.93 6.72
C GLN C 448 22.23 15.78 5.76
N ILE C 449 23.42 15.20 5.63
CA ILE C 449 23.69 14.07 4.74
C ILE C 449 24.26 12.99 5.70
N HIS C 450 23.43 11.98 6.00
CA HIS C 450 23.56 11.29 7.22
C HIS C 450 22.68 10.08 7.31
N ARG C 451 22.59 9.49 8.50
CA ARG C 451 21.62 8.43 8.80
CA ARG C 451 21.61 8.46 8.80
C ARG C 451 20.98 8.81 10.12
N ASP C 452 19.66 8.93 10.13
CA ASP C 452 18.84 9.44 11.23
C ASP C 452 18.08 8.23 11.74
N ALA C 453 17.93 8.12 13.05
CA ALA C 453 17.07 7.11 13.62
C ALA C 453 15.58 7.42 13.30
N PHE C 454 15.23 8.69 13.13
CA PHE C 454 13.83 9.04 12.80
C PHE C 454 13.51 8.86 11.31
N SER C 455 13.29 7.62 10.90
CA SER C 455 12.99 7.29 9.53
C SER C 455 11.50 7.60 9.28
N TYR C 456 11.16 7.82 8.02
CA TYR C 456 9.83 8.38 7.71
C TYR C 456 8.86 7.37 7.07
N GLY C 457 9.34 6.29 6.45
CA GLY C 457 8.44 5.27 5.88
C GLY C 457 8.90 3.88 6.27
N ALA C 458 8.14 2.85 5.87
CA ALA C 458 8.53 1.44 6.17
C ALA C 458 10.04 1.32 5.94
N VAL C 459 10.79 0.74 6.89
CA VAL C 459 12.22 0.57 6.64
C VAL C 459 12.38 -0.63 5.71
N GLN C 460 13.12 -0.43 4.64
CA GLN C 460 13.33 -1.46 3.61
C GLN C 460 14.52 -2.40 3.99
N GLN C 461 14.47 -3.64 3.55
CA GLN C 461 15.48 -4.62 3.93
C GLN C 461 16.27 -5.22 2.75
N SER C 462 15.91 -4.88 1.52
CA SER C 462 16.54 -5.49 0.36
C SER C 462 17.88 -4.87 -0.02
N ILE C 463 18.07 -3.57 0.26
CA ILE C 463 19.30 -2.85 -0.13
C ILE C 463 20.16 -2.82 1.16
N ASP C 464 21.44 -3.17 1.06
CA ASP C 464 22.31 -3.23 2.20
C ASP C 464 22.40 -1.87 2.82
N SER C 465 22.27 -1.77 4.13
CA SER C 465 22.19 -0.44 4.78
C SER C 465 23.50 0.35 4.66
N ARG C 466 24.62 -0.33 4.44
CA ARG C 466 25.89 0.36 4.21
C ARG C 466 25.89 1.27 2.99
N LEU C 467 24.98 1.00 2.05
CA LEU C 467 24.93 1.76 0.89
C LEU C 467 24.07 3.03 1.03
N ILE C 468 23.25 3.06 2.08
CA ILE C 468 22.15 4.05 2.18
C ILE C 468 22.61 5.34 2.87
N VAL C 469 22.26 6.51 2.31
CA VAL C 469 22.55 7.80 2.93
C VAL C 469 21.23 8.59 2.94
N ASP C 470 20.93 9.29 4.04
CA ASP C 470 19.72 10.14 4.15
C ASP C 470 20.19 11.56 3.77
N TRP C 471 19.30 12.29 3.13
CA TRP C 471 19.45 13.68 2.75
C TRP C 471 18.28 14.43 3.33
N ARG C 472 18.54 15.42 4.18
CA ARG C 472 17.49 16.33 4.67
C ARG C 472 17.99 17.75 4.50
N PHE C 473 17.23 18.55 3.75
CA PHE C 473 17.50 19.92 3.57
C PHE C 473 16.34 20.67 4.20
N PHE C 474 16.70 21.74 4.88
CA PHE C 474 15.77 22.44 5.76
C PHE C 474 15.70 23.90 5.33
N GLY C 475 14.53 24.33 4.94
CA GLY C 475 14.27 25.72 4.49
C GLY C 475 13.95 26.70 5.63
N ARG C 476 14.27 27.97 5.42
CA ARG C 476 13.87 29.04 6.37
C ARG C 476 12.55 29.68 5.99
N THR C 477 11.72 30.02 6.98
CA THR C 477 10.37 30.50 6.67
C THR C 477 10.23 31.90 7.26
N GLU C 478 9.79 32.83 6.40
CA GLU C 478 9.57 34.21 6.76
C GLU C 478 8.43 34.28 7.80
N PRO C 479 8.64 35.07 8.85
CA PRO C 479 7.57 35.24 9.85
C PRO C 479 6.48 36.19 9.35
N LYS C 480 5.24 35.74 9.37
CA LYS C 480 4.08 36.45 8.82
C LYS C 480 2.99 36.46 9.86
N GLU C 481 2.45 37.64 10.14
CA GLU C 481 1.44 37.79 11.16
C GLU C 481 0.33 36.78 11.02
N GLU C 482 -0.02 36.47 9.77
CA GLU C 482 -1.16 35.60 9.49
C GLU C 482 -0.91 34.12 9.85
N ASN C 483 0.34 33.74 10.00
CA ASN C 483 0.70 32.39 10.41
C ASN C 483 0.57 32.26 11.93
N LYS C 484 -0.43 31.48 12.36
CA LYS C 484 -0.85 31.47 13.72
C LYS C 484 -0.96 30.12 14.36
N LEU C 485 -0.73 30.15 15.65
CA LEU C 485 -1.08 29.04 16.55
C LEU C 485 -2.05 29.62 17.53
N TRP C 486 -3.27 29.11 17.58
CA TRP C 486 -4.23 29.61 18.55
C TRP C 486 -4.89 28.46 19.28
N PHE C 487 -5.72 28.78 20.26
CA PHE C 487 -6.23 27.79 21.18
C PHE C 487 -7.74 27.91 21.26
N SER C 488 -8.41 26.78 21.12
CA SER C 488 -9.87 26.78 21.18
C SER C 488 -10.43 27.18 22.50
N ASP C 489 -11.52 27.93 22.43
CA ASP C 489 -12.22 28.30 23.63
C ASP C 489 -13.33 27.24 23.97
N LYS C 490 -13.48 26.18 23.16
CA LYS C 490 -14.48 25.14 23.45
C LYS C 490 -13.83 23.76 23.50
N ILE C 491 -12.93 23.46 22.57
CA ILE C 491 -12.40 22.13 22.45
C ILE C 491 -11.20 22.15 23.39
N THR C 492 -11.07 21.08 24.17
CA THR C 492 -9.92 20.84 25.03
C THR C 492 -9.07 19.61 24.63
N ASP C 493 -7.79 19.63 24.92
CA ASP C 493 -6.91 18.45 24.70
C ASP C 493 -7.05 17.39 25.77
N ALA C 494 -6.11 16.45 25.80
CA ALA C 494 -6.16 15.32 26.68
C ALA C 494 -5.91 15.67 28.12
N TYR C 495 -5.38 16.85 28.40
CA TYR C 495 -5.18 17.30 29.77
C TYR C 495 -6.07 18.47 30.10
N ASN C 496 -7.22 18.52 29.44
CA ASN C 496 -8.18 19.58 29.69
C ASN C 496 -7.74 21.01 29.50
N MET C 497 -6.81 21.22 28.60
CA MET C 497 -6.33 22.54 28.37
C MET C 497 -6.83 22.91 26.96
N PRO C 498 -6.87 24.22 26.62
CA PRO C 498 -7.35 24.66 25.32
C PRO C 498 -6.64 24.01 24.13
N GLN C 499 -7.43 23.52 23.19
CA GLN C 499 -6.92 22.64 22.14
C GLN C 499 -6.17 23.51 21.12
N PRO C 500 -4.91 23.20 20.83
CA PRO C 500 -4.13 23.96 19.86
C PRO C 500 -4.65 23.80 18.43
N THR C 501 -4.65 24.90 17.69
CA THR C 501 -5.09 24.89 16.33
C THR C 501 -4.07 25.72 15.54
N PHE C 502 -3.74 25.23 14.36
CA PHE C 502 -2.85 25.92 13.49
C PHE C 502 -3.60 26.60 12.36
N ASP C 503 -3.07 27.77 11.99
CA ASP C 503 -3.47 28.40 10.74
C ASP C 503 -2.23 28.82 10.01
N PHE C 504 -1.78 27.96 9.11
CA PHE C 504 -0.42 28.06 8.60
C PHE C 504 -0.36 27.69 7.11
N ARG C 505 0.30 28.56 6.33
CA ARG C 505 0.82 28.19 4.98
C ARG C 505 2.22 28.76 4.86
N PHE C 506 3.07 28.11 4.09
CA PHE C 506 4.36 28.68 3.76
C PHE C 506 4.12 29.95 2.98
N PRO C 507 4.72 31.07 3.42
CA PRO C 507 4.49 32.34 2.70
C PRO C 507 4.91 32.25 1.25
N ALA C 508 4.12 32.86 0.38
CA ALA C 508 4.53 33.10 -1.00
C ALA C 508 5.81 33.97 -0.91
N GLY C 509 6.41 34.09 -2.06
CA GLY C 509 7.55 34.92 -2.21
C GLY C 509 8.76 34.07 -1.83
N ARG C 510 9.69 34.70 -1.13
CA ARG C 510 11.01 34.11 -0.91
C ARG C 510 10.94 32.71 -0.32
N THR C 511 10.13 32.53 0.71
CA THR C 511 10.06 31.26 1.41
C THR C 511 9.72 30.12 0.43
N SER C 512 8.76 30.32 -0.45
CA SER C 512 8.36 29.27 -1.38
C SER C 512 9.38 29.05 -2.49
N LYS C 513 9.88 30.15 -3.06
CA LYS C 513 10.92 30.09 -4.08
C LYS C 513 12.16 29.34 -3.56
N GLU C 514 12.63 29.68 -2.34
CA GLU C 514 13.75 28.96 -1.71
C GLU C 514 13.43 27.50 -1.45
N ALA C 515 12.26 27.18 -0.94
CA ALA C 515 11.92 25.78 -0.71
C ALA C 515 12.02 24.88 -1.98
N GLU C 516 11.54 25.37 -3.10
CA GLU C 516 11.62 24.64 -4.36
C GLU C 516 13.07 24.61 -4.88
N ASP C 517 13.79 25.72 -4.80
CA ASP C 517 15.20 25.73 -5.13
C ASP C 517 16.00 24.76 -4.27
N MET C 518 15.62 24.68 -3.00
CA MET C 518 16.17 23.71 -2.07
C MET C 518 15.98 22.24 -2.49
N MET C 519 14.77 21.92 -2.88
CA MET C 519 14.47 20.63 -3.44
C MET C 519 15.41 20.36 -4.64
N THR C 520 15.41 21.26 -5.58
CA THR C 520 16.34 21.09 -6.74
C THR C 520 17.81 20.84 -6.26
N ASP C 521 18.27 21.62 -5.28
CA ASP C 521 19.65 21.50 -4.83
C ASP C 521 19.91 20.09 -4.22
N MET C 522 18.93 19.56 -3.48
CA MET C 522 19.00 18.22 -2.99
C MET C 522 19.04 17.20 -4.14
N CYS C 523 18.17 17.31 -5.14
CA CYS C 523 18.32 16.37 -6.27
C CYS C 523 19.71 16.46 -6.95
N VAL C 524 20.23 17.69 -7.10
CA VAL C 524 21.50 17.93 -7.78
C VAL C 524 22.68 17.43 -6.95
N MET C 525 22.67 17.72 -5.67
CA MET C 525 23.78 17.33 -4.83
C MET C 525 23.80 15.79 -4.58
N SER C 526 22.64 15.20 -4.29
CA SER C 526 22.52 13.82 -3.95
C SER C 526 23.04 12.92 -5.09
N ALA C 527 22.85 13.36 -6.32
CA ALA C 527 23.22 12.59 -7.49
C ALA C 527 24.72 12.44 -7.57
N LYS C 528 25.44 13.30 -6.89
CA LYS C 528 26.89 13.16 -6.84
C LYS C 528 27.36 11.94 -6.10
N ILE C 529 26.51 11.43 -5.19
CA ILE C 529 26.84 10.36 -4.27
C ILE C 529 26.16 9.07 -4.73
N GLY C 530 24.95 9.17 -5.30
CA GLY C 530 24.24 7.99 -5.79
C GLY C 530 22.85 8.31 -6.24
N GLY C 531 22.14 7.36 -6.85
CA GLY C 531 20.75 7.61 -7.23
C GLY C 531 19.82 7.38 -6.04
N PHE C 532 18.57 7.86 -6.16
CA PHE C 532 17.52 7.70 -5.18
C PHE C 532 17.21 6.24 -4.93
N LEU C 533 16.96 5.97 -3.66
CA LEU C 533 16.51 4.70 -3.22
C LEU C 533 15.04 4.58 -3.43
N PRO C 534 14.60 3.51 -4.13
CA PRO C 534 13.19 3.39 -4.38
C PRO C 534 12.41 3.35 -3.08
N GLY C 535 11.31 4.08 -2.99
CA GLY C 535 10.59 4.17 -1.72
C GLY C 535 11.04 5.32 -0.82
N SER C 536 12.18 5.94 -1.12
CA SER C 536 12.59 7.20 -0.46
C SER C 536 12.99 8.21 -1.50
N LEU C 537 12.04 8.48 -2.37
CA LEU C 537 12.30 9.39 -3.46
C LEU C 537 12.16 10.83 -2.88
N PRO C 538 12.71 11.82 -3.59
CA PRO C 538 12.66 13.22 -3.13
C PRO C 538 11.29 13.77 -2.95
N GLN C 539 11.04 14.28 -1.76
CA GLN C 539 9.73 14.73 -1.41
C GLN C 539 9.82 15.79 -0.34
N PHE C 540 8.82 16.66 -0.29
CA PHE C 540 8.55 17.51 0.85
C PHE C 540 7.88 16.65 1.91
N MET C 541 8.32 16.83 3.16
CA MET C 541 7.69 16.15 4.26
C MET C 541 6.47 16.89 4.80
N GLU C 542 5.62 16.16 5.50
CA GLU C 542 4.41 16.71 6.10
C GLU C 542 4.73 18.00 6.90
N PRO C 543 3.97 19.10 6.72
CA PRO C 543 4.33 20.36 7.40
C PRO C 543 4.44 20.15 8.91
N GLY C 544 5.62 20.49 9.46
CA GLY C 544 5.85 20.39 10.90
C GLY C 544 6.40 19.09 11.37
N LEU C 545 6.55 18.09 10.47
CA LEU C 545 7.18 16.82 10.89
C LEU C 545 8.62 17.07 11.35
N VAL C 546 9.22 18.13 10.79
CA VAL C 546 10.55 18.60 11.08
C VAL C 546 10.70 19.01 12.57
N LEU C 547 9.62 19.43 13.25
CA LEU C 547 9.66 19.75 14.69
C LEU C 547 10.65 20.90 15.01
N HIS C 548 10.65 21.91 14.14
CA HIS C 548 11.45 23.13 14.32
C HIS C 548 10.63 24.39 14.45
N LEU C 549 9.39 24.25 14.89
CA LEU C 549 8.52 25.40 15.23
C LEU C 549 9.17 26.51 16.07
N GLY C 550 9.04 27.73 15.60
CA GLY C 550 9.66 28.90 16.24
C GLY C 550 8.64 30.00 16.21
N GLY C 551 8.92 31.08 16.95
CA GLY C 551 8.18 32.27 16.76
C GLY C 551 6.86 32.41 17.46
N THR C 552 6.43 31.39 18.21
CA THR C 552 5.09 31.40 18.87
C THR C 552 4.99 32.37 20.09
N HIS C 553 6.18 32.73 20.67
CA HIS C 553 6.32 33.76 21.72
C HIS C 553 7.59 34.56 21.55
N ARG C 554 7.63 35.30 20.48
CA ARG C 554 8.90 35.70 19.88
C ARG C 554 9.60 36.86 20.59
N MET C 555 10.92 36.83 20.49
CA MET C 555 11.78 37.89 21.00
C MET C 555 11.93 39.10 20.14
N GLY C 556 12.05 40.25 20.75
CA GLY C 556 12.57 41.46 20.08
C GLY C 556 12.91 42.58 21.07
N PHE C 557 13.32 43.75 20.58
CA PHE C 557 13.73 44.80 21.49
C PHE C 557 12.52 45.57 21.98
N ASP C 558 11.51 45.77 21.12
CA ASP C 558 10.36 46.59 21.45
C ASP C 558 9.07 45.84 21.15
N GLU C 559 8.24 45.66 22.18
CA GLU C 559 7.02 44.91 22.03
C GLU C 559 6.21 45.33 20.77
N LYS C 560 6.00 46.60 20.58
CA LYS C 560 5.21 47.11 19.49
C LYS C 560 5.97 47.15 18.19
N GLU C 561 7.20 47.67 18.16
CA GLU C 561 7.88 47.87 16.84
C GLU C 561 8.41 46.57 16.27
N ASP C 562 8.72 45.62 17.14
CA ASP C 562 9.23 44.35 16.71
C ASP C 562 8.17 43.20 16.80
N ASN C 563 6.91 43.52 17.14
CA ASN C 563 5.82 42.54 17.24
C ASN C 563 6.23 41.29 17.95
N CYS C 564 6.50 41.44 19.22
CA CYS C 564 7.10 40.38 19.97
C CYS C 564 6.53 40.33 21.38
N CYS C 565 6.94 39.31 22.14
CA CYS C 565 6.36 38.93 23.41
C CYS C 565 7.37 38.93 24.60
N VAL C 566 8.64 38.72 24.28
CA VAL C 566 9.73 38.79 25.24
C VAL C 566 10.84 39.69 24.74
N ASN C 567 11.59 40.26 25.67
CA ASN C 567 12.76 41.06 25.32
C ASN C 567 13.98 40.14 25.22
N THR C 568 15.17 40.71 25.10
CA THR C 568 16.36 39.94 24.83
C THR C 568 16.89 39.21 26.07
N ASP C 569 16.30 39.46 27.24
CA ASP C 569 16.48 38.64 28.41
C ASP C 569 15.42 37.57 28.53
N SER C 570 14.60 37.39 27.49
CA SER C 570 13.52 36.42 27.53
C SER C 570 12.46 36.73 28.60
N ARG C 571 12.35 38.00 28.98
CA ARG C 571 11.38 38.42 30.00
C ARG C 571 10.13 38.91 29.28
N VAL C 572 8.99 38.47 29.72
CA VAL C 572 7.73 38.91 29.14
C VAL C 572 7.48 40.40 29.38
N PHE C 573 7.21 41.14 28.31
CA PHE C 573 7.05 42.55 28.36
C PHE C 573 6.03 42.90 29.43
N GLY C 574 6.41 43.94 30.19
CA GLY C 574 5.62 44.47 31.33
C GLY C 574 5.62 43.62 32.61
N PHE C 575 6.24 42.43 32.56
CA PHE C 575 6.20 41.52 33.69
C PHE C 575 7.62 41.41 34.27
N LYS C 576 7.75 41.62 35.58
CA LYS C 576 9.08 41.69 36.21
C LYS C 576 9.73 40.32 36.37
N ASN C 577 8.91 39.29 36.53
CA ASN C 577 9.43 38.02 37.03
C ASN C 577 8.96 36.83 36.20
N LEU C 578 8.63 37.07 34.92
CA LEU C 578 8.20 35.98 34.04
C LEU C 578 9.09 35.89 32.83
N PHE C 579 9.57 34.70 32.55
CA PHE C 579 10.53 34.44 31.51
C PHE C 579 10.11 33.25 30.69
N LEU C 580 10.35 33.32 29.37
CA LEU C 580 10.08 32.19 28.50
C LEU C 580 11.37 31.69 27.90
N GLY C 581 11.51 30.39 27.83
CA GLY C 581 12.64 29.76 27.16
C GLY C 581 12.18 28.79 26.08
N GLY C 582 12.95 28.72 24.99
CA GLY C 582 12.72 27.71 23.95
C GLY C 582 12.63 28.31 22.57
N CYS C 583 12.37 27.44 21.57
CA CYS C 583 12.39 27.84 20.18
C CYS C 583 11.32 28.88 19.83
N GLY C 584 10.26 28.93 20.63
CA GLY C 584 9.19 29.91 20.52
C GLY C 584 9.70 31.33 20.61
N ASN C 585 10.86 31.53 21.27
CA ASN C 585 11.51 32.83 21.33
C ASN C 585 12.11 33.26 20.00
N ILE C 586 12.53 32.31 19.17
CA ILE C 586 13.29 32.73 17.96
C ILE C 586 12.39 33.50 16.97
N PRO C 587 12.78 34.74 16.58
CA PRO C 587 11.79 35.49 15.80
C PRO C 587 12.16 35.57 14.31
N THR C 588 13.23 34.91 13.92
CA THR C 588 13.82 35.11 12.61
C THR C 588 13.41 33.95 11.69
N ALA C 589 13.76 34.06 10.42
CA ALA C 589 13.61 32.98 9.46
C ALA C 589 14.89 32.18 9.54
N TYR C 590 14.84 30.96 10.08
CA TYR C 590 16.06 30.11 10.23
C TYR C 590 15.87 28.74 9.59
N GLY C 591 16.96 28.21 9.07
CA GLY C 591 16.99 26.88 8.45
C GLY C 591 17.67 25.81 9.33
N ALA C 592 18.71 26.22 10.05
CA ALA C 592 19.49 25.31 10.91
C ALA C 592 18.65 24.84 12.09
N ASN C 593 19.02 23.74 12.72
CA ASN C 593 18.32 23.21 13.86
C ASN C 593 18.40 24.23 15.07
N PRO C 594 17.25 24.50 15.70
CA PRO C 594 17.23 25.69 16.53
C PRO C 594 17.60 25.51 18.02
N THR C 595 17.70 24.27 18.50
CA THR C 595 17.85 24.00 19.96
C THR C 595 19.07 24.73 20.59
N LEU C 596 20.24 24.63 19.94
CA LEU C 596 21.41 25.32 20.43
C LEU C 596 21.20 26.84 20.55
N THR C 597 20.54 27.44 19.55
CA THR C 597 20.22 28.88 19.57
C THR C 597 19.26 29.23 20.72
N ALA C 598 18.21 28.44 20.90
CA ALA C 598 17.27 28.59 22.04
C ALA C 598 18.04 28.43 23.39
N MET C 599 18.97 27.49 23.47
CA MET C 599 19.77 27.37 24.68
C MET C 599 20.61 28.64 24.94
N SER C 600 21.28 29.15 23.91
CA SER C 600 22.06 30.37 24.08
C SER C 600 21.19 31.48 24.66
N LEU C 601 19.97 31.60 24.18
CA LEU C 601 19.08 32.67 24.69
C LEU C 601 18.71 32.39 26.14
N ALA C 602 18.56 31.09 26.51
CA ALA C 602 18.26 30.73 27.91
C ALA C 602 19.45 31.12 28.79
N ILE C 603 20.67 30.90 28.33
CA ILE C 603 21.86 31.32 29.18
C ILE C 603 21.85 32.82 29.40
N LYS C 604 21.60 33.58 28.34
CA LYS C 604 21.47 35.01 28.46
C LYS C 604 20.36 35.42 29.43
N SER C 605 19.21 34.79 29.37
CA SER C 605 18.10 35.05 30.31
C SER C 605 18.53 34.82 31.79
N CYS C 606 19.25 33.74 32.01
CA CYS C 606 19.77 33.42 33.34
C CYS C 606 20.76 34.45 33.89
N GLU C 607 21.53 35.05 33.02
CA GLU C 607 22.39 36.18 33.41
C GLU C 607 21.61 37.36 33.94
N TYR C 608 20.46 37.65 33.32
CA TYR C 608 19.59 38.72 33.85
C TYR C 608 18.93 38.34 35.18
N ILE C 609 18.50 37.09 35.27
CA ILE C 609 17.87 36.59 36.52
C ILE C 609 18.88 36.68 37.68
N LYS C 610 20.11 36.28 37.44
CA LYS C 610 21.10 36.26 38.47
C LYS C 610 21.47 37.66 38.95
N GLN C 611 21.44 38.65 38.08
CA GLN C 611 21.68 40.02 38.45
C GLN C 611 20.45 40.74 39.00
N ASN C 612 19.26 40.15 39.01
CA ASN C 612 18.05 40.91 39.40
C ASN C 612 17.17 40.25 40.42
N PHE C 613 17.59 39.10 40.91
CA PHE C 613 16.85 38.34 41.93
C PHE C 613 17.88 37.71 42.83
N THR C 614 17.55 37.56 44.09
CA THR C 614 18.51 37.13 45.07
C THR C 614 18.07 35.79 45.62
N PRO C 615 18.99 34.84 45.76
CA PRO C 615 18.56 33.59 46.38
C PRO C 615 18.16 33.75 47.83
N SER C 616 17.27 32.87 48.27
CA SER C 616 16.77 32.87 49.63
C SER C 616 17.91 32.30 50.45
N PRO C 617 17.97 32.67 51.73
CA PRO C 617 18.94 32.06 52.65
C PRO C 617 18.79 30.52 52.66
N PHE C 618 19.90 29.78 52.62
CA PHE C 618 19.83 28.31 52.46
C PHE C 618 18.97 27.62 53.53
N LYS D 46 31.45 -14.07 44.64
CA LYS D 46 30.85 -15.45 44.70
C LYS D 46 29.43 -15.42 45.29
N TYR D 47 28.44 -16.08 44.63
CA TYR D 47 27.01 -16.08 45.09
C TYR D 47 26.37 -17.44 45.50
N ASP D 48 25.30 -17.38 46.28
CA ASP D 48 24.53 -18.58 46.51
C ASP D 48 23.87 -19.00 45.19
N VAL D 49 23.20 -18.04 44.54
CA VAL D 49 22.34 -18.29 43.36
C VAL D 49 22.56 -17.19 42.34
N VAL D 50 22.87 -17.59 41.11
CA VAL D 50 22.91 -16.66 39.98
C VAL D 50 21.76 -16.98 39.03
N ILE D 51 20.96 -15.96 38.76
CA ILE D 51 19.77 -16.00 37.86
C ILE D 51 20.09 -15.23 36.56
N VAL D 52 19.93 -15.90 35.42
CA VAL D 52 20.15 -15.30 34.09
C VAL D 52 18.77 -14.84 33.61
N GLY D 53 18.60 -13.52 33.54
CA GLY D 53 17.37 -12.89 33.05
C GLY D 53 16.45 -12.33 34.12
N SER D 54 15.91 -11.15 33.84
CA SER D 54 15.10 -10.39 34.77
C SER D 54 13.64 -10.19 34.28
N GLY D 55 13.14 -11.13 33.51
CA GLY D 55 11.74 -11.19 33.20
C GLY D 55 10.95 -11.65 34.38
N PRO D 56 9.63 -11.88 34.19
CA PRO D 56 8.86 -12.26 35.35
C PRO D 56 9.22 -13.67 35.91
N ILE D 57 9.82 -14.54 35.09
CA ILE D 57 10.17 -15.87 35.59
C ILE D 57 11.44 -15.82 36.43
N GLY D 58 12.50 -15.19 35.94
CA GLY D 58 13.69 -15.02 36.75
C GLY D 58 13.37 -14.28 38.07
N CYS D 59 12.46 -13.34 37.99
CA CYS D 59 11.93 -12.62 39.17
C CYS D 59 11.12 -13.49 40.15
N THR D 60 10.46 -14.52 39.66
CA THR D 60 9.85 -15.49 40.57
C THR D 60 10.94 -16.19 41.40
N TYR D 61 12.03 -16.55 40.77
CA TYR D 61 13.10 -17.24 41.51
C TYR D 61 13.70 -16.22 42.40
N ALA D 62 13.89 -14.99 41.90
CA ALA D 62 14.46 -13.97 42.77
C ALA D 62 13.55 -13.79 44.01
N ARG D 63 12.26 -13.59 43.81
CA ARG D 63 11.35 -13.34 44.95
C ARG D 63 11.46 -14.43 46.05
N GLU D 64 11.25 -15.69 45.65
CA GLU D 64 11.31 -16.88 46.53
C GLU D 64 12.68 -16.98 47.22
N LEU D 65 13.74 -16.89 46.41
CA LEU D 65 15.05 -17.22 46.90
C LEU D 65 15.71 -16.07 47.66
N VAL D 66 15.57 -14.82 47.20
CA VAL D 66 16.01 -13.65 48.04
C VAL D 66 15.30 -13.65 49.41
N GLY D 67 14.01 -13.95 49.34
CA GLY D 67 13.14 -13.94 50.51
C GLY D 67 13.50 -15.08 51.44
N ALA D 68 13.92 -16.23 50.90
CA ALA D 68 14.38 -17.33 51.72
C ALA D 68 15.75 -17.09 52.31
N GLY D 69 16.38 -15.92 52.07
CA GLY D 69 17.65 -15.58 52.74
C GLY D 69 18.87 -15.93 51.91
N TYR D 70 18.69 -16.39 50.67
CA TYR D 70 19.84 -16.71 49.82
C TYR D 70 20.50 -15.43 49.32
N LYS D 71 21.81 -15.53 49.05
CA LYS D 71 22.53 -14.41 48.45
C LYS D 71 22.44 -14.45 46.93
N VAL D 72 21.72 -13.51 46.34
CA VAL D 72 21.32 -13.68 44.94
C VAL D 72 21.93 -12.65 43.99
N ALA D 73 22.48 -13.13 42.88
CA ALA D 73 22.81 -12.27 41.75
C ALA D 73 21.89 -12.56 40.57
N MET D 74 21.43 -11.49 39.92
CA MET D 74 20.69 -11.54 38.67
C MET D 74 21.40 -10.69 37.65
N PHE D 75 21.57 -11.26 36.45
CA PHE D 75 22.23 -10.68 35.30
C PHE D 75 21.25 -10.50 34.15
N ASP D 76 21.29 -9.34 33.53
CA ASP D 76 20.43 -9.10 32.36
C ASP D 76 21.23 -8.44 31.27
N ILE D 77 20.99 -8.88 30.05
CA ILE D 77 21.72 -8.43 28.87
C ILE D 77 21.20 -7.01 28.58
N GLY D 78 19.97 -6.74 28.99
CA GLY D 78 19.32 -5.49 28.77
C GLY D 78 19.57 -4.51 29.88
N GLU D 79 18.95 -3.34 29.77
CA GLU D 79 19.12 -2.25 30.69
C GLU D 79 17.84 -1.76 31.31
N ILE D 80 18.00 -0.93 32.33
CA ILE D 80 16.87 -0.36 33.04
C ILE D 80 16.32 0.87 32.31
N ASP D 81 15.05 0.86 31.94
CA ASP D 81 14.39 2.08 31.44
C ASP D 81 12.99 2.46 31.97
N SER D 82 12.29 1.57 32.68
CA SER D 82 10.87 1.82 33.00
C SER D 82 10.65 2.73 34.19
N GLY D 83 11.30 3.90 34.21
CA GLY D 83 11.12 4.81 35.32
C GLY D 83 11.78 4.29 36.58
N LEU D 84 11.35 4.82 37.72
CA LEU D 84 11.89 4.45 39.02
C LEU D 84 11.67 2.99 39.39
N LYS D 85 10.51 2.47 39.03
CA LYS D 85 10.16 1.08 39.32
C LYS D 85 10.84 0.21 38.28
N ILE D 86 11.94 -0.39 38.72
CA ILE D 86 12.80 -1.20 37.85
C ILE D 86 11.95 -2.35 37.37
N GLY D 87 11.96 -2.59 36.06
CA GLY D 87 11.26 -3.70 35.48
C GLY D 87 9.73 -3.58 35.42
N ALA D 88 9.21 -2.36 35.57
CA ALA D 88 7.78 -2.13 35.64
C ALA D 88 7.13 -2.07 34.23
N HIS D 89 5.82 -2.17 34.20
CA HIS D 89 5.13 -2.12 32.89
C HIS D 89 5.20 -0.72 32.32
N LYS D 90 5.70 -0.55 31.08
CA LYS D 90 5.84 0.77 30.45
C LYS D 90 4.51 1.49 30.11
N LYS D 91 3.40 0.77 30.13
CA LYS D 91 2.06 1.31 29.91
C LYS D 91 1.54 2.09 31.12
N ASN D 92 2.21 2.02 32.27
CA ASN D 92 1.68 2.65 33.50
C ASN D 92 2.20 4.10 33.60
N THR D 93 2.00 4.86 32.55
CA THR D 93 2.27 6.29 32.56
C THR D 93 0.93 6.94 32.27
N VAL D 94 0.76 8.18 32.77
CA VAL D 94 -0.46 8.90 32.51
C VAL D 94 -0.60 9.17 31.03
N GLU D 95 0.51 9.57 30.43
CA GLU D 95 0.57 9.80 28.99
C GLU D 95 0.14 8.59 28.13
N TYR D 96 0.57 7.37 28.47
CA TYR D 96 0.16 6.19 27.65
C TYR D 96 -1.26 5.77 27.87
N GLN D 97 -1.81 6.00 29.05
CA GLN D 97 -3.23 5.68 29.26
C GLN D 97 -4.18 6.74 28.71
N LYS D 98 -3.71 7.98 28.55
CA LYS D 98 -4.42 8.95 27.73
C LYS D 98 -4.26 8.75 26.20
N ASN D 99 -3.31 7.92 25.78
CA ASN D 99 -2.94 7.83 24.37
C ASN D 99 -2.59 6.41 24.05
N ILE D 100 -3.51 5.48 24.28
CA ILE D 100 -3.15 4.06 24.34
C ILE D 100 -2.73 3.48 22.97
N ASP D 101 -3.25 4.05 21.88
CA ASP D 101 -2.94 3.62 20.50
C ASP D 101 -1.47 3.86 20.18
N LYS D 102 -0.83 4.68 20.99
CA LYS D 102 0.62 4.90 20.79
C LYS D 102 1.52 3.83 21.37
N PHE D 103 0.99 3.02 22.28
CA PHE D 103 1.80 2.06 22.99
C PHE D 103 2.29 0.94 22.07
N VAL D 104 1.56 0.63 21.00
CA VAL D 104 2.04 -0.33 19.97
C VAL D 104 3.54 -0.03 19.64
N ASN D 105 3.89 1.25 19.58
CA ASN D 105 5.27 1.64 19.19
C ASN D 105 6.31 1.19 20.20
N VAL D 106 5.98 1.33 21.48
CA VAL D 106 6.86 0.85 22.54
C VAL D 106 7.16 -0.63 22.37
N ILE D 107 6.10 -1.41 22.11
CA ILE D 107 6.21 -2.87 21.98
C ILE D 107 7.11 -3.20 20.73
N GLN D 108 6.78 -2.63 19.55
CA GLN D 108 7.58 -2.91 18.32
C GLN D 108 9.02 -2.45 18.51
N GLY D 109 9.26 -1.41 19.30
CA GLY D 109 10.60 -0.97 19.55
C GLY D 109 11.50 -1.92 20.34
N GLN D 110 10.94 -2.82 21.14
CA GLN D 110 11.76 -3.75 21.91
C GLN D 110 11.61 -5.22 21.44
N LEU D 111 10.81 -5.46 20.39
CA LEU D 111 10.65 -6.77 19.82
C LEU D 111 11.63 -6.96 18.66
N MET D 112 12.70 -7.72 18.88
CA MET D 112 13.72 -7.95 17.84
C MET D 112 13.53 -9.33 17.20
N SER D 113 13.38 -9.42 15.89
CA SER D 113 13.07 -10.67 15.25
C SER D 113 14.12 -11.74 15.51
N VAL D 114 13.70 -12.98 15.72
CA VAL D 114 14.65 -14.06 16.07
C VAL D 114 15.49 -14.52 14.90
N SER D 115 14.85 -14.80 13.76
CA SER D 115 15.46 -15.35 12.58
C SER D 115 14.74 -14.71 11.41
N VAL D 116 15.49 -13.92 10.61
CA VAL D 116 15.01 -13.24 9.43
C VAL D 116 15.74 -13.92 8.26
N PRO D 117 15.00 -14.55 7.35
CA PRO D 117 15.64 -15.20 6.23
C PRO D 117 16.23 -14.17 5.28
N VAL D 118 17.15 -14.61 4.44
CA VAL D 118 17.78 -13.75 3.45
C VAL D 118 16.68 -13.19 2.56
N ASN D 119 16.70 -11.89 2.32
CA ASN D 119 15.71 -11.21 1.53
C ASN D 119 15.90 -11.44 0.00
N THR D 120 14.83 -11.76 -0.70
CA THR D 120 14.90 -11.97 -2.14
C THR D 120 13.97 -11.05 -2.95
N LEU D 121 13.64 -9.90 -2.37
CA LEU D 121 12.84 -8.90 -3.03
C LEU D 121 13.68 -8.30 -4.11
N VAL D 122 13.03 -8.10 -5.24
CA VAL D 122 13.70 -7.58 -6.44
C VAL D 122 13.53 -6.09 -6.48
N VAL D 123 14.62 -5.35 -6.36
CA VAL D 123 14.56 -3.89 -6.53
C VAL D 123 15.26 -3.58 -7.85
N ASP D 124 14.51 -3.31 -8.91
CA ASP D 124 15.10 -3.18 -10.23
C ASP D 124 14.92 -1.76 -10.77
N THR D 125 14.64 -0.79 -9.91
CA THR D 125 14.51 0.58 -10.35
C THR D 125 15.55 1.51 -9.67
N LEU D 126 16.64 0.92 -9.20
CA LEU D 126 17.83 1.68 -8.82
C LEU D 126 18.36 2.44 -10.07
N SER D 127 18.93 3.61 -9.88
CA SER D 127 19.67 4.29 -10.93
C SER D 127 20.72 3.34 -11.42
N PRO D 128 21.02 3.39 -12.71
CA PRO D 128 22.18 2.65 -13.27
C PRO D 128 23.51 2.99 -12.58
N THR D 129 23.61 4.20 -12.03
CA THR D 129 24.89 4.54 -11.38
C THR D 129 25.03 3.92 -9.99
N SER D 130 23.93 3.47 -9.37
CA SER D 130 24.00 2.94 -7.99
C SER D 130 24.58 1.54 -7.97
N TRP D 131 25.27 1.23 -6.90
CA TRP D 131 25.82 -0.12 -6.68
C TRP D 131 24.64 -1.04 -6.55
N GLN D 132 24.65 -2.08 -7.39
CA GLN D 132 23.54 -3.04 -7.50
C GLN D 132 24.06 -4.45 -7.33
N ALA D 133 23.34 -5.25 -6.56
CA ALA D 133 23.71 -6.64 -6.25
C ALA D 133 23.65 -7.54 -7.48
N SER D 134 24.51 -8.53 -7.53
CA SER D 134 24.36 -9.64 -8.46
C SER D 134 23.68 -10.84 -7.89
N THR D 135 23.67 -10.93 -6.56
CA THR D 135 23.07 -12.07 -5.83
C THR D 135 22.26 -11.55 -4.64
N PHE D 136 21.39 -12.38 -4.12
CA PHE D 136 20.73 -12.05 -2.88
C PHE D 136 21.65 -12.55 -1.74
N PHE D 137 22.72 -11.81 -1.47
CA PHE D 137 23.69 -12.15 -0.44
C PHE D 137 23.17 -11.74 0.95
N VAL D 138 23.89 -12.17 1.97
CA VAL D 138 23.49 -11.98 3.34
C VAL D 138 23.67 -10.54 3.77
N ARG D 139 22.56 -9.88 4.07
CA ARG D 139 22.50 -8.42 4.28
C ARG D 139 21.73 -8.13 5.51
N ASN D 140 22.08 -7.06 6.18
CA ASN D 140 21.24 -6.49 7.24
C ASN D 140 20.84 -7.46 8.37
N GLY D 141 21.75 -8.29 8.84
CA GLY D 141 21.47 -9.24 9.95
C GLY D 141 20.60 -10.46 9.57
N SER D 142 20.42 -10.74 8.29
CA SER D 142 19.64 -11.91 7.88
C SER D 142 20.41 -13.21 8.15
N ASN D 143 19.66 -14.29 8.30
CA ASN D 143 20.14 -15.64 8.64
C ASN D 143 20.09 -16.58 7.44
N PRO D 144 21.23 -16.83 6.80
CA PRO D 144 21.17 -17.72 5.63
C PRO D 144 20.83 -19.18 5.97
N GLU D 145 20.82 -19.55 7.24
CA GLU D 145 20.46 -20.88 7.60
C GLU D 145 18.97 -21.10 7.47
N GLN D 146 18.18 -20.03 7.54
CA GLN D 146 16.71 -20.09 7.74
C GLN D 146 15.97 -20.39 6.46
N ASP D 147 15.21 -21.48 6.43
CA ASP D 147 14.32 -21.72 5.32
C ASP D 147 13.14 -20.77 5.60
N PRO D 148 12.90 -19.81 4.69
CA PRO D 148 11.76 -18.89 4.88
C PRO D 148 10.40 -19.57 5.00
N LEU D 149 10.27 -20.73 4.35
CA LEU D 149 8.97 -21.48 4.35
C LEU D 149 8.79 -22.40 5.60
N ARG D 150 9.76 -22.46 6.50
CA ARG D 150 9.63 -23.29 7.72
C ARG D 150 10.08 -22.52 8.91
N ASN D 151 9.66 -21.25 8.97
CA ASN D 151 10.09 -20.30 9.98
C ASN D 151 8.95 -20.01 10.98
N LEU D 152 9.33 -19.40 12.10
CA LEU D 152 8.44 -18.59 12.92
C LEU D 152 8.83 -17.12 12.75
N SER D 153 8.42 -16.53 11.62
CA SER D 153 8.86 -15.20 11.23
C SER D 153 8.46 -14.15 12.26
N GLY D 154 7.34 -14.36 12.94
CA GLY D 154 6.87 -13.39 13.93
C GLY D 154 7.56 -13.51 15.28
N GLN D 155 8.31 -14.59 15.47
CA GLN D 155 9.01 -14.73 16.74
C GLN D 155 9.97 -13.59 16.95
N ALA D 156 10.01 -13.11 18.18
CA ALA D 156 10.83 -11.96 18.53
C ALA D 156 11.20 -12.03 19.97
N VAL D 157 12.29 -11.37 20.34
CA VAL D 157 12.77 -11.39 21.72
C VAL D 157 13.00 -10.00 22.24
N THR D 158 12.91 -9.82 23.58
CA THR D 158 13.08 -8.52 24.19
C THR D 158 14.31 -8.52 25.10
N ARG D 159 15.18 -7.50 25.00
CA ARG D 159 16.32 -7.38 25.87
C ARG D 159 16.27 -6.09 26.64
N VAL D 160 15.50 -6.11 27.73
CA VAL D 160 15.40 -4.98 28.66
C VAL D 160 15.14 -5.58 30.06
N VAL D 161 15.48 -4.86 31.12
CA VAL D 161 15.17 -5.31 32.49
C VAL D 161 13.63 -5.39 32.65
N GLY D 162 13.15 -6.59 33.08
CA GLY D 162 11.70 -6.90 33.14
C GLY D 162 11.28 -7.78 31.96
N GLY D 163 12.16 -7.90 30.96
CA GLY D 163 11.91 -8.70 29.79
C GLY D 163 10.61 -8.28 29.12
N MET D 164 9.89 -9.25 28.56
CA MET D 164 8.66 -8.95 27.84
C MET D 164 7.58 -8.43 28.75
N SER D 165 7.71 -8.61 30.06
CA SER D 165 6.69 -8.14 30.99
C SER D 165 6.60 -6.64 31.12
N THR D 166 7.50 -5.92 30.44
CA THR D 166 7.46 -4.49 30.41
C THR D 166 6.40 -4.03 29.40
N ALA D 167 5.93 -4.93 28.52
CA ALA D 167 4.96 -4.55 27.46
C ALA D 167 3.79 -5.49 27.33
N TRP D 168 3.76 -6.58 28.09
CA TRP D 168 2.80 -7.60 27.86
C TRP D 168 1.35 -7.19 28.10
N THR D 169 0.43 -8.05 27.69
CA THR D 169 -1.03 -7.84 27.79
C THR D 169 -1.60 -8.24 29.15
N CYS D 170 -0.83 -8.99 29.95
CA CYS D 170 -1.23 -9.35 31.29
C CYS D 170 -2.36 -10.40 31.42
N ALA D 171 -2.66 -11.11 30.37
CA ALA D 171 -3.67 -12.17 30.46
C ALA D 171 -3.02 -13.42 31.11
N THR D 172 -3.53 -13.83 32.29
CA THR D 172 -2.97 -14.95 33.09
C THR D 172 -4.09 -15.94 33.43
N PRO D 173 -4.60 -16.67 32.42
CA PRO D 173 -5.44 -17.85 32.72
C PRO D 173 -4.67 -19.11 33.17
N ARG D 174 -5.37 -19.99 33.85
CA ARG D 174 -4.85 -21.31 34.17
C ARG D 174 -5.06 -22.22 33.03
N PHE D 175 -4.19 -23.20 32.89
CA PHE D 175 -4.51 -24.31 32.02
C PHE D 175 -5.42 -25.29 32.75
N ASP D 176 -6.40 -25.84 32.03
CA ASP D 176 -7.18 -27.01 32.49
C ASP D 176 -6.34 -28.25 32.21
N ARG D 177 -6.84 -29.40 32.63
CA ARG D 177 -6.02 -30.63 32.57
C ARG D 177 -5.54 -30.98 31.17
N GLU D 178 -6.42 -30.85 30.17
CA GLU D 178 -6.08 -31.25 28.81
C GLU D 178 -4.87 -30.48 28.24
N GLN D 179 -4.61 -29.28 28.75
CA GLN D 179 -3.53 -28.44 28.24
C GLN D 179 -2.23 -28.49 29.05
N ARG D 180 -2.24 -29.18 30.18
CA ARG D 180 -1.31 -28.90 31.29
C ARG D 180 -0.43 -30.12 31.58
N PRO D 181 0.87 -29.94 31.76
CA PRO D 181 1.69 -31.11 32.02
C PRO D 181 1.39 -31.74 33.40
N LEU D 182 1.64 -33.03 33.54
CA LEU D 182 1.41 -33.70 34.82
C LEU D 182 2.56 -33.40 35.76
N LEU D 183 2.21 -33.00 36.99
CA LEU D 183 3.17 -32.90 38.10
C LEU D 183 3.14 -34.13 39.03
N VAL D 184 1.98 -34.78 39.18
CA VAL D 184 1.86 -36.04 39.94
C VAL D 184 1.33 -37.08 38.99
N LYS D 185 1.95 -38.26 38.92
CA LYS D 185 1.47 -39.25 37.94
C LYS D 185 0.53 -40.23 38.59
N ASP D 186 -0.40 -40.75 37.80
CA ASP D 186 -1.28 -41.78 38.28
C ASP D 186 -1.93 -41.35 39.59
N ASP D 187 -2.29 -40.07 39.69
CA ASP D 187 -3.16 -39.59 40.74
C ASP D 187 -3.77 -38.23 40.37
N ALA D 188 -4.89 -38.25 39.69
CA ALA D 188 -5.45 -37.04 39.09
C ALA D 188 -5.77 -35.98 40.13
N ASP D 189 -6.30 -36.40 41.27
CA ASP D 189 -6.71 -35.46 42.33
C ASP D 189 -5.55 -34.76 43.01
N ALA D 190 -4.43 -35.47 43.22
CA ALA D 190 -3.21 -34.88 43.82
C ALA D 190 -2.54 -33.93 42.81
N ASP D 191 -2.51 -34.34 41.54
CA ASP D 191 -2.05 -33.45 40.46
C ASP D 191 -2.83 -32.13 40.50
N ASP D 192 -4.16 -32.27 40.47
CA ASP D 192 -5.04 -31.11 40.51
C ASP D 192 -4.74 -30.22 41.70
N ALA D 193 -4.52 -30.85 42.85
CA ALA D 193 -4.31 -30.15 44.11
C ALA D 193 -3.06 -29.35 44.02
N GLU D 194 -2.00 -29.99 43.53
CA GLU D 194 -0.70 -29.33 43.41
C GLU D 194 -0.76 -28.05 42.49
N TRP D 195 -1.27 -28.24 41.29
CA TRP D 195 -1.52 -27.11 40.38
C TRP D 195 -2.36 -26.00 40.97
N ASP D 196 -3.40 -26.34 41.72
CA ASP D 196 -4.18 -25.30 42.40
C ASP D 196 -3.34 -24.52 43.38
N ARG D 197 -2.50 -25.22 44.13
CA ARG D 197 -1.66 -24.60 45.13
C ARG D 197 -0.66 -23.65 44.46
N LEU D 198 -0.01 -24.13 43.40
CA LEU D 198 1.00 -23.37 42.64
C LEU D 198 0.39 -22.17 41.90
N TYR D 199 -0.70 -22.42 41.16
CA TYR D 199 -1.41 -21.37 40.47
C TYR D 199 -1.88 -20.26 41.39
N THR D 200 -2.34 -20.58 42.60
CA THR D 200 -2.90 -19.53 43.47
C THR D 200 -1.78 -18.66 43.96
N LYS D 201 -0.62 -19.26 44.19
CA LYS D 201 0.57 -18.50 44.56
C LYS D 201 1.02 -17.65 43.35
N ALA D 202 1.05 -18.24 42.14
CA ALA D 202 1.45 -17.46 40.93
C ALA D 202 0.49 -16.29 40.79
N GLU D 203 -0.80 -16.54 40.98
CA GLU D 203 -1.80 -15.46 40.78
C GLU D 203 -1.62 -14.33 41.73
N SER D 204 -1.19 -14.65 42.94
CA SER D 204 -0.92 -13.63 43.93
C SER D 204 0.41 -12.86 43.64
N TYR D 205 1.43 -13.53 43.17
CA TYR D 205 2.64 -12.84 42.74
C TYR D 205 2.36 -11.76 41.64
N PHE D 206 1.55 -12.15 40.67
CA PHE D 206 1.16 -11.27 39.52
C PHE D 206 0.01 -10.30 39.80
N GLN D 207 -0.64 -10.48 40.95
CA GLN D 207 -1.89 -9.77 41.30
C GLN D 207 -2.98 -9.94 40.22
N THR D 208 -3.22 -11.18 39.81
CA THR D 208 -4.22 -11.54 38.81
C THR D 208 -5.59 -11.35 39.41
N GLY D 209 -6.49 -10.64 38.75
CA GLY D 209 -7.92 -10.59 39.13
C GLY D 209 -8.89 -10.71 37.94
N THR D 210 -10.19 -10.75 38.23
CA THR D 210 -11.25 -10.91 37.24
C THR D 210 -12.36 -9.86 37.49
N ASP D 211 -12.02 -8.78 38.17
CA ASP D 211 -13.02 -7.81 38.60
C ASP D 211 -12.65 -6.38 38.14
N GLN D 212 -11.51 -6.21 37.52
CA GLN D 212 -11.02 -4.85 37.19
C GLN D 212 -11.82 -4.12 36.05
N PHE D 213 -12.61 -4.86 35.28
CA PHE D 213 -13.43 -4.27 34.22
C PHE D 213 -14.93 -4.40 34.48
N LYS D 214 -15.30 -4.72 35.72
CA LYS D 214 -16.66 -5.09 36.03
C LYS D 214 -17.67 -3.95 35.76
N GLU D 215 -17.21 -2.70 35.75
CA GLU D 215 -18.07 -1.56 35.45
C GLU D 215 -17.77 -0.83 34.15
N SER D 216 -17.23 -1.54 33.19
CA SER D 216 -17.14 -1.05 31.82
C SER D 216 -18.43 -1.39 31.08
N ILE D 217 -19.06 -0.40 30.46
CA ILE D 217 -20.21 -0.62 29.59
C ILE D 217 -19.93 -1.55 28.39
N ARG D 218 -18.86 -1.27 27.68
CA ARG D 218 -18.41 -2.07 26.56
C ARG D 218 -18.17 -3.52 26.94
N HIS D 219 -17.46 -3.72 28.07
CA HIS D 219 -17.18 -5.03 28.58
C HIS D 219 -18.45 -5.78 28.80
N ASN D 220 -19.38 -5.20 29.56
CA ASN D 220 -20.59 -5.90 29.88
C ASN D 220 -21.58 -6.04 28.70
N LEU D 221 -21.59 -5.06 27.79
CA LEU D 221 -22.35 -5.17 26.51
C LEU D 221 -21.94 -6.44 25.77
N VAL D 222 -20.64 -6.65 25.58
CA VAL D 222 -20.16 -7.85 24.88
C VAL D 222 -20.36 -9.14 25.69
N LEU D 223 -20.01 -9.12 26.99
CA LEU D 223 -20.10 -10.32 27.84
C LEU D 223 -21.55 -10.80 27.89
N ASN D 224 -22.48 -9.86 28.11
CA ASN D 224 -23.89 -10.23 28.31
C ASN D 224 -24.42 -10.80 26.98
N LYS D 225 -23.99 -10.27 25.87
CA LYS D 225 -24.52 -10.77 24.61
C LYS D 225 -23.99 -12.18 24.31
N LEU D 226 -22.70 -12.44 24.57
CA LEU D 226 -22.14 -13.74 24.29
C LEU D 226 -22.68 -14.77 25.28
N THR D 227 -22.85 -14.35 26.52
CA THR D 227 -23.44 -15.23 27.58
C THR D 227 -24.83 -15.68 27.11
N GLU D 228 -25.70 -14.74 26.74
CA GLU D 228 -27.01 -15.06 26.20
C GLU D 228 -26.91 -15.94 24.97
N GLU D 229 -26.09 -15.55 24.01
CA GLU D 229 -26.02 -16.32 22.74
C GLU D 229 -25.59 -17.77 22.92
N TYR D 230 -24.72 -18.03 23.90
CA TYR D 230 -24.19 -19.33 24.11
C TYR D 230 -24.74 -19.98 25.40
N LYS D 231 -25.91 -19.55 25.82
CA LYS D 231 -26.49 -20.01 27.06
C LYS D 231 -26.60 -21.51 27.00
N GLY D 232 -26.09 -22.17 28.03
CA GLY D 232 -26.10 -23.63 28.08
C GLY D 232 -25.03 -24.32 27.26
N GLN D 233 -24.25 -23.60 26.42
CA GLN D 233 -23.18 -24.22 25.66
C GLN D 233 -21.76 -23.79 26.05
N ARG D 234 -21.55 -22.49 26.31
CA ARG D 234 -20.23 -21.96 26.71
C ARG D 234 -20.35 -20.92 27.79
N ASP D 235 -19.35 -20.86 28.65
CA ASP D 235 -19.33 -19.88 29.73
C ASP D 235 -18.35 -18.84 29.33
N PHE D 236 -18.72 -17.60 29.64
CA PHE D 236 -17.88 -16.47 29.38
C PHE D 236 -17.63 -15.73 30.70
N GLN D 237 -16.50 -15.06 30.80
CA GLN D 237 -16.15 -14.30 31.98
C GLN D 237 -15.09 -13.26 31.62
N GLN D 238 -14.72 -12.41 32.56
CA GLN D 238 -13.55 -11.53 32.29
C GLN D 238 -12.28 -12.33 32.12
N ILE D 239 -11.41 -11.86 31.23
CA ILE D 239 -10.07 -12.42 31.08
C ILE D 239 -9.41 -12.24 32.42
N PRO D 240 -8.78 -13.29 32.98
CA PRO D 240 -8.00 -12.99 34.17
C PRO D 240 -6.76 -12.18 33.83
N LEU D 241 -6.60 -11.05 34.53
CA LEU D 241 -5.62 -10.04 34.22
C LEU D 241 -4.71 -9.72 35.40
N ALA D 242 -3.39 -9.70 35.12
CA ALA D 242 -2.35 -9.30 36.09
C ALA D 242 -2.35 -7.75 36.11
N ALA D 243 -3.22 -7.18 36.95
CA ALA D 243 -3.54 -5.75 36.90
C ALA D 243 -4.27 -5.31 38.17
N THR D 244 -4.01 -4.09 38.61
CA THR D 244 -4.83 -3.48 39.65
C THR D 244 -5.34 -2.14 39.19
N ARG D 245 -6.68 -1.98 39.20
CA ARG D 245 -7.30 -0.70 38.87
C ARG D 245 -7.05 0.29 39.98
N ARG D 246 -6.47 1.45 39.64
CA ARG D 246 -6.32 2.56 40.59
C ARG D 246 -7.42 3.62 40.46
N SER D 247 -8.02 3.79 39.30
CA SER D 247 -9.11 4.78 39.18
C SER D 247 -9.94 4.42 37.97
N PRO D 248 -11.07 5.14 37.77
CA PRO D 248 -11.88 4.75 36.67
C PRO D 248 -11.11 4.83 35.33
N THR D 249 -9.96 5.49 35.29
CA THR D 249 -9.30 5.66 34.00
C THR D 249 -7.82 5.24 33.97
N PHE D 250 -7.34 4.67 35.06
CA PHE D 250 -5.97 4.16 35.12
C PHE D 250 -5.89 2.75 35.74
N VAL D 251 -5.20 1.86 35.02
CA VAL D 251 -4.94 0.46 35.48
C VAL D 251 -3.45 0.23 35.68
N GLU D 252 -3.02 -0.08 36.90
CA GLU D 252 -1.67 -0.46 37.10
C GLU D 252 -1.49 -1.91 36.63
N TRP D 253 -1.01 -2.04 35.42
CA TRP D 253 -0.68 -3.32 34.82
C TRP D 253 0.51 -3.90 35.52
N SER D 254 0.46 -5.20 35.78
CA SER D 254 1.51 -5.90 36.50
C SER D 254 2.67 -6.25 35.56
N SER D 255 3.78 -6.68 36.13
CA SER D 255 5.04 -6.85 35.43
C SER D 255 6.02 -7.61 36.34
N ALA D 256 7.23 -7.87 35.84
CA ALA D 256 8.25 -8.44 36.69
C ALA D 256 8.36 -7.66 38.01
N ASN D 257 8.30 -6.35 37.92
CA ASN D 257 8.46 -5.48 39.11
C ASN D 257 7.45 -5.81 40.21
N THR D 258 6.25 -6.20 39.80
CA THR D 258 5.19 -6.58 40.76
C THR D 258 5.56 -7.82 41.55
N VAL D 259 6.22 -8.77 40.88
CA VAL D 259 6.58 -10.03 41.40
C VAL D 259 7.79 -9.80 42.32
N PHE D 260 8.74 -8.98 41.88
CA PHE D 260 9.95 -8.62 42.65
C PHE D 260 10.46 -7.25 42.21
N ASP D 261 10.65 -6.29 43.12
CA ASP D 261 10.89 -4.89 42.69
C ASP D 261 12.28 -4.63 42.14
N LEU D 262 13.10 -5.67 42.17
CA LEU D 262 14.47 -5.66 41.58
C LEU D 262 15.46 -4.64 42.19
N GLN D 263 15.14 -4.10 43.37
CA GLN D 263 16.05 -3.16 44.10
C GLN D 263 17.23 -3.89 44.75
N ASN D 264 18.40 -3.30 44.75
CA ASN D 264 19.54 -3.95 45.41
C ASN D 264 19.29 -4.12 46.90
N ARG D 265 19.73 -5.24 47.45
CA ARG D 265 19.50 -5.57 48.87
C ARG D 265 20.80 -6.06 49.50
N PRO D 266 21.02 -5.79 50.80
CA PRO D 266 20.16 -5.18 51.82
C PRO D 266 19.80 -3.72 51.55
N ASN D 267 18.56 -3.38 51.87
CA ASN D 267 18.15 -1.98 51.88
C ASN D 267 17.27 -1.75 53.12
N THR D 268 16.70 -0.56 53.27
CA THR D 268 15.98 -0.23 54.51
C THR D 268 14.82 -1.19 54.75
N ASP D 269 14.04 -1.42 53.69
CA ASP D 269 12.84 -2.27 53.79
C ASP D 269 13.15 -3.76 53.71
N ALA D 270 14.40 -4.12 53.39
CA ALA D 270 14.85 -5.52 53.44
C ALA D 270 16.28 -5.55 53.94
N PRO D 271 16.49 -5.20 55.22
CA PRO D 271 17.86 -5.18 55.75
C PRO D 271 18.56 -6.54 55.78
N GLU D 272 17.81 -7.62 55.80
CA GLU D 272 18.38 -8.97 55.95
C GLU D 272 18.46 -9.70 54.61
N GLU D 273 18.08 -9.08 53.53
CA GLU D 273 18.08 -9.80 52.27
C GLU D 273 19.27 -9.39 51.44
N ARG D 274 19.73 -10.29 50.56
CA ARG D 274 20.87 -9.99 49.72
C ARG D 274 20.57 -10.18 48.22
N PHE D 275 20.67 -9.07 47.48
CA PHE D 275 20.29 -9.08 46.05
C PHE D 275 21.04 -8.03 45.27
N ASN D 276 21.72 -8.48 44.23
CA ASN D 276 22.26 -7.58 43.22
C ASN D 276 21.80 -7.87 41.77
N LEU D 277 21.31 -6.83 41.11
CA LEU D 277 20.99 -6.89 39.69
C LEU D 277 22.12 -6.28 38.88
N PHE D 278 22.62 -6.97 37.87
CA PHE D 278 23.65 -6.41 36.99
C PHE D 278 23.12 -6.31 35.56
N PRO D 279 22.62 -5.13 35.17
CA PRO D 279 22.20 -4.92 33.78
C PRO D 279 23.37 -4.80 32.81
N ALA D 280 23.04 -4.82 31.54
CA ALA D 280 24.02 -4.77 30.43
C ALA D 280 25.10 -5.87 30.60
N VAL D 281 24.70 -7.06 31.11
CA VAL D 281 25.62 -8.23 31.20
C VAL D 281 25.07 -9.40 30.40
N ALA D 282 25.81 -9.81 29.37
CA ALA D 282 25.44 -10.90 28.46
C ALA D 282 26.03 -12.17 29.03
N CYS D 283 25.18 -13.07 29.50
CA CYS D 283 25.60 -14.44 29.93
C CYS D 283 25.77 -15.39 28.74
N GLU D 284 26.96 -15.98 28.61
CA GLU D 284 27.34 -16.69 27.40
C GLU D 284 27.36 -18.20 27.50
N ARG D 285 27.77 -18.72 28.67
CA ARG D 285 28.06 -20.14 28.88
C ARG D 285 27.97 -20.53 30.34
N VAL D 286 27.36 -21.67 30.60
CA VAL D 286 27.52 -22.33 31.91
C VAL D 286 28.57 -23.45 31.69
N VAL D 287 29.59 -23.47 32.55
CA VAL D 287 30.74 -24.39 32.42
C VAL D 287 30.45 -25.65 33.23
N ARG D 288 30.52 -26.78 32.55
CA ARG D 288 30.19 -28.09 33.10
C ARG D 288 31.48 -28.67 33.66
N ASN D 289 31.40 -29.43 34.77
CA ASN D 289 32.54 -30.24 35.21
C ASN D 289 32.83 -31.36 34.20
N ALA D 290 34.00 -31.99 34.37
CA ALA D 290 34.44 -33.09 33.50
C ALA D 290 33.42 -34.23 33.48
N LEU D 291 32.79 -34.51 34.63
CA LEU D 291 31.84 -35.64 34.80
C LEU D 291 30.44 -35.36 34.21
N ASN D 292 30.17 -34.11 33.86
CA ASN D 292 28.83 -33.62 33.49
C ASN D 292 27.80 -33.90 34.57
N SER D 293 28.08 -33.52 35.80
CA SER D 293 27.11 -33.65 36.88
C SER D 293 26.94 -32.37 37.71
N GLU D 294 27.61 -31.29 37.32
CA GLU D 294 27.61 -30.01 38.04
C GLU D 294 28.11 -28.89 37.12
N ILE D 295 27.57 -27.67 37.32
CA ILE D 295 28.08 -26.47 36.66
C ILE D 295 29.10 -25.76 37.60
N GLU D 296 30.24 -25.41 37.03
CA GLU D 296 31.35 -24.84 37.78
C GLU D 296 31.35 -23.30 37.85
N SER D 297 30.81 -22.66 36.79
CA SER D 297 30.67 -21.23 36.76
C SER D 297 29.75 -20.76 35.63
N LEU D 298 29.47 -19.47 35.64
CA LEU D 298 28.68 -18.80 34.57
C LEU D 298 29.64 -17.87 33.87
N HIS D 299 29.85 -18.04 32.56
CA HIS D 299 30.69 -17.05 31.85
C HIS D 299 29.89 -15.91 31.30
N ILE D 300 30.29 -14.69 31.70
CA ILE D 300 29.57 -13.46 31.34
C ILE D 300 30.45 -12.48 30.58
N HIS D 301 29.81 -11.53 29.88
CA HIS D 301 30.52 -10.44 29.20
C HIS D 301 29.84 -9.18 29.62
N ASP D 302 30.52 -8.37 30.43
CA ASP D 302 30.00 -7.10 30.87
C ASP D 302 30.03 -6.20 29.64
N LEU D 303 28.85 -5.73 29.20
CA LEU D 303 28.75 -4.96 27.96
C LEU D 303 29.18 -3.49 28.04
N ILE D 304 29.13 -2.83 29.20
CA ILE D 304 29.63 -1.46 29.25
C ILE D 304 31.17 -1.42 29.32
N SER D 305 31.78 -2.25 30.16
CA SER D 305 33.23 -2.23 30.40
C SER D 305 33.96 -3.09 29.38
N GLY D 306 33.25 -4.04 28.77
CA GLY D 306 33.84 -4.96 27.79
C GLY D 306 34.46 -6.18 28.44
N ASP D 307 34.46 -6.26 29.78
CA ASP D 307 35.17 -7.33 30.52
C ASP D 307 34.40 -8.63 30.58
N ARG D 308 35.14 -9.72 30.62
CA ARG D 308 34.57 -11.03 30.82
C ARG D 308 34.97 -11.60 32.17
N PHE D 309 34.05 -12.32 32.80
CA PHE D 309 34.30 -12.91 34.10
C PHE D 309 33.65 -14.29 34.15
N GLU D 310 34.14 -15.11 35.08
CA GLU D 310 33.47 -16.36 35.42
C GLU D 310 32.82 -16.07 36.77
N ILE D 311 31.55 -16.34 36.92
CA ILE D 311 30.94 -16.06 38.20
C ILE D 311 30.63 -17.41 38.82
N LYS D 312 31.00 -17.54 40.07
CA LYS D 312 30.80 -18.78 40.82
C LYS D 312 29.48 -18.74 41.59
N ALA D 313 28.75 -19.85 41.62
CA ALA D 313 27.54 -19.92 42.43
C ALA D 313 27.28 -21.36 42.85
N ASP D 314 26.65 -21.55 44.01
CA ASP D 314 26.07 -22.83 44.38
C ASP D 314 24.94 -23.30 43.44
N VAL D 315 24.11 -22.35 42.98
CA VAL D 315 22.90 -22.63 42.21
C VAL D 315 22.82 -21.68 40.98
N TYR D 316 22.60 -22.30 39.81
CA TYR D 316 22.52 -21.61 38.52
C TYR D 316 21.10 -21.73 37.96
N VAL D 317 20.39 -20.59 37.82
CA VAL D 317 19.06 -20.52 37.24
C VAL D 317 19.03 -19.76 35.91
N LEU D 318 18.61 -20.42 34.84
CA LEU D 318 18.53 -19.80 33.51
C LEU D 318 17.06 -19.44 33.18
N THR D 319 16.75 -18.16 33.11
CA THR D 319 15.41 -17.69 32.80
C THR D 319 15.50 -16.53 31.76
N ALA D 320 16.16 -16.86 30.64
CA ALA D 320 16.47 -15.90 29.60
C ALA D 320 15.40 -15.98 28.44
N GLY D 321 14.32 -16.71 28.67
CA GLY D 321 13.26 -16.95 27.70
C GLY D 321 13.48 -18.24 26.95
N ALA D 322 12.40 -18.70 26.29
CA ALA D 322 12.37 -19.94 25.53
C ALA D 322 13.42 -20.04 24.45
N VAL D 323 13.77 -18.96 23.78
CA VAL D 323 14.81 -19.00 22.78
C VAL D 323 16.20 -18.90 23.38
N HIS D 324 16.46 -17.91 24.25
CA HIS D 324 17.82 -17.65 24.73
C HIS D 324 18.30 -18.56 25.83
N ASN D 325 17.39 -19.23 26.55
CA ASN D 325 17.81 -20.37 27.42
C ASN D 325 18.46 -21.44 26.56
N THR D 326 17.77 -21.78 25.48
CA THR D 326 18.22 -22.84 24.57
C THR D 326 19.56 -22.48 23.94
N GLN D 327 19.69 -21.22 23.48
CA GLN D 327 20.94 -20.68 22.94
C GLN D 327 22.15 -20.86 23.90
N LEU D 328 21.93 -20.48 25.16
CA LEU D 328 22.97 -20.52 26.18
C LEU D 328 23.40 -21.98 26.44
N LEU D 329 22.41 -22.85 26.63
CA LEU D 329 22.67 -24.28 26.83
C LEU D 329 23.44 -24.84 25.65
N VAL D 330 22.99 -24.54 24.41
CA VAL D 330 23.66 -25.06 23.22
C VAL D 330 25.08 -24.52 23.13
N ASN D 331 25.23 -23.24 23.46
CA ASN D 331 26.55 -22.63 23.59
C ASN D 331 27.42 -23.25 24.73
N SER D 332 26.85 -24.09 25.58
CA SER D 332 27.56 -24.69 26.68
C SER D 332 27.82 -26.15 26.47
N GLY D 333 27.50 -26.68 25.28
CA GLY D 333 27.70 -28.10 24.98
C GLY D 333 26.56 -29.05 25.32
N PHE D 334 25.41 -28.51 25.70
CA PHE D 334 24.18 -29.31 25.71
C PHE D 334 23.54 -29.29 24.30
N GLY D 335 22.81 -30.34 23.98
CA GLY D 335 22.17 -30.46 22.68
C GLY D 335 23.20 -30.63 21.62
N GLN D 336 22.88 -30.14 20.42
CA GLN D 336 23.77 -30.23 19.25
C GLN D 336 23.86 -28.83 18.62
N LEU D 337 25.06 -28.31 18.41
CA LEU D 337 25.23 -27.09 17.73
C LEU D 337 25.13 -27.36 16.23
N GLY D 338 24.51 -26.45 15.47
CA GLY D 338 24.55 -26.55 14.00
C GLY D 338 23.35 -27.24 13.41
N ARG D 339 23.33 -27.42 12.08
CA ARG D 339 22.19 -28.05 11.42
C ARG D 339 21.98 -29.41 12.09
N PRO D 340 20.73 -29.73 12.46
CA PRO D 340 20.48 -31.03 13.13
C PRO D 340 21.10 -32.17 12.35
N ASN D 341 21.87 -33.03 12.98
CA ASN D 341 22.49 -34.13 12.26
C ASN D 341 22.30 -35.41 13.04
N PRO D 342 21.27 -36.19 12.69
CA PRO D 342 20.98 -37.42 13.45
C PRO D 342 22.12 -38.44 13.41
N ALA D 343 22.96 -38.41 12.38
CA ALA D 343 24.16 -39.26 12.34
C ALA D 343 25.01 -39.11 13.61
N ASN D 344 24.98 -37.94 14.26
CA ASN D 344 25.71 -37.71 15.54
C ASN D 344 24.83 -37.52 16.75
N PRO D 345 24.49 -38.61 17.46
CA PRO D 345 23.65 -38.38 18.65
C PRO D 345 24.26 -37.32 19.57
N PRO D 346 23.46 -36.36 20.05
CA PRO D 346 24.05 -35.42 21.00
C PRO D 346 24.39 -36.12 22.29
N GLU D 347 25.43 -35.64 22.96
CA GLU D 347 25.86 -36.29 24.17
C GLU D 347 25.04 -35.91 25.41
N LEU D 348 24.61 -34.66 25.54
CA LEU D 348 23.72 -34.28 26.67
C LEU D 348 22.42 -33.68 26.12
N LEU D 349 21.33 -33.90 26.86
CA LEU D 349 19.99 -33.40 26.49
C LEU D 349 19.69 -33.50 24.99
N PRO D 350 19.41 -34.71 24.52
CA PRO D 350 19.27 -34.85 23.09
C PRO D 350 17.95 -34.19 22.55
N SER D 351 17.05 -33.85 23.46
CA SER D 351 15.71 -33.35 23.09
C SER D 351 15.65 -31.83 23.11
N LEU D 352 16.76 -31.20 23.55
CA LEU D 352 16.87 -29.73 23.60
C LEU D 352 16.64 -29.13 22.23
N GLY D 353 15.73 -28.16 22.15
CA GLY D 353 15.37 -27.55 20.88
C GLY D 353 14.56 -28.41 19.97
N SER D 354 13.97 -29.47 20.51
CA SER D 354 13.11 -30.32 19.72
C SER D 354 11.71 -30.27 20.38
N TYR D 355 10.65 -30.65 19.65
CA TYR D 355 9.29 -30.66 20.21
C TYR D 355 8.81 -29.25 20.53
N ILE D 356 9.30 -28.26 19.80
CA ILE D 356 8.89 -26.88 20.05
C ILE D 356 7.45 -26.67 19.52
N THR D 357 6.68 -25.94 20.31
CA THR D 357 5.31 -25.64 20.02
C THR D 357 5.14 -24.11 19.96
N GLU D 358 4.44 -23.67 18.95
CA GLU D 358 3.94 -22.32 18.93
C GLU D 358 2.47 -22.40 18.51
N GLN D 359 1.64 -21.51 19.05
CA GLN D 359 0.20 -21.55 18.82
C GLN D 359 -0.15 -20.87 17.52
N SER D 360 -1.14 -21.44 16.84
CA SER D 360 -1.82 -20.75 15.74
C SER D 360 -2.60 -19.58 16.35
N LEU D 361 -2.58 -18.44 15.67
CA LEU D 361 -3.34 -17.28 16.15
C LEU D 361 -4.17 -16.77 15.01
N VAL D 362 -5.46 -16.66 15.23
CA VAL D 362 -6.31 -15.92 14.33
C VAL D 362 -6.83 -14.66 14.99
N PHE D 363 -7.08 -13.65 14.14
CA PHE D 363 -7.32 -12.27 14.58
C PHE D 363 -8.31 -11.60 13.64
N CYS D 364 -9.21 -10.78 14.18
CA CYS D 364 -9.93 -9.82 13.38
C CYS D 364 -10.37 -8.71 14.33
N GLN D 365 -10.91 -7.63 13.81
CA GLN D 365 -11.64 -6.66 14.65
C GLN D 365 -13.07 -6.51 14.10
N THR D 366 -14.00 -6.14 14.98
CA THR D 366 -15.35 -5.86 14.60
C THR D 366 -15.80 -4.46 14.97
N VAL D 367 -16.88 -4.07 14.29
CA VAL D 367 -17.53 -2.79 14.50
C VAL D 367 -18.92 -3.08 15.05
N MET D 368 -19.17 -2.57 16.25
CA MET D 368 -20.35 -2.96 17.01
C MET D 368 -21.67 -2.81 16.24
N SER D 369 -22.53 -3.82 16.34
CA SER D 369 -23.80 -3.78 15.63
C SER D 369 -24.65 -2.62 16.07
N THR D 370 -25.50 -2.16 15.16
CA THR D 370 -26.43 -1.09 15.48
C THR D 370 -27.32 -1.50 16.58
N GLU D 371 -27.77 -2.75 16.54
CA GLU D 371 -28.63 -3.29 17.61
C GLU D 371 -27.98 -3.23 19.02
N LEU D 372 -26.72 -3.63 19.13
CA LEU D 372 -26.02 -3.58 20.43
C LEU D 372 -25.86 -2.15 20.91
N ILE D 373 -25.45 -1.25 20.02
CA ILE D 373 -25.30 0.16 20.32
C ILE D 373 -26.61 0.77 20.80
N ASP D 374 -27.70 0.52 20.09
CA ASP D 374 -29.02 0.99 20.52
C ASP D 374 -29.44 0.39 21.87
N SER D 375 -29.08 -0.86 22.10
CA SER D 375 -29.38 -1.49 23.42
C SER D 375 -28.71 -0.73 24.58
N VAL D 376 -27.60 -0.03 24.32
CA VAL D 376 -26.86 0.67 25.39
C VAL D 376 -27.73 1.70 26.10
N LYS D 377 -28.67 2.26 25.34
CA LYS D 377 -29.55 3.28 25.83
C LYS D 377 -31.02 2.85 25.92
N SER D 378 -31.24 1.54 26.02
CA SER D 378 -32.56 0.99 26.02
C SER D 378 -33.42 1.58 27.15
N ASP D 379 -32.82 1.90 28.30
CA ASP D 379 -33.56 2.37 29.50
C ASP D 379 -33.75 3.88 29.57
N MET D 380 -33.15 4.61 28.62
CA MET D 380 -33.30 6.04 28.56
C MET D 380 -34.58 6.51 27.92
N THR D 381 -35.13 7.62 28.42
CA THR D 381 -36.17 8.39 27.74
C THR D 381 -35.54 9.68 27.27
N ILE D 382 -35.69 10.00 26.01
CA ILE D 382 -35.00 11.10 25.41
C ILE D 382 -36.08 12.07 24.98
N ARG D 383 -35.96 13.32 25.38
CA ARG D 383 -36.90 14.40 25.05
C ARG D 383 -36.11 15.48 24.35
N GLY D 384 -36.68 16.04 23.31
CA GLY D 384 -36.05 17.13 22.63
C GLY D 384 -35.09 16.50 21.67
N THR D 385 -34.33 17.37 21.03
CA THR D 385 -33.29 16.93 20.12
C THR D 385 -31.97 17.56 20.64
N PRO D 386 -30.87 16.83 20.44
CA PRO D 386 -29.62 17.25 21.01
C PRO D 386 -29.32 18.67 20.65
N GLY D 387 -28.74 19.36 21.61
CA GLY D 387 -28.42 20.73 21.47
C GLY D 387 -29.55 21.66 21.85
N GLU D 388 -30.83 21.24 21.85
CA GLU D 388 -31.91 22.19 22.24
C GLU D 388 -31.77 22.51 23.73
N LEU D 389 -32.47 23.56 24.13
CA LEU D 389 -32.56 24.01 25.51
C LEU D 389 -33.17 22.91 26.34
N THR D 390 -34.18 22.28 25.82
CA THR D 390 -34.91 21.25 26.55
C THR D 390 -34.54 19.83 26.16
N TYR D 391 -33.39 19.62 25.53
CA TYR D 391 -32.91 18.24 25.40
C TYR D 391 -32.72 17.61 26.76
N SER D 392 -33.31 16.45 26.97
CA SER D 392 -33.23 15.80 28.25
C SER D 392 -33.20 14.30 28.04
N VAL D 393 -32.30 13.62 28.76
CA VAL D 393 -32.18 12.14 28.73
C VAL D 393 -32.34 11.69 30.17
N THR D 394 -33.33 10.89 30.44
CA THR D 394 -33.53 10.41 31.80
C THR D 394 -33.79 8.90 31.78
N TYR D 395 -33.64 8.29 32.94
CA TYR D 395 -34.10 6.93 33.23
C TYR D 395 -34.68 6.87 34.66
N THR D 396 -35.28 5.72 34.97
CA THR D 396 -35.83 5.42 36.29
C THR D 396 -34.95 4.46 37.01
N PRO D 397 -34.26 4.96 38.04
CA PRO D 397 -33.40 4.06 38.80
C PRO D 397 -34.19 2.93 39.44
N GLY D 398 -33.63 1.75 39.49
CA GLY D 398 -34.35 0.59 40.02
C GLY D 398 -35.54 0.00 39.26
N ALA D 399 -36.04 0.66 38.22
CA ALA D 399 -37.20 0.18 37.49
C ALA D 399 -36.95 -1.26 37.05
N SER D 400 -37.90 -2.14 37.34
CA SER D 400 -37.66 -3.57 37.13
C SER D 400 -37.69 -3.91 35.66
N THR D 401 -38.25 -3.02 34.84
CA THR D 401 -38.24 -3.18 33.40
C THR D 401 -36.93 -2.67 32.78
N ASN D 402 -36.11 -1.91 33.52
CA ASN D 402 -34.76 -1.58 33.05
C ASN D 402 -33.95 -2.83 32.66
N LYS D 403 -33.24 -2.79 31.55
CA LYS D 403 -32.34 -3.89 31.18
C LYS D 403 -30.95 -3.79 31.75
N HIS D 404 -30.60 -2.65 32.30
CA HIS D 404 -29.23 -2.42 32.71
C HIS D 404 -29.19 -1.91 34.13
N PRO D 405 -28.11 -2.19 34.84
CA PRO D 405 -28.04 -1.69 36.22
C PRO D 405 -27.96 -0.17 36.26
N ASP D 406 -28.24 0.41 37.41
CA ASP D 406 -28.14 1.85 37.62
C ASP D 406 -26.75 2.39 37.30
N TRP D 407 -25.69 1.66 37.62
CA TRP D 407 -24.36 2.25 37.38
C TRP D 407 -24.18 2.54 35.92
N TRP D 408 -24.77 1.70 35.09
CA TRP D 408 -24.63 1.85 33.63
C TRP D 408 -25.50 2.96 33.12
N ASN D 409 -26.76 2.98 33.51
CA ASN D 409 -27.60 4.03 33.06
C ASN D 409 -27.08 5.41 33.50
N GLU D 410 -26.53 5.54 34.69
CA GLU D 410 -26.07 6.84 35.13
C GLU D 410 -24.97 7.31 34.14
N LYS D 411 -24.06 6.44 33.84
CA LYS D 411 -22.95 6.82 32.91
C LYS D 411 -23.42 7.21 31.52
N VAL D 412 -24.39 6.48 30.98
CA VAL D 412 -24.97 6.76 29.65
C VAL D 412 -25.72 8.07 29.71
N LYS D 413 -26.50 8.27 30.76
CA LYS D 413 -27.18 9.55 30.95
C LYS D 413 -26.20 10.74 30.90
N ASN D 414 -25.18 10.66 31.75
CA ASN D 414 -24.27 11.75 31.87
C ASN D 414 -23.54 11.99 30.54
N HIS D 415 -23.15 10.93 29.84
CA HIS D 415 -22.51 11.10 28.54
C HIS D 415 -23.37 11.79 27.51
N MET D 416 -24.61 11.28 27.36
CA MET D 416 -25.52 11.82 26.39
C MET D 416 -25.88 13.26 26.75
N MET D 417 -25.93 13.63 28.05
CA MET D 417 -26.28 15.00 28.41
C MET D 417 -25.11 15.96 28.31
N GLN D 418 -23.90 15.48 28.53
CA GLN D 418 -22.76 16.37 28.55
C GLN D 418 -22.15 16.53 27.18
N HIS D 419 -22.43 15.61 26.26
CA HIS D 419 -21.85 15.56 24.94
C HIS D 419 -22.91 15.34 23.93
N GLN D 420 -23.72 16.36 23.71
CA GLN D 420 -24.91 16.31 22.85
C GLN D 420 -24.58 16.31 21.35
N GLU D 421 -23.36 16.71 21.02
CA GLU D 421 -22.85 16.65 19.64
C GLU D 421 -22.36 15.21 19.25
N ASP D 422 -22.26 14.32 20.22
CA ASP D 422 -21.74 13.02 19.97
C ASP D 422 -22.85 12.04 19.67
N PRO D 423 -22.70 11.25 18.61
CA PRO D 423 -23.80 10.35 18.28
C PRO D 423 -23.90 9.01 19.00
N LEU D 424 -22.95 8.66 19.87
CA LEU D 424 -22.91 7.34 20.45
C LEU D 424 -23.27 7.47 21.92
N PRO D 425 -23.83 6.40 22.49
CA PRO D 425 -24.22 6.42 23.93
C PRO D 425 -23.17 5.92 24.94
N ILE D 426 -22.04 5.46 24.43
CA ILE D 426 -20.94 4.95 25.22
C ILE D 426 -20.06 6.09 25.67
N PRO D 427 -19.78 6.19 26.95
CA PRO D 427 -18.93 7.24 27.47
C PRO D 427 -17.52 7.23 26.88
N PHE D 428 -16.91 8.39 26.81
CA PHE D 428 -15.62 8.55 26.17
C PHE D 428 -14.53 7.78 26.88
N GLU D 429 -14.59 7.62 28.16
CA GLU D 429 -13.52 6.90 28.82
C GLU D 429 -13.96 5.53 29.33
N ASP D 430 -14.94 4.94 28.67
CA ASP D 430 -15.43 3.68 29.14
C ASP D 430 -14.31 2.70 28.86
N PRO D 431 -13.88 1.94 29.85
CA PRO D 431 -12.81 0.99 29.52
C PRO D 431 -13.21 -0.14 28.54
N GLU D 432 -12.22 -0.77 27.96
CA GLU D 432 -12.42 -1.75 26.90
C GLU D 432 -13.01 -3.08 27.42
N PRO D 433 -13.60 -3.88 26.52
CA PRO D 433 -13.98 -5.20 26.89
C PRO D 433 -12.78 -6.08 27.17
N GLN D 434 -12.97 -7.05 28.04
CA GLN D 434 -11.92 -8.01 28.37
C GLN D 434 -12.62 -9.36 28.56
N VAL D 435 -13.13 -9.94 27.48
CA VAL D 435 -13.95 -11.12 27.59
C VAL D 435 -13.20 -12.35 27.03
N THR D 436 -13.42 -13.49 27.70
CA THR D 436 -13.00 -14.79 27.22
C THR D 436 -14.05 -15.88 27.40
N THR D 437 -14.01 -16.89 26.55
CA THR D 437 -14.53 -18.23 26.90
C THR D 437 -13.29 -19.12 26.85
N LEU D 438 -12.96 -19.68 28.00
CA LEU D 438 -11.74 -20.45 28.14
C LEU D 438 -11.80 -21.78 27.35
N PHE D 439 -10.61 -22.24 26.99
CA PHE D 439 -10.43 -23.49 26.25
C PHE D 439 -11.27 -24.63 26.85
N GLN D 440 -12.03 -25.34 26.02
CA GLN D 440 -12.74 -26.57 26.45
C GLN D 440 -12.66 -27.62 25.36
N PRO D 441 -12.79 -28.90 25.73
CA PRO D 441 -12.80 -29.92 24.68
C PRO D 441 -13.70 -29.64 23.49
N SER D 442 -14.87 -29.01 23.68
CA SER D 442 -15.72 -28.73 22.53
C SER D 442 -15.26 -27.50 21.73
N HIS D 443 -14.38 -26.66 22.30
CA HIS D 443 -13.83 -25.49 21.58
C HIS D 443 -12.44 -25.26 22.10
N PRO D 444 -11.50 -26.06 21.57
CA PRO D 444 -10.16 -26.27 22.11
C PRO D 444 -9.19 -25.18 21.63
N TRP D 445 -9.54 -23.97 22.00
CA TRP D 445 -8.72 -22.83 21.77
C TRP D 445 -9.00 -21.85 22.86
N HIS D 446 -8.01 -21.05 23.18
CA HIS D 446 -8.27 -19.89 24.01
C HIS D 446 -8.85 -18.78 23.16
N THR D 447 -9.67 -17.94 23.80
CA THR D 447 -10.26 -16.74 23.18
C THR D 447 -10.05 -15.46 24.00
N GLN D 448 -9.81 -14.33 23.29
CA GLN D 448 -9.77 -13.00 23.87
C GLN D 448 -10.61 -12.04 22.98
N ILE D 449 -11.58 -11.38 23.64
CA ILE D 449 -12.52 -10.49 22.98
C ILE D 449 -12.34 -9.22 23.74
N HIS D 450 -11.55 -8.31 23.19
CA HIS D 450 -10.90 -7.31 23.99
C HIS D 450 -10.34 -6.20 23.16
N ARG D 451 -9.55 -5.31 23.76
CA ARG D 451 -8.73 -4.36 23.05
CA ARG D 451 -8.73 -4.37 23.04
C ARG D 451 -7.30 -4.51 23.57
N ASP D 452 -6.37 -4.74 22.64
CA ASP D 452 -4.97 -5.05 22.91
C ASP D 452 -4.21 -3.84 22.44
N ALA D 453 -3.21 -3.41 23.21
CA ALA D 453 -2.37 -2.30 22.77
C ALA D 453 -1.45 -2.74 21.63
N PHE D 454 -1.27 -4.05 21.45
CA PHE D 454 -0.44 -4.57 20.36
C PHE D 454 -1.29 -4.74 19.11
N SER D 455 -1.66 -3.62 18.48
CA SER D 455 -2.30 -3.63 17.15
C SER D 455 -1.31 -4.16 16.09
N TYR D 456 -1.86 -4.88 15.11
CA TYR D 456 -1.06 -5.61 14.12
C TYR D 456 -1.02 -4.88 12.80
N GLY D 457 -2.01 -4.03 12.54
CA GLY D 457 -2.02 -3.15 11.35
C GLY D 457 -1.86 -1.68 11.70
N ALA D 458 -1.82 -0.81 10.67
CA ALA D 458 -1.82 0.64 10.93
C ALA D 458 -3.06 0.99 11.78
N VAL D 459 -2.91 1.93 12.72
CA VAL D 459 -4.05 2.50 13.46
C VAL D 459 -5.02 3.00 12.39
N GLN D 460 -6.30 2.82 12.61
CA GLN D 460 -7.28 3.48 11.77
C GLN D 460 -8.02 4.51 12.63
N GLN D 461 -8.52 5.54 11.96
CA GLN D 461 -9.04 6.71 12.61
C GLN D 461 -10.44 7.07 12.14
N SER D 462 -10.97 6.33 11.18
CA SER D 462 -12.26 6.75 10.61
C SER D 462 -13.41 6.14 11.42
N ILE D 463 -13.24 4.94 11.96
CA ILE D 463 -14.31 4.34 12.73
C ILE D 463 -14.04 4.68 14.21
N ASP D 464 -15.07 5.16 14.90
CA ASP D 464 -14.94 5.54 16.31
C ASP D 464 -14.40 4.40 17.12
N SER D 465 -13.39 4.66 17.94
CA SER D 465 -12.78 3.53 18.66
C SER D 465 -13.67 2.81 19.61
N ARG D 466 -14.66 3.49 20.17
CA ARG D 466 -15.58 2.81 21.09
C ARG D 466 -16.37 1.68 20.44
N LEU D 467 -16.42 1.63 19.12
CA LEU D 467 -17.20 0.60 18.43
C LEU D 467 -16.34 -0.64 18.20
N ILE D 468 -15.03 -0.48 18.30
CA ILE D 468 -14.10 -1.56 17.89
C ILE D 468 -13.81 -2.60 18.96
N VAL D 469 -13.85 -3.89 18.59
CA VAL D 469 -13.52 -5.06 19.46
C VAL D 469 -12.54 -5.93 18.71
N ASP D 470 -11.48 -6.38 19.39
CA ASP D 470 -10.49 -7.28 18.83
C ASP D 470 -10.92 -8.71 19.19
N TRP D 471 -10.68 -9.63 18.25
CA TRP D 471 -10.84 -11.06 18.45
C TRP D 471 -9.55 -11.73 18.18
N ARG D 472 -9.07 -12.44 19.20
CA ARG D 472 -7.91 -13.27 19.13
C ARG D 472 -8.26 -14.65 19.67
N PHE D 473 -8.11 -15.67 18.80
CA PHE D 473 -8.30 -17.06 19.15
C PHE D 473 -6.93 -17.71 18.97
N PHE D 474 -6.57 -18.53 19.95
CA PHE D 474 -5.23 -19.09 20.11
C PHE D 474 -5.38 -20.60 20.12
N GLY D 475 -4.76 -21.25 19.14
CA GLY D 475 -4.85 -22.71 19.00
C GLY D 475 -3.72 -23.45 19.71
N ARG D 476 -3.95 -24.68 20.13
CA ARG D 476 -2.85 -25.52 20.68
C ARG D 476 -2.11 -26.30 19.57
N THR D 477 -0.81 -26.47 19.75
CA THR D 477 0.05 -27.19 18.77
C THR D 477 0.70 -28.48 19.34
N GLU D 478 0.40 -29.64 18.72
CA GLU D 478 1.02 -30.93 19.05
C GLU D 478 2.52 -30.80 19.09
N PRO D 479 3.15 -31.26 20.19
CA PRO D 479 4.61 -31.31 20.19
C PRO D 479 5.12 -32.39 19.25
N LYS D 480 6.06 -32.08 18.37
CA LYS D 480 6.57 -33.03 17.38
C LYS D 480 8.08 -32.89 17.32
N GLU D 481 8.77 -34.02 17.34
CA GLU D 481 10.24 -34.00 17.30
C GLU D 481 10.84 -33.17 16.12
N GLU D 482 10.17 -33.16 14.99
CA GLU D 482 10.72 -32.55 13.78
C GLU D 482 10.67 -31.02 13.86
N ASN D 483 9.87 -30.48 14.77
CA ASN D 483 9.77 -29.02 14.92
C ASN D 483 10.87 -28.54 15.88
N LYS D 484 11.80 -27.77 15.33
CA LYS D 484 13.05 -27.48 16.03
C LYS D 484 13.42 -26.01 16.06
N LEU D 485 14.09 -25.65 17.15
CA LEU D 485 14.92 -24.50 17.30
C LEU D 485 16.34 -24.96 17.39
N TRP D 486 17.16 -24.55 16.42
CA TRP D 486 18.57 -24.90 16.50
C TRP D 486 19.45 -23.69 16.24
N PHE D 487 20.74 -23.86 16.45
CA PHE D 487 21.66 -22.75 16.42
C PHE D 487 22.82 -22.99 15.47
N SER D 488 23.12 -21.98 14.66
CA SER D 488 24.13 -22.09 13.64
C SER D 488 25.49 -22.30 14.26
N ASP D 489 26.31 -23.12 13.65
CA ASP D 489 27.69 -23.16 14.12
C ASP D 489 28.57 -22.14 13.40
N LYS D 490 28.04 -21.31 12.52
CA LYS D 490 28.86 -20.33 11.78
C LYS D 490 28.29 -18.92 11.86
N ILE D 491 26.99 -18.80 11.69
CA ILE D 491 26.32 -17.50 11.76
C ILE D 491 26.14 -17.12 13.24
N THR D 492 26.39 -15.85 13.59
CA THR D 492 26.11 -15.37 14.94
C THR D 492 25.22 -14.11 14.94
N ASP D 493 24.52 -13.88 16.06
CA ASP D 493 23.61 -12.77 16.27
C ASP D 493 24.37 -11.54 16.74
N ALA D 494 23.63 -10.48 17.07
CA ALA D 494 24.22 -9.18 17.35
C ALA D 494 25.12 -9.20 18.61
N TYR D 495 24.92 -10.20 19.47
CA TYR D 495 25.75 -10.37 20.66
C TYR D 495 26.75 -11.50 20.47
N ASN D 496 26.96 -11.90 19.21
CA ASN D 496 27.96 -12.88 18.94
C ASN D 496 27.71 -14.23 19.54
N MET D 497 26.47 -14.59 19.64
CA MET D 497 26.13 -15.93 20.05
C MET D 497 25.54 -16.68 18.86
N PRO D 498 25.52 -18.03 18.96
CA PRO D 498 25.08 -18.78 17.81
C PRO D 498 23.68 -18.38 17.30
N GLN D 499 23.57 -18.12 16.01
CA GLN D 499 22.28 -17.60 15.44
C GLN D 499 21.13 -18.60 15.53
N PRO D 500 20.00 -18.22 16.20
CA PRO D 500 18.85 -19.09 16.22
C PRO D 500 18.21 -19.31 14.84
N THR D 501 17.76 -20.54 14.59
CA THR D 501 17.16 -20.90 13.33
C THR D 501 16.00 -21.78 13.64
N PHE D 502 14.84 -21.54 13.03
CA PHE D 502 13.71 -22.39 13.22
C PHE D 502 13.56 -23.33 12.06
N ASP D 503 13.02 -24.50 12.37
CA ASP D 503 12.51 -25.46 11.39
C ASP D 503 11.13 -25.89 11.90
N PHE D 504 10.07 -25.21 11.49
CA PHE D 504 8.76 -25.42 12.09
C PHE D 504 7.63 -25.39 11.04
N ARG D 505 6.72 -26.36 11.06
CA ARG D 505 5.45 -26.27 10.37
C ARG D 505 4.42 -26.69 11.38
N PHE D 506 3.23 -26.12 11.29
CA PHE D 506 2.17 -26.60 12.14
C PHE D 506 1.88 -28.05 11.75
N PRO D 507 1.85 -28.96 12.75
CA PRO D 507 1.63 -30.38 12.48
C PRO D 507 0.33 -30.62 11.77
N ALA D 508 0.39 -31.49 10.79
CA ALA D 508 -0.77 -32.13 10.19
C ALA D 508 -1.60 -32.84 11.26
N GLY D 509 -2.85 -33.06 10.92
CA GLY D 509 -3.76 -33.81 11.74
C GLY D 509 -4.43 -32.77 12.62
N ARG D 510 -4.48 -33.05 13.91
CA ARG D 510 -5.33 -32.33 14.83
C ARG D 510 -4.99 -30.83 14.92
N THR D 511 -3.70 -30.49 15.04
CA THR D 511 -3.33 -29.07 15.14
C THR D 511 -3.90 -28.22 13.97
N SER D 512 -3.78 -28.76 12.76
CA SER D 512 -4.29 -28.11 11.55
C SER D 512 -5.79 -28.06 11.45
N LYS D 513 -6.46 -29.19 11.65
CA LYS D 513 -7.91 -29.20 11.64
C LYS D 513 -8.46 -28.22 12.68
N GLU D 514 -7.94 -28.25 13.90
CA GLU D 514 -8.34 -27.31 14.98
C GLU D 514 -8.05 -25.88 14.61
N ALA D 515 -6.93 -25.59 13.97
CA ALA D 515 -6.60 -24.23 13.57
C ALA D 515 -7.70 -23.69 12.65
N GLU D 516 -8.12 -24.51 11.69
CA GLU D 516 -9.13 -24.10 10.72
C GLU D 516 -10.49 -24.01 11.37
N ASP D 517 -10.87 -24.99 12.18
CA ASP D 517 -12.12 -24.88 12.93
C ASP D 517 -12.18 -23.66 13.80
N MET D 518 -11.02 -23.27 14.34
CA MET D 518 -10.92 -22.13 15.22
C MET D 518 -11.17 -20.80 14.46
N MET D 519 -10.63 -20.68 13.25
CA MET D 519 -10.92 -19.58 12.38
C MET D 519 -12.43 -19.46 12.15
N THR D 520 -13.04 -20.61 11.79
CA THR D 520 -14.48 -20.64 11.59
C THR D 520 -15.24 -20.18 12.85
N ASP D 521 -14.84 -20.69 14.01
CA ASP D 521 -15.47 -20.30 15.27
C ASP D 521 -15.38 -18.76 15.50
N MET D 522 -14.24 -18.13 15.27
CA MET D 522 -14.13 -16.69 15.38
C MET D 522 -15.09 -15.99 14.40
N CYS D 523 -15.14 -16.43 13.16
CA CYS D 523 -16.09 -15.79 12.19
C CYS D 523 -17.52 -15.90 12.65
N VAL D 524 -17.89 -17.08 13.14
CA VAL D 524 -19.24 -17.29 13.72
C VAL D 524 -19.49 -16.49 14.99
N MET D 525 -18.61 -16.54 15.98
CA MET D 525 -18.85 -15.83 17.24
C MET D 525 -18.87 -14.29 17.04
N SER D 526 -17.91 -13.76 16.27
CA SER D 526 -17.76 -12.31 16.16
C SER D 526 -18.97 -11.62 15.53
N ALA D 527 -19.62 -12.36 14.65
CA ALA D 527 -20.82 -11.91 13.93
C ALA D 527 -21.95 -11.62 14.89
N LYS D 528 -21.91 -12.18 16.09
CA LYS D 528 -22.95 -11.91 17.09
C LYS D 528 -22.80 -10.50 17.68
N ILE D 529 -21.59 -9.94 17.59
CA ILE D 529 -21.28 -8.62 18.14
C ILE D 529 -21.27 -7.55 17.02
N GLY D 530 -20.73 -7.90 15.87
CA GLY D 530 -20.65 -6.94 14.77
C GLY D 530 -19.98 -7.53 13.55
N GLY D 531 -20.02 -6.77 12.45
CA GLY D 531 -19.33 -7.14 11.24
C GLY D 531 -17.88 -6.81 11.37
N PHE D 532 -17.06 -7.38 10.49
CA PHE D 532 -15.65 -7.10 10.46
C PHE D 532 -15.32 -5.63 10.12
N LEU D 533 -14.27 -5.13 10.74
CA LEU D 533 -13.65 -3.86 10.41
C LEU D 533 -12.79 -4.00 9.17
N PRO D 534 -13.07 -3.19 8.11
CA PRO D 534 -12.22 -3.23 6.88
C PRO D 534 -10.82 -2.91 7.30
N GLY D 535 -9.84 -3.65 6.84
CA GLY D 535 -8.49 -3.49 7.34
C GLY D 535 -8.11 -4.44 8.47
N SER D 536 -9.08 -5.05 9.15
CA SER D 536 -8.79 -6.11 10.11
C SER D 536 -9.68 -7.29 9.91
N LEU D 537 -9.62 -7.85 8.73
CA LEU D 537 -10.54 -8.88 8.36
C LEU D 537 -9.88 -10.19 8.95
N PRO D 538 -10.65 -11.27 9.08
CA PRO D 538 -10.20 -12.53 9.71
C PRO D 538 -9.03 -13.13 9.03
N GLN D 539 -7.96 -13.34 9.82
CA GLN D 539 -6.73 -13.82 9.24
C GLN D 539 -5.92 -14.61 10.26
N PHE D 540 -5.07 -15.51 9.77
CA PHE D 540 -4.00 -16.10 10.56
C PHE D 540 -2.85 -15.10 10.62
N MET D 541 -2.29 -14.93 11.80
CA MET D 541 -1.18 -14.06 12.01
C MET D 541 0.11 -14.83 11.72
N GLU D 542 1.14 -14.06 11.46
CA GLU D 542 2.44 -14.56 11.10
C GLU D 542 2.87 -15.51 12.17
N PRO D 543 3.36 -16.69 11.79
CA PRO D 543 3.70 -17.70 12.77
C PRO D 543 4.69 -17.16 13.85
N GLY D 544 4.38 -17.30 15.13
CA GLY D 544 5.24 -16.77 16.22
C GLY D 544 4.96 -15.38 16.73
N LEU D 545 4.17 -14.62 15.98
CA LEU D 545 3.84 -13.26 16.39
C LEU D 545 3.09 -13.27 17.73
N VAL D 546 2.32 -14.35 17.96
CA VAL D 546 1.66 -14.63 19.26
C VAL D 546 2.64 -14.72 20.44
N LEU D 547 3.89 -15.08 20.17
CA LEU D 547 4.94 -15.09 21.21
C LEU D 547 4.59 -16.01 22.45
N HIS D 548 4.15 -17.23 22.15
CA HIS D 548 3.79 -18.22 23.16
C HIS D 548 4.59 -19.48 22.93
N LEU D 549 5.79 -19.29 22.42
CA LEU D 549 6.68 -20.38 22.13
C LEU D 549 6.96 -21.22 23.39
N GLY D 550 6.74 -22.52 23.26
CA GLY D 550 6.98 -23.46 24.35
C GLY D 550 7.81 -24.65 23.93
N GLY D 551 8.23 -25.45 24.91
CA GLY D 551 8.80 -26.78 24.64
C GLY D 551 10.20 -26.86 24.12
N THR D 552 10.95 -25.76 24.20
CA THR D 552 12.33 -25.70 23.67
C THR D 552 13.33 -26.38 24.66
N HIS D 553 12.96 -26.45 25.95
CA HIS D 553 13.74 -27.24 26.94
C HIS D 553 12.82 -27.94 27.92
N ARG D 554 12.08 -28.90 27.37
CA ARG D 554 10.79 -29.28 27.93
C ARG D 554 10.90 -30.16 29.19
N MET D 555 9.86 -30.07 30.02
CA MET D 555 9.77 -30.77 31.32
C MET D 555 9.21 -32.14 31.10
N GLY D 556 9.71 -33.10 31.88
CA GLY D 556 9.09 -34.41 32.05
C GLY D 556 9.66 -35.21 33.23
N PHE D 557 9.08 -36.39 33.50
CA PHE D 557 9.55 -37.28 34.61
C PHE D 557 10.83 -38.03 34.24
N ASP D 558 10.86 -38.59 33.03
CA ASP D 558 12.00 -39.39 32.56
C ASP D 558 12.57 -38.80 31.28
N GLU D 559 13.83 -38.42 31.34
CA GLU D 559 14.53 -37.86 30.21
C GLU D 559 14.27 -38.61 28.89
N LYS D 560 14.47 -39.92 28.88
CA LYS D 560 14.36 -40.71 27.65
C LYS D 560 12.91 -40.99 27.22
N GLU D 561 12.08 -41.46 28.14
CA GLU D 561 10.70 -41.84 27.84
C GLU D 561 9.81 -40.65 27.50
N ASP D 562 10.05 -39.53 28.15
CA ASP D 562 9.24 -38.34 27.95
C ASP D 562 9.94 -37.32 27.04
N ASN D 563 11.06 -37.68 26.43
CA ASN D 563 11.89 -36.81 25.56
C ASN D 563 11.99 -35.38 26.06
N CYS D 564 12.78 -35.22 27.10
CA CYS D 564 12.76 -33.99 27.86
C CYS D 564 14.16 -33.66 28.38
N CYS D 565 14.19 -32.49 29.02
CA CYS D 565 15.40 -31.76 29.34
C CYS D 565 15.48 -31.40 30.81
N VAL D 566 14.35 -31.12 31.43
CA VAL D 566 14.29 -30.87 32.85
C VAL D 566 13.28 -31.81 33.50
N ASN D 567 13.46 -32.07 34.78
CA ASN D 567 12.45 -32.83 35.55
C ASN D 567 11.43 -31.87 36.17
N THR D 568 10.49 -32.40 37.00
CA THR D 568 9.41 -31.60 37.54
C THR D 568 9.79 -30.57 38.59
N ASP D 569 11.05 -30.60 39.01
CA ASP D 569 11.60 -29.52 39.81
C ASP D 569 12.34 -28.54 38.92
N SER D 570 12.20 -28.70 37.61
CA SER D 570 12.92 -27.84 36.64
C SER D 570 14.44 -27.96 36.69
N ARG D 571 14.96 -29.10 37.21
CA ARG D 571 16.40 -29.34 37.22
C ARG D 571 16.80 -30.05 35.90
N VAL D 572 17.89 -29.63 35.27
CA VAL D 572 18.40 -30.34 34.09
C VAL D 572 18.94 -31.73 34.47
N PHE D 573 18.45 -32.77 33.79
CA PHE D 573 18.84 -34.12 34.09
C PHE D 573 20.39 -34.24 34.13
N GLY D 574 20.87 -34.99 35.12
CA GLY D 574 22.30 -35.22 35.27
C GLY D 574 23.01 -34.12 36.03
N PHE D 575 22.41 -32.95 36.19
CA PHE D 575 23.15 -31.83 36.76
C PHE D 575 22.55 -31.43 38.07
N LYS D 576 23.32 -31.48 39.13
CA LYS D 576 22.81 -31.20 40.48
C LYS D 576 22.32 -29.77 40.72
N ASN D 577 22.94 -28.77 40.09
CA ASN D 577 22.74 -27.35 40.47
C ASN D 577 22.33 -26.42 39.32
N LEU D 578 21.72 -26.97 38.27
CA LEU D 578 21.32 -26.22 37.08
C LEU D 578 19.82 -26.33 36.88
N PHE D 579 19.16 -25.16 36.79
CA PHE D 579 17.72 -25.09 36.70
C PHE D 579 17.30 -24.16 35.57
N LEU D 580 16.26 -24.56 34.82
CA LEU D 580 15.71 -23.77 33.77
C LEU D 580 14.28 -23.36 34.11
N GLY D 581 13.96 -22.13 33.73
CA GLY D 581 12.69 -21.51 34.07
C GLY D 581 12.15 -20.85 32.84
N GLY D 582 10.83 -20.91 32.68
CA GLY D 582 10.13 -20.28 31.52
C GLY D 582 9.24 -21.20 30.71
N CYS D 583 8.59 -20.65 29.66
CA CYS D 583 7.67 -21.41 28.84
C CYS D 583 8.37 -22.51 28.05
N GLY D 584 9.65 -22.35 27.81
CA GLY D 584 10.47 -23.46 27.37
C GLY D 584 10.24 -24.78 28.08
N ASN D 585 9.89 -24.74 29.38
CA ASN D 585 9.60 -25.97 30.17
C ASN D 585 8.32 -26.69 29.75
N ILE D 586 7.30 -25.94 29.29
CA ILE D 586 5.99 -26.46 29.08
C ILE D 586 6.01 -27.45 27.91
N PRO D 587 5.66 -28.71 28.17
CA PRO D 587 5.80 -29.78 27.17
C PRO D 587 4.55 -30.20 26.39
N THR D 588 3.42 -29.64 26.75
CA THR D 588 2.17 -30.05 26.21
C THR D 588 1.71 -29.09 25.08
N ALA D 589 0.60 -29.44 24.44
CA ALA D 589 -0.11 -28.60 23.47
C ALA D 589 -1.07 -27.69 24.27
N TYR D 590 -0.80 -26.39 24.32
CA TYR D 590 -1.69 -25.46 25.05
C TYR D 590 -2.10 -24.30 24.17
N GLY D 591 -3.27 -23.78 24.48
CA GLY D 591 -3.88 -22.69 23.79
C GLY D 591 -3.78 -21.41 24.57
N ALA D 592 -3.95 -21.49 25.89
CA ALA D 592 -3.98 -20.34 26.77
C ALA D 592 -2.61 -19.66 26.92
N ASN D 593 -2.60 -18.44 27.40
CA ASN D 593 -1.37 -17.69 27.53
C ASN D 593 -0.54 -18.43 28.61
N PRO D 594 0.74 -18.75 28.34
CA PRO D 594 1.50 -19.69 29.19
C PRO D 594 2.26 -19.13 30.35
N THR D 595 2.33 -17.82 30.50
CA THR D 595 3.26 -17.27 31.50
C THR D 595 2.85 -17.65 32.93
N LEU D 596 1.56 -17.61 33.25
CA LEU D 596 1.13 -18.00 34.64
C LEU D 596 1.59 -19.45 35.03
N THR D 597 1.40 -20.36 34.08
CA THR D 597 1.85 -21.71 34.18
C THR D 597 3.36 -21.86 34.29
N ALA D 598 4.12 -21.12 33.51
CA ALA D 598 5.58 -21.21 33.65
C ALA D 598 6.02 -20.70 35.03
N MET D 599 5.30 -19.71 35.54
CA MET D 599 5.64 -19.15 36.87
C MET D 599 5.36 -20.20 38.00
N SER D 600 4.27 -20.94 37.83
CA SER D 600 3.82 -21.97 38.74
C SER D 600 4.91 -23.05 38.79
N LEU D 601 5.47 -23.44 37.64
CA LEU D 601 6.59 -24.36 37.63
C LEU D 601 7.79 -23.80 38.37
N ALA D 602 8.08 -22.52 38.16
CA ALA D 602 9.22 -21.83 38.79
C ALA D 602 9.13 -21.86 40.32
N ILE D 603 7.93 -21.61 40.86
CA ILE D 603 7.67 -21.74 42.30
C ILE D 603 7.97 -23.18 42.81
N LYS D 604 7.59 -24.18 42.01
CA LYS D 604 7.89 -25.54 42.36
C LYS D 604 9.41 -25.75 42.37
N SER D 605 10.10 -25.15 41.40
CA SER D 605 11.55 -25.28 41.34
C SER D 605 12.19 -24.68 42.56
N CYS D 606 11.66 -23.56 43.04
CA CYS D 606 12.25 -22.90 44.16
C CYS D 606 12.06 -23.78 45.42
N GLU D 607 10.99 -24.56 45.49
CA GLU D 607 10.79 -25.48 46.65
C GLU D 607 11.83 -26.60 46.68
N TYR D 608 12.15 -27.17 45.50
CA TYR D 608 13.30 -28.09 45.43
C TYR D 608 14.58 -27.40 45.86
N ILE D 609 14.82 -26.20 45.35
CA ILE D 609 16.08 -25.49 45.62
C ILE D 609 16.27 -25.18 47.13
N LYS D 610 15.19 -24.71 47.74
CA LYS D 610 15.24 -24.32 49.14
C LYS D 610 15.55 -25.49 50.04
N GLN D 611 15.07 -26.67 49.67
CA GLN D 611 15.30 -27.87 50.45
C GLN D 611 16.66 -28.52 50.23
N ASN D 612 17.35 -28.24 49.13
CA ASN D 612 18.59 -28.97 48.85
C ASN D 612 19.80 -28.08 48.72
N PHE D 613 19.65 -26.81 49.04
CA PHE D 613 20.80 -25.91 49.18
C PHE D 613 20.57 -25.06 50.40
N THR D 614 21.66 -24.55 50.94
CA THR D 614 21.68 -23.87 52.21
C THR D 614 22.10 -22.44 51.98
N PRO D 615 21.34 -21.46 52.48
CA PRO D 615 21.82 -20.09 52.29
C PRO D 615 23.15 -19.89 52.99
N SER D 616 24.04 -19.07 52.46
CA SER D 616 25.29 -18.83 53.17
C SER D 616 24.96 -17.83 54.26
N PRO D 617 25.83 -17.71 55.27
CA PRO D 617 25.44 -16.90 56.41
C PRO D 617 25.54 -15.42 56.07
N PHE D 618 24.54 -14.65 56.46
CA PHE D 618 24.64 -13.20 56.41
C PHE D 618 25.83 -12.72 57.24
PA FAD E . 4.40 -4.74 -33.08
O1A FAD E . 4.86 -5.30 -31.81
O2A FAD E . 3.52 -3.52 -33.12
O5B FAD E . 3.53 -5.78 -33.92
C5B FAD E . 4.09 -7.07 -34.19
C4B FAD E . 3.03 -8.08 -34.34
O4B FAD E . 3.33 -9.32 -34.86
C3B FAD E . 1.80 -8.13 -33.48
O3B FAD E . 0.70 -7.63 -34.10
C2B FAD E . 1.75 -9.52 -33.10
O2B FAD E . 0.58 -10.10 -32.69
C1B FAD E . 2.58 -10.23 -34.11
N9A FAD E . 3.18 -11.50 -33.87
C8A FAD E . 4.08 -11.60 -32.86
N7A FAD E . 4.58 -12.83 -32.98
C5A FAD E . 3.98 -13.47 -34.03
C6A FAD E . 4.13 -14.76 -34.56
N6A FAD E . 4.93 -15.72 -34.10
N1A FAD E . 3.35 -15.09 -35.61
C2A FAD E . 2.50 -14.18 -36.21
N3A FAD E . 2.41 -12.93 -35.73
C4A FAD E . 3.12 -12.60 -34.65
N1 FAD E . 6.79 3.94 -30.10
C2 FAD E . 6.95 5.08 -30.74
O2 FAD E . 7.86 5.31 -31.54
N3 FAD E . 6.31 6.11 -30.11
C4 FAD E . 5.50 6.16 -29.02
O4 FAD E . 4.86 7.17 -28.63
C4X FAD E . 5.24 4.82 -28.50
N5 FAD E . 4.37 4.67 -27.49
C5X FAD E . 4.10 3.42 -26.98
C6 FAD E . 3.11 3.27 -25.94
C7 FAD E . 2.57 2.02 -25.69
C7M FAD E . 1.66 1.81 -24.51
C8 FAD E . 3.11 0.88 -26.28
C8M FAD E . 2.37 -0.43 -26.02
C9 FAD E . 4.09 1.01 -27.28
C9A FAD E . 4.63 2.28 -27.64
N10 FAD E . 5.58 2.42 -28.64
C10 FAD E . 5.90 3.70 -29.07
C1' FAD E . 6.20 1.18 -29.28
C2' FAD E . 5.59 0.96 -30.67
O2' FAD E . 4.23 0.63 -30.45
C3' FAD E . 6.35 -0.17 -31.37
O3' FAD E . 7.69 0.18 -31.56
C4' FAD E . 5.74 -0.56 -32.71
O4' FAD E . 4.37 -0.95 -32.60
C5' FAD E . 6.52 -1.72 -33.26
O5' FAD E . 5.98 -2.06 -34.51
P FAD E . 6.17 -3.51 -35.22
O1P FAD E . 5.24 -3.56 -36.38
O2P FAD E . 7.62 -3.89 -35.35
O3P FAD E . 5.78 -4.49 -33.97
C1 2FG F . 6.97 5.50 -25.26
O1 2FG F . 7.28 5.48 -26.63
C2 2FG F . 6.07 6.67 -24.98
F2 2FG F . 6.51 7.81 -25.57
C3 2FG F . 6.03 6.83 -23.46
O3 2FG F . 5.29 7.99 -23.17
C4 2FG F . 5.53 5.56 -22.82
O4 2FG F . 4.20 5.45 -23.22
C5 2FG F . 6.35 4.34 -23.29
O5 2FG F . 6.36 4.33 -24.71
C6 2FG F . 5.79 3.03 -22.76
O6 2FG F . 5.91 3.12 -21.33
O16 12P G . 19.51 -20.75 -13.02
C15 12P G . 19.43 -19.36 -13.25
C14 12P G . 18.00 -18.92 -12.93
O13 12P G . 18.05 -18.09 -11.80
C12 12P G . 16.93 -18.11 -10.92
C11 12P G . 17.39 -17.71 -9.52
O10 12P G . 18.22 -16.53 -9.57
C9 12P G . 18.30 -15.88 -8.28
C8 12P G . 19.48 -14.89 -8.18
O7 12P G . 20.51 -15.17 -9.13
C6 12P G . 21.53 -14.17 -9.30
C5 12P G . 22.67 -14.80 -10.10
O4 12P G . 23.18 -15.99 -9.48
C3 12P G . 24.52 -16.33 -9.91
C2 12P G . 25.15 -17.40 -8.97
O1 12P G . 25.99 -16.83 -7.93
O1 MES H . 4.88 -18.62 0.20
C2 MES H . 4.67 -19.97 0.73
C3 MES H . 5.08 -21.06 -0.30
N4 MES H . 4.46 -20.82 -1.65
C5 MES H . 4.70 -19.41 -2.06
C6 MES H . 4.14 -18.46 -1.00
C7 MES H . 4.98 -21.77 -2.71
C8 MES H . 4.07 -21.83 -3.95
S MES H . 2.52 -22.39 -3.59
O1S MES H . 2.52 -23.77 -2.97
O2S MES H . 1.56 -22.60 -4.69
O3S MES H . 2.00 -21.37 -2.64
PA FAD I . -26.26 -2.60 -20.78
O1A FAD I . -25.73 -1.75 -19.68
O2A FAD I . -25.54 -3.89 -21.13
O5B FAD I . -26.28 -1.90 -22.20
C5B FAD I . -26.90 -0.62 -22.31
C4B FAD I . -26.39 0.24 -23.44
O4B FAD I . -27.03 1.44 -23.85
C3B FAD I . -24.93 0.42 -23.71
O3B FAD I . -24.37 -0.24 -24.75
C2B FAD I . -24.70 1.83 -23.79
O2B FAD I . -23.58 2.23 -24.51
C1B FAD I . -26.06 2.38 -24.14
N9A FAD I . -26.47 3.72 -23.82
C8A FAD I . -26.44 4.14 -22.56
N7A FAD I . -26.98 5.38 -22.58
C5A FAD I . -27.28 5.69 -23.84
C6A FAD I . -27.84 6.84 -24.38
N6A FAD I . -28.17 7.92 -23.63
N1A FAD I . -28.04 6.80 -25.73
C2A FAD I . -27.72 5.73 -26.50
N3A FAD I . -27.19 4.59 -25.93
C4A FAD I . -27.01 4.60 -24.64
N1 FAD I . -25.30 -10.17 -15.32
C2 FAD I . -25.79 -11.33 -14.93
O2 FAD I . -27.00 -11.55 -15.11
N3 FAD I . -24.80 -12.26 -14.96
C4 FAD I . -23.48 -12.13 -14.62
O4 FAD I . -22.64 -13.03 -14.74
C4X FAD I . -23.03 -10.78 -14.96
N5 FAD I . -21.77 -10.47 -14.68
C5X FAD I . -21.30 -9.23 -14.93
C6 FAD I . -19.86 -8.97 -14.90
C7 FAD I . -19.37 -7.69 -15.20
C7M FAD I . -17.83 -7.52 -15.31
C8 FAD I . -20.28 -6.68 -15.58
C8M FAD I . -19.78 -5.37 -16.19
C9 FAD I . -21.67 -6.96 -15.63
C9A FAD I . -22.21 -8.21 -15.27
N10 FAD I . -23.60 -8.49 -15.31
C10 FAD I . -24.02 -9.77 -15.02
C1' FAD I . -24.60 -7.46 -15.66
C2' FAD I . -25.03 -7.50 -17.10
O2' FAD I . -23.91 -7.26 -17.93
C3' FAD I . -26.11 -6.48 -17.21
O3' FAD I . -27.22 -6.75 -16.34
C4' FAD I . -26.62 -6.46 -18.63
O4' FAD I . -25.64 -6.18 -19.61
C5' FAD I . -27.72 -5.42 -18.81
O5' FAD I . -28.07 -5.31 -20.15
P FAD I . -28.89 -4.09 -20.77
O1P FAD I . -28.97 -4.39 -22.25
O2P FAD I . -30.04 -3.62 -19.90
O3P FAD I . -27.87 -2.89 -20.55
C1 2FG J . -22.02 -10.49 -11.27
O1 2FG J . -23.19 -10.74 -12.02
C2 2FG J . -21.13 -11.68 -11.44
F2 2FG J . -21.84 -12.81 -11.20
C3 2FG J . -20.01 -11.58 -10.40
O3 2FG J . -19.19 -12.73 -10.50
C4 2FG J . -19.26 -10.26 -10.62
O4 2FG J . -18.54 -10.41 -11.83
C5 2FG J . -20.24 -9.06 -10.65
O5 2FG J . -21.31 -9.29 -11.56
C6 2FG J . -19.55 -7.70 -10.85
O6 2FG J . -18.83 -7.46 -9.64
O16 12P K . -24.89 19.04 0.09
C15 12P K . -24.95 17.63 -0.01
C14 12P K . -23.65 17.06 -0.55
O13 12P K . -23.00 16.32 0.48
C12 12P K . -21.58 16.44 0.52
C11 12P K . -21.05 16.42 1.97
O10 12P K . -20.81 15.08 2.39
C9 12P K . -20.30 14.92 3.70
C8 12P K . -21.09 13.82 4.44
O7 12P K . -22.33 14.39 4.91
C6 12P K . -23.15 13.55 5.74
C5 12P K . -24.61 13.99 5.65
O4 12P K . -24.77 15.21 6.37
C3 12P K . -26.07 15.82 6.29
C2 12P K . -26.00 17.27 6.79
O1 12P K . -25.70 17.29 8.21
O16 12P L . -14.35 25.35 10.77
C15 12P L . -13.08 25.39 10.17
C14 12P L . -12.62 23.95 10.22
O13 12P L . -12.96 23.33 8.98
C12 12P L . -13.13 21.91 9.03
C11 12P L . -13.28 21.31 7.64
O10 12P L . -12.68 22.14 6.60
C9 12P L . -12.44 21.47 5.36
C8 12P L . -11.57 22.37 4.48
O7 12P L . -12.10 23.69 4.41
C6 12P L . -11.28 24.58 3.64
C5 12P L . -11.25 25.93 4.35
O4 12P L . -12.34 26.74 3.96
C3 12P L . -12.58 27.76 4.93
C2 12P L . -13.83 28.50 4.50
O1 12P L . -13.97 28.37 3.07
O1 MES M . 51.30 11.24 -0.50
C2 MES M . 51.54 11.14 0.93
C3 MES M . 50.74 9.98 1.55
N4 MES M . 49.28 10.05 1.20
C5 MES M . 49.11 10.18 -0.30
C6 MES M . 49.92 11.35 -0.89
C7 MES M . 48.55 8.86 1.77
C8 MES M . 47.01 8.94 1.56
S MES M . 46.08 10.10 2.36
O1S MES M . 46.06 9.85 3.83
O2S MES M . 44.66 10.01 1.89
O3S MES M . 46.52 11.49 2.23
PA FAD N . 10.87 20.07 24.98
O1A FAD N . 9.61 19.86 24.18
O2A FAD N . 12.03 19.12 24.85
O5B FAD N . 10.46 19.88 26.47
C5B FAD N . 9.36 20.54 26.98
C4B FAD N . 8.80 19.82 28.18
O4B FAD N . 7.82 20.49 28.91
C3B FAD N . 8.58 18.38 28.29
O3B FAD N . 9.36 17.53 29.03
C2B FAD N . 7.12 18.29 28.60
O2B FAD N . 6.50 17.15 29.08
C1B FAD N . 6.77 19.58 29.20
N9A FAD N . 5.47 20.11 29.41
C8A FAD N . 4.74 20.41 28.32
N7A FAD N . 3.63 21.02 28.77
C5A FAD N . 3.65 21.12 30.12
C6A FAD N . 2.75 21.65 31.06
N6A FAD N . 1.57 22.25 30.81
N1A FAD N . 3.11 21.59 32.35
C2A FAD N . 4.28 21.01 32.74
N3A FAD N . 5.13 20.49 31.82
C4A FAD N . 4.86 20.58 30.54
N1 FAD N . 16.55 19.82 17.59
C2 FAD N . 17.85 20.10 17.39
O2 FAD N . 18.28 21.24 17.47
N3 FAD N . 18.47 19.14 16.67
C4 FAD N . 18.26 17.85 16.40
O4 FAD N . 19.06 17.15 15.77
C4X FAD N . 16.84 17.65 16.65
N5 FAD N . 16.38 16.45 16.34
C5X FAD N . 15.14 16.11 16.76
C6 FAD N . 14.60 14.84 16.40
C7 FAD N . 13.42 14.33 17.00
C7M FAD N . 12.96 12.91 16.74
C8 FAD N . 12.78 15.13 17.94
C8M FAD N . 11.49 14.53 18.58
C9 FAD N . 13.11 16.47 18.01
C9A FAD N . 14.37 16.94 17.57
N10 FAD N . 14.80 18.27 17.73
C10 FAD N . 16.08 18.58 17.37
C1' FAD N . 14.05 19.31 18.46
C2' FAD N . 14.50 19.43 19.93
O2' FAD N . 14.25 18.14 20.53
C3' FAD N . 13.67 20.49 20.60
O3' FAD N . 13.89 21.71 19.92
C4' FAD N . 14.06 20.62 22.08
O4' FAD N . 13.91 19.40 22.83
C5' FAD N . 13.21 21.68 22.74
O5' FAD N . 13.62 21.82 24.08
P FAD N . 12.57 22.46 25.15
O1P FAD N . 13.14 22.23 26.48
O2P FAD N . 12.22 23.84 24.75
O3P FAD N . 11.19 21.62 24.95
C1 2FG O . 15.73 17.60 13.02
O1 2FG O . 16.25 18.41 14.04
C2 2FG O . 16.72 16.52 12.65
F2 2FG O . 17.85 17.11 12.23
C3 2FG O . 16.22 15.76 11.45
O3 2FG O . 17.19 14.83 11.08
C4 2FG O . 14.89 15.12 11.85
O4 2FG O . 15.14 14.17 12.86
C5 2FG O . 13.89 16.19 12.42
O5 2FG O . 14.49 17.02 13.41
C6 2FG O . 12.58 15.59 12.96
O6 2FG O . 11.88 15.07 11.84
PA FAD P . 11.31 -12.78 29.20
O1A FAD P . 11.75 -13.03 27.77
O2A FAD P . 10.17 -11.87 29.71
O5B FAD P . 12.58 -12.21 30.00
C5B FAD P . 13.76 -12.91 29.67
C4B FAD P . 14.92 -11.97 29.80
O4B FAD P . 16.16 -12.49 29.99
C3B FAD P . 15.01 -10.56 29.27
O3B FAD P . 14.98 -9.48 30.14
C2B FAD P . 16.27 -10.58 28.53
O2B FAD P . 16.86 -9.40 28.18
C1B FAD P . 17.01 -11.73 29.16
N9A FAD P . 18.14 -12.36 28.55
C8A FAD P . 17.94 -13.02 27.44
N7A FAD P . 19.10 -13.58 27.08
C5A FAD P . 20.03 -13.27 28.02
C6A FAD P . 21.35 -13.64 28.11
N6A FAD P . 22.06 -14.41 27.22
N1A FAD P . 21.96 -13.16 29.24
C2A FAD P . 21.35 -12.37 30.17
N3A FAD P . 20.03 -12.03 30.07
C4A FAD P . 19.39 -12.49 28.99
N1 FAD P . 2.00 -13.77 28.08
C2 FAD P . 1.03 -13.94 28.98
O2 FAD P . 0.88 -15.04 29.50
N3 FAD P . -0.11 -13.28 28.71
C4 FAD P . -0.23 -12.22 27.92
O4 FAD P . -1.17 -11.44 28.03
C4X FAD P . 0.92 -11.82 27.11
N5 FAD P . 1.00 -10.71 26.40
C5X FAD P . 2.11 -10.49 25.65
C6 FAD P . 2.14 -9.39 24.75
C7 FAD P . 3.37 -8.84 24.38
C7M FAD P . 3.31 -7.57 23.57
C8 FAD P . 4.51 -9.62 24.43
C8M FAD P . 5.87 -9.07 23.98
C9 FAD P . 4.45 -10.79 25.22
C9A FAD P . 3.28 -11.15 25.91
N10 FAD P . 3.20 -12.32 26.63
C10 FAD P . 2.00 -12.72 27.20
C1' FAD P . 4.36 -13.23 26.88
C2' FAD P . 5.14 -12.99 28.14
O2' FAD P . 5.59 -11.63 28.19
C3' FAD P . 6.34 -13.95 28.24
O3' FAD P . 5.94 -15.28 28.22
C4' FAD P . 7.10 -13.70 29.56
O4' FAD P . 7.49 -12.36 29.64
C5' FAD P . 8.23 -14.71 29.77
O5' FAD P . 8.96 -14.34 30.89
P FAD P . 10.43 -14.90 31.05
O1P FAD P . 10.91 -14.31 32.31
O2P FAD P . 10.59 -16.40 30.73
O3P FAD P . 11.24 -14.28 29.78
C1 2FG Q . -0.63 -12.80 23.82
O1 2FG Q . -0.29 -13.24 25.10
C2 2FG Q . -1.77 -11.80 24.00
F2 2FG Q . -2.71 -12.42 24.78
C3 2FG Q . -2.30 -11.31 22.63
O3 2FG Q . -3.30 -10.37 22.96
C4 2FG Q . -1.07 -10.71 21.90
O4 2FG Q . -0.62 -9.57 22.62
C5 2FG Q . 0.16 -11.70 21.88
O5 2FG Q . 0.47 -12.16 23.19
C6 2FG Q . 1.45 -11.18 21.20
O6 2FG Q . 1.05 -10.95 19.85
O16 12P R . 19.79 -23.92 2.99
C15 12P R . 18.88 -23.41 3.95
C14 12P R . 18.51 -22.00 3.53
O13 12P R . 17.43 -22.00 2.61
C12 12P R . 17.17 -20.68 2.06
C11 12P R . 16.49 -20.84 0.69
O10 12P R . 15.05 -20.76 0.76
C9 12P R . 14.30 -21.09 -0.42
C8 12P R . 13.18 -22.07 -0.03
O7 12P R . 13.72 -23.40 0.11
C6 12P R . 12.75 -24.39 0.49
C5 12P R . 13.48 -25.68 0.93
O4 12P R . 14.23 -26.21 -0.14
#